data_7MLD
# 
_entry.id   7MLD 
# 
_audit_conform.dict_name       mmcif_pdbx.dic 
_audit_conform.dict_version    5.398 
_audit_conform.dict_location   http://mmcif.pdb.org/dictionaries/ascii/mmcif_pdbx.dic 
# 
loop_
_database_2.database_id 
_database_2.database_code 
_database_2.pdbx_database_accession 
_database_2.pdbx_DOI 
PDB   7MLD         pdb_00007mld 10.2210/pdb7mld/pdb 
WWPDB D_1000256459 ?            ?                   
# 
loop_
_pdbx_audit_revision_history.ordinal 
_pdbx_audit_revision_history.data_content_type 
_pdbx_audit_revision_history.major_revision 
_pdbx_audit_revision_history.minor_revision 
_pdbx_audit_revision_history.revision_date 
1 'Structure model' 1 0 2021-09-29 
2 'Structure model' 1 1 2023-10-18 
3 'Structure model' 1 2 2024-11-13 
# 
_pdbx_audit_revision_details.ordinal             1 
_pdbx_audit_revision_details.revision_ordinal    1 
_pdbx_audit_revision_details.data_content_type   'Structure model' 
_pdbx_audit_revision_details.provider            repository 
_pdbx_audit_revision_details.type                'Initial release' 
_pdbx_audit_revision_details.description         ? 
_pdbx_audit_revision_details.details             ? 
# 
loop_
_pdbx_audit_revision_group.ordinal 
_pdbx_audit_revision_group.revision_ordinal 
_pdbx_audit_revision_group.data_content_type 
_pdbx_audit_revision_group.group 
1 2 'Structure model' 'Data collection'        
2 2 'Structure model' 'Refinement description' 
3 3 'Structure model' 'Structure summary'      
# 
loop_
_pdbx_audit_revision_category.ordinal 
_pdbx_audit_revision_category.revision_ordinal 
_pdbx_audit_revision_category.data_content_type 
_pdbx_audit_revision_category.category 
1 2 'Structure model' chem_comp_atom                
2 2 'Structure model' chem_comp_bond                
3 2 'Structure model' pdbx_initial_refinement_model 
4 3 'Structure model' pdbx_entry_details            
5 3 'Structure model' pdbx_modification_feature     
# 
_pdbx_audit_revision_item.ordinal             1 
_pdbx_audit_revision_item.revision_ordinal    3 
_pdbx_audit_revision_item.data_content_type   'Structure model' 
_pdbx_audit_revision_item.item                '_pdbx_entry_details.has_protein_modification' 
# 
_pdbx_database_status.status_code                     REL 
_pdbx_database_status.status_code_sf                  REL 
_pdbx_database_status.status_code_mr                  ? 
_pdbx_database_status.entry_id                        7MLD 
_pdbx_database_status.recvd_initial_deposition_date   2021-04-28 
_pdbx_database_status.SG_entry                        N 
_pdbx_database_status.deposit_site                    RCSB 
_pdbx_database_status.process_site                    RCSB 
_pdbx_database_status.status_code_cs                  ? 
_pdbx_database_status.status_code_nmr_data            ? 
_pdbx_database_status.methods_development_category    ? 
_pdbx_database_status.pdb_format_compatible           Y 
# 
loop_
_audit_author.name 
_audit_author.pdbx_ordinal 
_audit_author.identifier_ORCID 
'Peterson, F.C.' 1 0000-0001-9890-4224 
'Vaidya, A.S.'   2 0000-0002-4120-1744 
'Volkman, B.F.'  3 0000-0002-6681-5179 
'Cutler, S.R.'   4 0000-0002-8593-0885 
# 
_citation.abstract                  ? 
_citation.abstract_id_CAS           ? 
_citation.book_id_ISBN              ? 
_citation.book_publisher            ? 
_citation.book_publisher_city       ? 
_citation.book_title                ? 
_citation.coordinate_linkage        ? 
_citation.country                   US 
_citation.database_id_Medline       ? 
_citation.details                   ? 
_citation.id                        primary 
_citation.journal_abbrev            Proc.Natl.Acad.Sci.USA 
_citation.journal_id_ASTM           PNASA6 
_citation.journal_id_CSD            0040 
_citation.journal_id_ISSN           1091-6490 
_citation.journal_full              ? 
_citation.journal_issue             ? 
_citation.journal_volume            118 
_citation.language                  ? 
_citation.page_first                ? 
_citation.page_last                 ? 
_citation.title                     'Click-to-lead design of a picomolar ABA receptor antagonist with potent activity in vivo.' 
_citation.year                      2021 
_citation.database_id_CSD           ? 
_citation.pdbx_database_id_DOI      10.1073/pnas.2108281118 
_citation.pdbx_database_id_PubMed   34531324 
_citation.pdbx_database_id_patent   ? 
_citation.unpublished_flag          ? 
# 
loop_
_citation_author.citation_id 
_citation_author.name 
_citation_author.ordinal 
_citation_author.identifier_ORCID 
primary 'Vaidya, A.S.'   1  ?                   
primary 'Peterson, F.C.' 2  ?                   
primary 'Eckhardt, J.'   3  ?                   
primary 'Xing, Z.'       4  ?                   
primary 'Park, S.Y.'     5  0000-0002-9651-9792 
primary 'Dejonghe, W.'   6  ?                   
primary 'Takeuchi, J.'   7  0000-0003-3049-8965 
primary 'Pri-Tal, O.'    8  ?                   
primary 'Faria, J.'      9  ?                   
primary 'Elzinga, D.'    10 ?                   
primary 'Volkman, B.F.'  11 ?                   
primary 'Todoroki, Y.'   12 ?                   
primary 'Mosquna, A.'    13 ?                   
primary 'Okamoto, M.'    14 0000-0002-1743-0408 
primary 'Cutler, S.R.'   15 ?                   
# 
loop_
_entity.id 
_entity.type 
_entity.src_method 
_entity.pdbx_description 
_entity.formula_weight 
_entity.pdbx_number_of_molecules 
_entity.pdbx_ec 
_entity.pdbx_mutation 
_entity.pdbx_fragment 
_entity.details 
1 polymer     man 'Abscisic acid receptor PYL10' 17747.307 1   ? ? ? ? 
2 non-polymer syn antabactin                     610.678   1   ? ? ? ? 
3 non-polymer syn 'CITRIC ACID'                  192.124   1   ? ? ? ? 
4 water       nat water                          18.015    201 ? ? ? ? 
# 
_entity_name_com.entity_id   1 
_entity_name_com.name        'ABI1-binding protein 8,PYR1-like protein 10,Regulatory components of ABA receptor 4' 
# 
_entity_poly.entity_id                      1 
_entity_poly.type                           'polypeptide(L)' 
_entity_poly.nstd_linkage                   no 
_entity_poly.nstd_monomer                   no 
_entity_poly.pdbx_seq_one_letter_code       
;SQCSSTLVKHIKAPLHLVWSIVRRFDEPQKYKPFISRCVVQGKKLEVGSVREVDLKSGLPATKSTEVLEILDDNEHILGI
RIVGGDHRLKNYSSTISLHSETIDGKTGTLAIESFVVDVPEGNTKEETCFFVEALIQCNLNSLADVTERLQAESMEKKI
;
_entity_poly.pdbx_seq_one_letter_code_can   
;SQCSSTLVKHIKAPLHLVWSIVRRFDEPQKYKPFISRCVVQGKKLEVGSVREVDLKSGLPATKSTEVLEILDDNEHILGI
RIVGGDHRLKNYSSTISLHSETIDGKTGTLAIESFVVDVPEGNTKEETCFFVEALIQCNLNSLADVTERLQAESMEKKI
;
_entity_poly.pdbx_strand_id                 A 
_entity_poly.pdbx_target_identifier         ? 
# 
loop_
_pdbx_entity_nonpoly.entity_id 
_pdbx_entity_nonpoly.name 
_pdbx_entity_nonpoly.comp_id 
2 antabactin    ZLG 
3 'CITRIC ACID' CIT 
4 water         HOH 
# 
loop_
_entity_poly_seq.entity_id 
_entity_poly_seq.num 
_entity_poly_seq.mon_id 
_entity_poly_seq.hetero 
1 1   SER n 
1 2   GLN n 
1 3   CYS n 
1 4   SER n 
1 5   SER n 
1 6   THR n 
1 7   LEU n 
1 8   VAL n 
1 9   LYS n 
1 10  HIS n 
1 11  ILE n 
1 12  LYS n 
1 13  ALA n 
1 14  PRO n 
1 15  LEU n 
1 16  HIS n 
1 17  LEU n 
1 18  VAL n 
1 19  TRP n 
1 20  SER n 
1 21  ILE n 
1 22  VAL n 
1 23  ARG n 
1 24  ARG n 
1 25  PHE n 
1 26  ASP n 
1 27  GLU n 
1 28  PRO n 
1 29  GLN n 
1 30  LYS n 
1 31  TYR n 
1 32  LYS n 
1 33  PRO n 
1 34  PHE n 
1 35  ILE n 
1 36  SER n 
1 37  ARG n 
1 38  CYS n 
1 39  VAL n 
1 40  VAL n 
1 41  GLN n 
1 42  GLY n 
1 43  LYS n 
1 44  LYS n 
1 45  LEU n 
1 46  GLU n 
1 47  VAL n 
1 48  GLY n 
1 49  SER n 
1 50  VAL n 
1 51  ARG n 
1 52  GLU n 
1 53  VAL n 
1 54  ASP n 
1 55  LEU n 
1 56  LYS n 
1 57  SER n 
1 58  GLY n 
1 59  LEU n 
1 60  PRO n 
1 61  ALA n 
1 62  THR n 
1 63  LYS n 
1 64  SER n 
1 65  THR n 
1 66  GLU n 
1 67  VAL n 
1 68  LEU n 
1 69  GLU n 
1 70  ILE n 
1 71  LEU n 
1 72  ASP n 
1 73  ASP n 
1 74  ASN n 
1 75  GLU n 
1 76  HIS n 
1 77  ILE n 
1 78  LEU n 
1 79  GLY n 
1 80  ILE n 
1 81  ARG n 
1 82  ILE n 
1 83  VAL n 
1 84  GLY n 
1 85  GLY n 
1 86  ASP n 
1 87  HIS n 
1 88  ARG n 
1 89  LEU n 
1 90  LYS n 
1 91  ASN n 
1 92  TYR n 
1 93  SER n 
1 94  SER n 
1 95  THR n 
1 96  ILE n 
1 97  SER n 
1 98  LEU n 
1 99  HIS n 
1 100 SER n 
1 101 GLU n 
1 102 THR n 
1 103 ILE n 
1 104 ASP n 
1 105 GLY n 
1 106 LYS n 
1 107 THR n 
1 108 GLY n 
1 109 THR n 
1 110 LEU n 
1 111 ALA n 
1 112 ILE n 
1 113 GLU n 
1 114 SER n 
1 115 PHE n 
1 116 VAL n 
1 117 VAL n 
1 118 ASP n 
1 119 VAL n 
1 120 PRO n 
1 121 GLU n 
1 122 GLY n 
1 123 ASN n 
1 124 THR n 
1 125 LYS n 
1 126 GLU n 
1 127 GLU n 
1 128 THR n 
1 129 CYS n 
1 130 PHE n 
1 131 PHE n 
1 132 VAL n 
1 133 GLU n 
1 134 ALA n 
1 135 LEU n 
1 136 ILE n 
1 137 GLN n 
1 138 CYS n 
1 139 ASN n 
1 140 LEU n 
1 141 ASN n 
1 142 SER n 
1 143 LEU n 
1 144 ALA n 
1 145 ASP n 
1 146 VAL n 
1 147 THR n 
1 148 GLU n 
1 149 ARG n 
1 150 LEU n 
1 151 GLN n 
1 152 ALA n 
1 153 GLU n 
1 154 SER n 
1 155 MET n 
1 156 GLU n 
1 157 LYS n 
1 158 LYS n 
1 159 ILE n 
# 
_entity_src_gen.entity_id                          1 
_entity_src_gen.pdbx_src_id                        1 
_entity_src_gen.pdbx_alt_source_flag               sample 
_entity_src_gen.pdbx_seq_type                      'Biological sequence' 
_entity_src_gen.pdbx_beg_seq_num                   1 
_entity_src_gen.pdbx_end_seq_num                   159 
_entity_src_gen.gene_src_common_name               'Mouse-ear cress' 
_entity_src_gen.gene_src_genus                     ? 
_entity_src_gen.pdbx_gene_src_gene                 'PYL10, RCAR4, At4g27920, T13J8.30' 
_entity_src_gen.gene_src_species                   ? 
_entity_src_gen.gene_src_strain                    ? 
_entity_src_gen.gene_src_tissue                    ? 
_entity_src_gen.gene_src_tissue_fraction           ? 
_entity_src_gen.gene_src_details                   ? 
_entity_src_gen.pdbx_gene_src_fragment             ? 
_entity_src_gen.pdbx_gene_src_scientific_name      'Arabidopsis thaliana' 
_entity_src_gen.pdbx_gene_src_ncbi_taxonomy_id     3702 
_entity_src_gen.pdbx_gene_src_variant              ? 
_entity_src_gen.pdbx_gene_src_cell_line            ? 
_entity_src_gen.pdbx_gene_src_atcc                 ? 
_entity_src_gen.pdbx_gene_src_organ                ? 
_entity_src_gen.pdbx_gene_src_organelle            ? 
_entity_src_gen.pdbx_gene_src_cell                 ? 
_entity_src_gen.pdbx_gene_src_cellular_location    ? 
_entity_src_gen.host_org_common_name               ? 
_entity_src_gen.pdbx_host_org_scientific_name      'Escherichia coli BL21(DE3)' 
_entity_src_gen.pdbx_host_org_ncbi_taxonomy_id     469008 
_entity_src_gen.host_org_genus                     ? 
_entity_src_gen.pdbx_host_org_gene                 ? 
_entity_src_gen.pdbx_host_org_organ                ? 
_entity_src_gen.host_org_species                   ? 
_entity_src_gen.pdbx_host_org_tissue               ? 
_entity_src_gen.pdbx_host_org_tissue_fraction      ? 
_entity_src_gen.pdbx_host_org_strain               ? 
_entity_src_gen.pdbx_host_org_variant              ? 
_entity_src_gen.pdbx_host_org_cell_line            ? 
_entity_src_gen.pdbx_host_org_atcc                 ? 
_entity_src_gen.pdbx_host_org_culture_collection   ? 
_entity_src_gen.pdbx_host_org_cell                 ? 
_entity_src_gen.pdbx_host_org_organelle            ? 
_entity_src_gen.pdbx_host_org_cellular_location    ? 
_entity_src_gen.pdbx_host_org_vector_type          ? 
_entity_src_gen.pdbx_host_org_vector               ? 
_entity_src_gen.host_org_details                   ? 
_entity_src_gen.expression_system_id               ? 
_entity_src_gen.plasmid_name                       ? 
_entity_src_gen.plasmid_details                    ? 
_entity_src_gen.pdbx_description                   ? 
# 
loop_
_chem_comp.id 
_chem_comp.type 
_chem_comp.mon_nstd_flag 
_chem_comp.name 
_chem_comp.pdbx_synonyms 
_chem_comp.formula 
_chem_comp.formula_weight 
ALA 'L-peptide linking' y ALANINE         ? 'C3 H7 N O2'      89.093  
ARG 'L-peptide linking' y ARGININE        ? 'C6 H15 N4 O2 1'  175.209 
ASN 'L-peptide linking' y ASPARAGINE      ? 'C4 H8 N2 O3'     132.118 
ASP 'L-peptide linking' y 'ASPARTIC ACID' ? 'C4 H7 N O4'      133.103 
CIT non-polymer         . 'CITRIC ACID'   ? 'C6 H8 O7'        192.124 
CYS 'L-peptide linking' y CYSTEINE        ? 'C3 H7 N O2 S'    121.158 
GLN 'L-peptide linking' y GLUTAMINE       ? 'C5 H10 N2 O3'    146.144 
GLU 'L-peptide linking' y 'GLUTAMIC ACID' ? 'C5 H9 N O4'      147.129 
GLY 'peptide linking'   y GLYCINE         ? 'C2 H5 N O2'      75.067  
HIS 'L-peptide linking' y HISTIDINE       ? 'C6 H10 N3 O2 1'  156.162 
HOH non-polymer         . WATER           ? 'H2 O'            18.015  
ILE 'L-peptide linking' y ISOLEUCINE      ? 'C6 H13 N O2'     131.173 
LEU 'L-peptide linking' y LEUCINE         ? 'C6 H13 N O2'     131.173 
LYS 'L-peptide linking' y LYSINE          ? 'C6 H15 N2 O2 1'  147.195 
MET 'L-peptide linking' y METHIONINE      ? 'C5 H11 N O2 S'   149.211 
PHE 'L-peptide linking' y PHENYLALANINE   ? 'C9 H11 N O2'     165.189 
PRO 'L-peptide linking' y PROLINE         ? 'C5 H9 N O2'      115.130 
SER 'L-peptide linking' y SERINE          ? 'C3 H7 N O3'      105.093 
THR 'L-peptide linking' y THREONINE       ? 'C4 H9 N O3'      119.119 
TRP 'L-peptide linking' y TRYPTOPHAN      ? 'C11 H12 N2 O2'   204.225 
TYR 'L-peptide linking' y TYROSINE        ? 'C9 H11 N O3'     181.189 
VAL 'L-peptide linking' y VALINE          ? 'C5 H11 N O2'     117.146 
ZLG non-polymer         . antabactin      
;1-{2-[3,5-dicyclopropyl-4-(4-{[(6-fluoroquinoline-2-carbonyl)amino]methyl}-1H-1,2,3-triazol-1-yl)phenyl]acetamido}cyclohexane-1-carboxylic acid
;
'C34 H35 F N6 O4' 610.678 
# 
loop_
_pdbx_poly_seq_scheme.asym_id 
_pdbx_poly_seq_scheme.entity_id 
_pdbx_poly_seq_scheme.seq_id 
_pdbx_poly_seq_scheme.mon_id 
_pdbx_poly_seq_scheme.ndb_seq_num 
_pdbx_poly_seq_scheme.pdb_seq_num 
_pdbx_poly_seq_scheme.auth_seq_num 
_pdbx_poly_seq_scheme.pdb_mon_id 
_pdbx_poly_seq_scheme.auth_mon_id 
_pdbx_poly_seq_scheme.pdb_strand_id 
_pdbx_poly_seq_scheme.pdb_ins_code 
_pdbx_poly_seq_scheme.hetero 
A 1 1   SER 1   25  25  SER SER A . n 
A 1 2   GLN 2   26  26  GLN GLN A . n 
A 1 3   CYS 3   27  27  CYS CYS A . n 
A 1 4   SER 4   28  28  SER SER A . n 
A 1 5   SER 5   29  29  SER SER A . n 
A 1 6   THR 6   30  30  THR THR A . n 
A 1 7   LEU 7   31  31  LEU LEU A . n 
A 1 8   VAL 8   32  32  VAL VAL A . n 
A 1 9   LYS 9   33  33  LYS LYS A . n 
A 1 10  HIS 10  34  34  HIS HIS A . n 
A 1 11  ILE 11  35  35  ILE ILE A . n 
A 1 12  LYS 12  36  36  LYS LYS A . n 
A 1 13  ALA 13  37  37  ALA ALA A . n 
A 1 14  PRO 14  38  38  PRO PRO A . n 
A 1 15  LEU 15  39  39  LEU LEU A . n 
A 1 16  HIS 16  40  40  HIS HIS A . n 
A 1 17  LEU 17  41  41  LEU LEU A . n 
A 1 18  VAL 18  42  42  VAL VAL A . n 
A 1 19  TRP 19  43  43  TRP TRP A . n 
A 1 20  SER 20  44  44  SER SER A . n 
A 1 21  ILE 21  45  45  ILE ILE A . n 
A 1 22  VAL 22  46  46  VAL VAL A . n 
A 1 23  ARG 23  47  47  ARG ARG A . n 
A 1 24  ARG 24  48  48  ARG ARG A . n 
A 1 25  PHE 25  49  49  PHE PHE A . n 
A 1 26  ASP 26  50  50  ASP ASP A . n 
A 1 27  GLU 27  51  51  GLU GLU A . n 
A 1 28  PRO 28  52  52  PRO PRO A . n 
A 1 29  GLN 29  53  53  GLN GLN A . n 
A 1 30  LYS 30  54  54  LYS LYS A . n 
A 1 31  TYR 31  55  55  TYR TYR A . n 
A 1 32  LYS 32  56  56  LYS LYS A . n 
A 1 33  PRO 33  57  57  PRO PRO A . n 
A 1 34  PHE 34  58  58  PHE PHE A . n 
A 1 35  ILE 35  59  59  ILE ILE A . n 
A 1 36  SER 36  60  60  SER SER A . n 
A 1 37  ARG 37  61  61  ARG ARG A . n 
A 1 38  CYS 38  62  62  CYS CYS A . n 
A 1 39  VAL 39  63  63  VAL VAL A . n 
A 1 40  VAL 40  64  64  VAL VAL A . n 
A 1 41  GLN 41  65  65  GLN GLN A . n 
A 1 42  GLY 42  66  66  GLY GLY A . n 
A 1 43  LYS 43  67  ?   ?   ?   A . n 
A 1 44  LYS 44  68  ?   ?   ?   A . n 
A 1 45  LEU 45  69  69  LEU LEU A . n 
A 1 46  GLU 46  70  70  GLU GLU A . n 
A 1 47  VAL 47  71  71  VAL VAL A . n 
A 1 48  GLY 48  72  72  GLY GLY A . n 
A 1 49  SER 49  73  73  SER SER A . n 
A 1 50  VAL 50  74  74  VAL VAL A . n 
A 1 51  ARG 51  75  75  ARG ARG A . n 
A 1 52  GLU 52  76  76  GLU GLU A . n 
A 1 53  VAL 53  77  77  VAL VAL A . n 
A 1 54  ASP 54  78  78  ASP ASP A . n 
A 1 55  LEU 55  79  79  LEU LEU A . n 
A 1 56  LYS 56  80  80  LYS LYS A . n 
A 1 57  SER 57  81  81  SER SER A . n 
A 1 58  GLY 58  82  82  GLY GLY A . n 
A 1 59  LEU 59  83  83  LEU LEU A . n 
A 1 60  PRO 60  84  84  PRO PRO A . n 
A 1 61  ALA 61  85  85  ALA ALA A . n 
A 1 62  THR 62  86  86  THR THR A . n 
A 1 63  LYS 63  87  87  LYS LYS A . n 
A 1 64  SER 64  88  88  SER SER A . n 
A 1 65  THR 65  89  89  THR THR A . n 
A 1 66  GLU 66  90  90  GLU GLU A . n 
A 1 67  VAL 67  91  91  VAL VAL A . n 
A 1 68  LEU 68  92  92  LEU LEU A . n 
A 1 69  GLU 69  93  93  GLU GLU A . n 
A 1 70  ILE 70  94  94  ILE ILE A . n 
A 1 71  LEU 71  95  95  LEU LEU A . n 
A 1 72  ASP 72  96  96  ASP ASP A . n 
A 1 73  ASP 73  97  97  ASP ASP A . n 
A 1 74  ASN 74  98  98  ASN ASN A . n 
A 1 75  GLU 75  99  99  GLU GLU A . n 
A 1 76  HIS 76  100 100 HIS HIS A . n 
A 1 77  ILE 77  101 101 ILE ILE A . n 
A 1 78  LEU 78  102 102 LEU LEU A . n 
A 1 79  GLY 79  103 103 GLY GLY A . n 
A 1 80  ILE 80  104 104 ILE ILE A . n 
A 1 81  ARG 81  105 105 ARG ARG A . n 
A 1 82  ILE 82  106 106 ILE ILE A . n 
A 1 83  VAL 83  107 107 VAL VAL A . n 
A 1 84  GLY 84  108 108 GLY GLY A . n 
A 1 85  GLY 85  109 109 GLY GLY A . n 
A 1 86  ASP 86  110 110 ASP ASP A . n 
A 1 87  HIS 87  111 111 HIS HIS A . n 
A 1 88  ARG 88  112 112 ARG ARG A . n 
A 1 89  LEU 89  113 113 LEU LEU A . n 
A 1 90  LYS 90  114 114 LYS LYS A . n 
A 1 91  ASN 91  115 115 ASN ASN A . n 
A 1 92  TYR 92  116 116 TYR TYR A . n 
A 1 93  SER 93  117 117 SER SER A . n 
A 1 94  SER 94  118 118 SER SER A . n 
A 1 95  THR 95  119 119 THR THR A . n 
A 1 96  ILE 96  120 120 ILE ILE A . n 
A 1 97  SER 97  121 121 SER SER A . n 
A 1 98  LEU 98  122 122 LEU LEU A . n 
A 1 99  HIS 99  123 123 HIS HIS A . n 
A 1 100 SER 100 124 124 SER SER A . n 
A 1 101 GLU 101 125 125 GLU GLU A . n 
A 1 102 THR 102 126 126 THR THR A . n 
A 1 103 ILE 103 127 127 ILE ILE A . n 
A 1 104 ASP 104 128 128 ASP ASP A . n 
A 1 105 GLY 105 129 129 GLY GLY A . n 
A 1 106 LYS 106 130 130 LYS LYS A . n 
A 1 107 THR 107 131 131 THR THR A . n 
A 1 108 GLY 108 132 132 GLY GLY A . n 
A 1 109 THR 109 133 133 THR THR A . n 
A 1 110 LEU 110 134 134 LEU LEU A . n 
A 1 111 ALA 111 135 135 ALA ALA A . n 
A 1 112 ILE 112 136 136 ILE ILE A . n 
A 1 113 GLU 113 137 137 GLU GLU A . n 
A 1 114 SER 114 138 138 SER SER A . n 
A 1 115 PHE 115 139 139 PHE PHE A . n 
A 1 116 VAL 116 140 140 VAL VAL A . n 
A 1 117 VAL 117 141 141 VAL VAL A . n 
A 1 118 ASP 118 142 142 ASP ASP A . n 
A 1 119 VAL 119 143 143 VAL VAL A . n 
A 1 120 PRO 120 144 144 PRO PRO A . n 
A 1 121 GLU 121 145 145 GLU GLU A . n 
A 1 122 GLY 122 146 146 GLY GLY A . n 
A 1 123 ASN 123 147 147 ASN ASN A . n 
A 1 124 THR 124 148 148 THR THR A . n 
A 1 125 LYS 125 149 149 LYS LYS A . n 
A 1 126 GLU 126 150 150 GLU GLU A . n 
A 1 127 GLU 127 151 151 GLU GLU A . n 
A 1 128 THR 128 152 152 THR THR A . n 
A 1 129 CYS 129 153 153 CYS CYS A . n 
A 1 130 PHE 130 154 154 PHE PHE A . n 
A 1 131 PHE 131 155 155 PHE PHE A . n 
A 1 132 VAL 132 156 156 VAL VAL A . n 
A 1 133 GLU 133 157 157 GLU GLU A . n 
A 1 134 ALA 134 158 158 ALA ALA A . n 
A 1 135 LEU 135 159 159 LEU LEU A . n 
A 1 136 ILE 136 160 160 ILE ILE A . n 
A 1 137 GLN 137 161 161 GLN GLN A . n 
A 1 138 CYS 138 162 162 CYS CYS A . n 
A 1 139 ASN 139 163 163 ASN ASN A . n 
A 1 140 LEU 140 164 164 LEU LEU A . n 
A 1 141 ASN 141 165 165 ASN ASN A . n 
A 1 142 SER 142 166 166 SER SER A . n 
A 1 143 LEU 143 167 167 LEU LEU A . n 
A 1 144 ALA 144 168 168 ALA ALA A . n 
A 1 145 ASP 145 169 169 ASP ASP A . n 
A 1 146 VAL 146 170 170 VAL VAL A . n 
A 1 147 THR 147 171 171 THR THR A . n 
A 1 148 GLU 148 172 172 GLU GLU A . n 
A 1 149 ARG 149 173 173 ARG ARG A . n 
A 1 150 LEU 150 174 174 LEU LEU A . n 
A 1 151 GLN 151 175 175 GLN GLN A . n 
A 1 152 ALA 152 176 176 ALA ALA A . n 
A 1 153 GLU 153 177 177 GLU GLU A . n 
A 1 154 SER 154 178 178 SER SER A . n 
A 1 155 MET 155 179 179 MET MET A . n 
A 1 156 GLU 156 180 ?   ?   ?   A . n 
A 1 157 LYS 157 181 ?   ?   ?   A . n 
A 1 158 LYS 158 182 ?   ?   ?   A . n 
A 1 159 ILE 159 183 ?   ?   ?   A . n 
# 
_pdbx_entity_instance_feature.ordinal        1 
_pdbx_entity_instance_feature.comp_id        ZLG 
_pdbx_entity_instance_feature.asym_id        ? 
_pdbx_entity_instance_feature.seq_num        ? 
_pdbx_entity_instance_feature.auth_comp_id   ZLG 
_pdbx_entity_instance_feature.auth_asym_id   ? 
_pdbx_entity_instance_feature.auth_seq_num   ? 
_pdbx_entity_instance_feature.feature_type   'SUBJECT OF INVESTIGATION' 
_pdbx_entity_instance_feature.details        ? 
# 
loop_
_pdbx_nonpoly_scheme.asym_id 
_pdbx_nonpoly_scheme.entity_id 
_pdbx_nonpoly_scheme.mon_id 
_pdbx_nonpoly_scheme.ndb_seq_num 
_pdbx_nonpoly_scheme.pdb_seq_num 
_pdbx_nonpoly_scheme.auth_seq_num 
_pdbx_nonpoly_scheme.pdb_mon_id 
_pdbx_nonpoly_scheme.auth_mon_id 
_pdbx_nonpoly_scheme.pdb_strand_id 
_pdbx_nonpoly_scheme.pdb_ins_code 
B 2 ZLG 1   201 1   ZLG DRG A . 
C 3 CIT 1   202 1   CIT CIT A . 
D 4 HOH 1   301 192 HOH HOH A . 
D 4 HOH 2   302 153 HOH HOH A . 
D 4 HOH 3   303 163 HOH HOH A . 
D 4 HOH 4   304 54  HOH HOH A . 
D 4 HOH 5   305 144 HOH HOH A . 
D 4 HOH 6   306 147 HOH HOH A . 
D 4 HOH 7   307 92  HOH HOH A . 
D 4 HOH 8   308 60  HOH HOH A . 
D 4 HOH 9   309 106 HOH HOH A . 
D 4 HOH 10  310 81  HOH HOH A . 
D 4 HOH 11  311 65  HOH HOH A . 
D 4 HOH 12  312 183 HOH HOH A . 
D 4 HOH 13  313 69  HOH HOH A . 
D 4 HOH 14  314 93  HOH HOH A . 
D 4 HOH 15  315 79  HOH HOH A . 
D 4 HOH 16  316 71  HOH HOH A . 
D 4 HOH 17  317 34  HOH HOH A . 
D 4 HOH 18  318 157 HOH HOH A . 
D 4 HOH 19  319 173 HOH HOH A . 
D 4 HOH 20  320 120 HOH HOH A . 
D 4 HOH 21  321 156 HOH HOH A . 
D 4 HOH 22  322 55  HOH HOH A . 
D 4 HOH 23  323 25  HOH HOH A . 
D 4 HOH 24  324 91  HOH HOH A . 
D 4 HOH 25  325 105 HOH HOH A . 
D 4 HOH 26  326 78  HOH HOH A . 
D 4 HOH 27  327 58  HOH HOH A . 
D 4 HOH 28  328 47  HOH HOH A . 
D 4 HOH 29  329 72  HOH HOH A . 
D 4 HOH 30  330 117 HOH HOH A . 
D 4 HOH 31  331 46  HOH HOH A . 
D 4 HOH 32  332 38  HOH HOH A . 
D 4 HOH 33  333 125 HOH HOH A . 
D 4 HOH 34  334 119 HOH HOH A . 
D 4 HOH 35  335 4   HOH HOH A . 
D 4 HOH 36  336 124 HOH HOH A . 
D 4 HOH 37  337 5   HOH HOH A . 
D 4 HOH 38  338 24  HOH HOH A . 
D 4 HOH 39  339 20  HOH HOH A . 
D 4 HOH 40  340 2   HOH HOH A . 
D 4 HOH 41  341 166 HOH HOH A . 
D 4 HOH 42  342 19  HOH HOH A . 
D 4 HOH 43  343 16  HOH HOH A . 
D 4 HOH 44  344 80  HOH HOH A . 
D 4 HOH 45  345 64  HOH HOH A . 
D 4 HOH 46  346 89  HOH HOH A . 
D 4 HOH 47  347 57  HOH HOH A . 
D 4 HOH 48  348 88  HOH HOH A . 
D 4 HOH 49  349 194 HOH HOH A . 
D 4 HOH 50  350 102 HOH HOH A . 
D 4 HOH 51  351 167 HOH HOH A . 
D 4 HOH 52  352 111 HOH HOH A . 
D 4 HOH 53  353 197 HOH HOH A . 
D 4 HOH 54  354 48  HOH HOH A . 
D 4 HOH 55  355 8   HOH HOH A . 
D 4 HOH 56  356 27  HOH HOH A . 
D 4 HOH 57  357 127 HOH HOH A . 
D 4 HOH 58  358 82  HOH HOH A . 
D 4 HOH 59  359 22  HOH HOH A . 
D 4 HOH 60  360 198 HOH HOH A . 
D 4 HOH 61  361 1   HOH HOH A . 
D 4 HOH 62  362 7   HOH HOH A . 
D 4 HOH 63  363 126 HOH HOH A . 
D 4 HOH 64  364 21  HOH HOH A . 
D 4 HOH 65  365 74  HOH HOH A . 
D 4 HOH 66  366 168 HOH HOH A . 
D 4 HOH 67  367 196 HOH HOH A . 
D 4 HOH 68  368 123 HOH HOH A . 
D 4 HOH 69  369 158 HOH HOH A . 
D 4 HOH 70  370 201 HOH HOH A . 
D 4 HOH 71  371 202 HOH HOH A . 
D 4 HOH 72  372 11  HOH HOH A . 
D 4 HOH 73  373 186 HOH HOH A . 
D 4 HOH 74  374 107 HOH HOH A . 
D 4 HOH 75  375 44  HOH HOH A . 
D 4 HOH 76  376 23  HOH HOH A . 
D 4 HOH 77  377 151 HOH HOH A . 
D 4 HOH 78  378 42  HOH HOH A . 
D 4 HOH 79  379 113 HOH HOH A . 
D 4 HOH 80  380 49  HOH HOH A . 
D 4 HOH 81  381 84  HOH HOH A . 
D 4 HOH 82  382 53  HOH HOH A . 
D 4 HOH 83  383 29  HOH HOH A . 
D 4 HOH 84  384 56  HOH HOH A . 
D 4 HOH 85  385 165 HOH HOH A . 
D 4 HOH 86  386 13  HOH HOH A . 
D 4 HOH 87  387 139 HOH HOH A . 
D 4 HOH 88  388 30  HOH HOH A . 
D 4 HOH 89  389 104 HOH HOH A . 
D 4 HOH 90  390 12  HOH HOH A . 
D 4 HOH 91  391 114 HOH HOH A . 
D 4 HOH 92  392 18  HOH HOH A . 
D 4 HOH 93  393 118 HOH HOH A . 
D 4 HOH 94  394 161 HOH HOH A . 
D 4 HOH 95  395 28  HOH HOH A . 
D 4 HOH 96  396 31  HOH HOH A . 
D 4 HOH 97  397 45  HOH HOH A . 
D 4 HOH 98  398 75  HOH HOH A . 
D 4 HOH 99  399 52  HOH HOH A . 
D 4 HOH 100 400 3   HOH HOH A . 
D 4 HOH 101 401 101 HOH HOH A . 
D 4 HOH 102 402 87  HOH HOH A . 
D 4 HOH 103 403 169 HOH HOH A . 
D 4 HOH 104 404 133 HOH HOH A . 
D 4 HOH 105 405 10  HOH HOH A . 
D 4 HOH 106 406 146 HOH HOH A . 
D 4 HOH 107 407 14  HOH HOH A . 
D 4 HOH 108 408 140 HOH HOH A . 
D 4 HOH 109 409 9   HOH HOH A . 
D 4 HOH 110 410 182 HOH HOH A . 
D 4 HOH 111 411 95  HOH HOH A . 
D 4 HOH 112 412 154 HOH HOH A . 
D 4 HOH 113 413 41  HOH HOH A . 
D 4 HOH 114 414 43  HOH HOH A . 
D 4 HOH 115 415 185 HOH HOH A . 
D 4 HOH 116 416 164 HOH HOH A . 
D 4 HOH 117 417 6   HOH HOH A . 
D 4 HOH 118 418 15  HOH HOH A . 
D 4 HOH 119 419 199 HOH HOH A . 
D 4 HOH 120 420 108 HOH HOH A . 
D 4 HOH 121 421 36  HOH HOH A . 
D 4 HOH 122 422 86  HOH HOH A . 
D 4 HOH 123 423 85  HOH HOH A . 
D 4 HOH 124 424 51  HOH HOH A . 
D 4 HOH 125 425 121 HOH HOH A . 
D 4 HOH 126 426 67  HOH HOH A . 
D 4 HOH 127 427 128 HOH HOH A . 
D 4 HOH 128 428 96  HOH HOH A . 
D 4 HOH 129 429 180 HOH HOH A . 
D 4 HOH 130 430 178 HOH HOH A . 
D 4 HOH 131 431 138 HOH HOH A . 
D 4 HOH 132 432 76  HOH HOH A . 
D 4 HOH 133 433 179 HOH HOH A . 
D 4 HOH 134 434 115 HOH HOH A . 
D 4 HOH 135 435 135 HOH HOH A . 
D 4 HOH 136 436 32  HOH HOH A . 
D 4 HOH 137 437 109 HOH HOH A . 
D 4 HOH 138 438 191 HOH HOH A . 
D 4 HOH 139 439 59  HOH HOH A . 
D 4 HOH 140 440 160 HOH HOH A . 
D 4 HOH 141 441 174 HOH HOH A . 
D 4 HOH 142 442 61  HOH HOH A . 
D 4 HOH 143 443 172 HOH HOH A . 
D 4 HOH 144 444 37  HOH HOH A . 
D 4 HOH 145 445 142 HOH HOH A . 
D 4 HOH 146 446 90  HOH HOH A . 
D 4 HOH 147 447 97  HOH HOH A . 
D 4 HOH 148 448 99  HOH HOH A . 
D 4 HOH 149 449 170 HOH HOH A . 
D 4 HOH 150 450 26  HOH HOH A . 
D 4 HOH 151 451 17  HOH HOH A . 
D 4 HOH 152 452 129 HOH HOH A . 
D 4 HOH 153 453 100 HOH HOH A . 
D 4 HOH 154 454 190 HOH HOH A . 
D 4 HOH 155 455 77  HOH HOH A . 
D 4 HOH 156 456 132 HOH HOH A . 
D 4 HOH 157 457 136 HOH HOH A . 
D 4 HOH 158 458 176 HOH HOH A . 
D 4 HOH 159 459 159 HOH HOH A . 
D 4 HOH 160 460 184 HOH HOH A . 
D 4 HOH 161 461 171 HOH HOH A . 
D 4 HOH 162 462 94  HOH HOH A . 
D 4 HOH 163 463 141 HOH HOH A . 
D 4 HOH 164 464 193 HOH HOH A . 
D 4 HOH 165 465 122 HOH HOH A . 
D 4 HOH 166 466 162 HOH HOH A . 
D 4 HOH 167 467 130 HOH HOH A . 
D 4 HOH 168 468 150 HOH HOH A . 
D 4 HOH 169 469 35  HOH HOH A . 
D 4 HOH 170 470 112 HOH HOH A . 
D 4 HOH 171 471 83  HOH HOH A . 
D 4 HOH 172 472 70  HOH HOH A . 
D 4 HOH 173 473 189 HOH HOH A . 
D 4 HOH 174 474 145 HOH HOH A . 
D 4 HOH 175 475 63  HOH HOH A . 
D 4 HOH 176 476 177 HOH HOH A . 
D 4 HOH 177 477 62  HOH HOH A . 
D 4 HOH 178 478 73  HOH HOH A . 
D 4 HOH 179 479 50  HOH HOH A . 
D 4 HOH 180 480 40  HOH HOH A . 
D 4 HOH 181 481 152 HOH HOH A . 
D 4 HOH 182 482 116 HOH HOH A . 
D 4 HOH 183 483 66  HOH HOH A . 
D 4 HOH 184 484 68  HOH HOH A . 
D 4 HOH 185 485 200 HOH HOH A . 
D 4 HOH 186 486 131 HOH HOH A . 
D 4 HOH 187 487 195 HOH HOH A . 
D 4 HOH 188 488 143 HOH HOH A . 
D 4 HOH 189 489 110 HOH HOH A . 
D 4 HOH 190 490 155 HOH HOH A . 
D 4 HOH 191 491 149 HOH HOH A . 
D 4 HOH 192 492 188 HOH HOH A . 
D 4 HOH 193 493 181 HOH HOH A . 
D 4 HOH 194 494 137 HOH HOH A . 
D 4 HOH 195 495 33  HOH HOH A . 
D 4 HOH 196 496 98  HOH HOH A . 
D 4 HOH 197 497 148 HOH HOH A . 
D 4 HOH 198 498 175 HOH HOH A . 
D 4 HOH 199 499 103 HOH HOH A . 
D 4 HOH 200 500 187 HOH HOH A . 
D 4 HOH 201 501 134 HOH HOH A . 
# 
loop_
_software.citation_id 
_software.classification 
_software.compiler_name 
_software.compiler_version 
_software.contact_author 
_software.contact_author_email 
_software.date 
_software.description 
_software.dependencies 
_software.hardware 
_software.language 
_software.location 
_software.mods 
_software.name 
_software.os 
_software.os_version 
_software.type 
_software.version 
_software.pdbx_ordinal 
? refinement       ? ? ? ? ? ? ? ? ? ? ? PHENIX   ? ? ? 1.15.2_3472 1 
? 'data reduction' ? ? ? ? ? ? ? ? ? ? ? HKL-2000 ? ? ? .           2 
? 'data scaling'   ? ? ? ? ? ? ? ? ? ? ? HKL-2000 ? ? ? .           3 
? phasing          ? ? ? ? ? ? ? ? ? ? ? PHASER   ? ? ? 2.8.3       4 
# 
_cell.angle_alpha                  90.000 
_cell.angle_alpha_esd              ? 
_cell.angle_beta                   109.098 
_cell.angle_beta_esd               ? 
_cell.angle_gamma                  90.000 
_cell.angle_gamma_esd              ? 
_cell.entry_id                     7MLD 
_cell.details                      ? 
_cell.formula_units_Z              ? 
_cell.length_a                     59.753 
_cell.length_a_esd                 ? 
_cell.length_b                     64.390 
_cell.length_b_esd                 ? 
_cell.length_c                     44.567 
_cell.length_c_esd                 ? 
_cell.volume                       162033.614 
_cell.volume_esd                   ? 
_cell.Z_PDB                        4 
_cell.reciprocal_angle_alpha       ? 
_cell.reciprocal_angle_beta        ? 
_cell.reciprocal_angle_gamma       ? 
_cell.reciprocal_angle_alpha_esd   ? 
_cell.reciprocal_angle_beta_esd    ? 
_cell.reciprocal_angle_gamma_esd   ? 
_cell.reciprocal_length_a          ? 
_cell.reciprocal_length_b          ? 
_cell.reciprocal_length_c          ? 
_cell.reciprocal_length_a_esd      ? 
_cell.reciprocal_length_b_esd      ? 
_cell.reciprocal_length_c_esd      ? 
_cell.pdbx_unique_axis             ? 
# 
_symmetry.entry_id                         7MLD 
_symmetry.cell_setting                     ? 
_symmetry.Int_Tables_number                5 
_symmetry.space_group_name_Hall            'C 2y' 
_symmetry.space_group_name_H-M             'C 1 2 1' 
_symmetry.pdbx_full_space_group_name_H-M   ? 
# 
_exptl.absorpt_coefficient_mu     ? 
_exptl.absorpt_correction_T_max   ? 
_exptl.absorpt_correction_T_min   ? 
_exptl.absorpt_correction_type    ? 
_exptl.absorpt_process_details    ? 
_exptl.entry_id                   7MLD 
_exptl.crystals_number            1 
_exptl.details                    ? 
_exptl.method                     'X-RAY DIFFRACTION' 
_exptl.method_details             ? 
# 
_exptl_crystal.colour                      ? 
_exptl_crystal.density_diffrn              ? 
_exptl_crystal.density_Matthews            2.28 
_exptl_crystal.density_method              ? 
_exptl_crystal.density_percent_sol         46.11 
_exptl_crystal.description                 ? 
_exptl_crystal.F_000                       ? 
_exptl_crystal.id                          1 
_exptl_crystal.preparation                 ? 
_exptl_crystal.size_max                    ? 
_exptl_crystal.size_mid                    ? 
_exptl_crystal.size_min                    ? 
_exptl_crystal.size_rad                    ? 
_exptl_crystal.colour_lustre               ? 
_exptl_crystal.colour_modifier             ? 
_exptl_crystal.colour_primary              ? 
_exptl_crystal.density_meas                ? 
_exptl_crystal.density_meas_esd            ? 
_exptl_crystal.density_meas_gt             ? 
_exptl_crystal.density_meas_lt             ? 
_exptl_crystal.density_meas_temp           ? 
_exptl_crystal.density_meas_temp_esd       ? 
_exptl_crystal.density_meas_temp_gt        ? 
_exptl_crystal.density_meas_temp_lt        ? 
_exptl_crystal.pdbx_crystal_image_url      ? 
_exptl_crystal.pdbx_crystal_image_format   ? 
_exptl_crystal.pdbx_mosaicity              ? 
_exptl_crystal.pdbx_mosaicity_esd          ? 
# 
_exptl_crystal_grow.apparatus       ? 
_exptl_crystal_grow.atmosphere      ? 
_exptl_crystal_grow.crystal_id      1 
_exptl_crystal_grow.details         ? 
_exptl_crystal_grow.method          'VAPOR DIFFUSION, HANGING DROP' 
_exptl_crystal_grow.method_ref      ? 
_exptl_crystal_grow.pH              7.0 
_exptl_crystal_grow.pressure        ? 
_exptl_crystal_grow.pressure_esd    ? 
_exptl_crystal_grow.seeding         ? 
_exptl_crystal_grow.seeding_ref     ? 
_exptl_crystal_grow.temp            292 
_exptl_crystal_grow.temp_details    ? 
_exptl_crystal_grow.temp_esd        ? 
_exptl_crystal_grow.time            ? 
_exptl_crystal_grow.pdbx_details    '200 mM tribasic ammonium citrate and 22% (w/v) PEG 3350' 
_exptl_crystal_grow.pdbx_pH_range   ? 
# 
_diffrn.ambient_environment              ? 
_diffrn.ambient_temp                     100 
_diffrn.ambient_temp_details             ? 
_diffrn.ambient_temp_esd                 ? 
_diffrn.crystal_id                       1 
_diffrn.crystal_support                  ? 
_diffrn.crystal_treatment                ? 
_diffrn.details                          ? 
_diffrn.id                               1 
_diffrn.ambient_pressure                 ? 
_diffrn.ambient_pressure_esd             ? 
_diffrn.ambient_pressure_gt              ? 
_diffrn.ambient_pressure_lt              ? 
_diffrn.ambient_temp_gt                  ? 
_diffrn.ambient_temp_lt                  ? 
_diffrn.pdbx_serial_crystal_experiment   N 
# 
_diffrn_detector.details                      ? 
_diffrn_detector.detector                     'IMAGE PLATE' 
_diffrn_detector.diffrn_id                    1 
_diffrn_detector.type                         'RIGAKU RAXIS IV++' 
_diffrn_detector.area_resol_mean              ? 
_diffrn_detector.dtime                        ? 
_diffrn_detector.pdbx_frames_total            ? 
_diffrn_detector.pdbx_collection_time_total   ? 
_diffrn_detector.pdbx_collection_date         2019-07-01 
_diffrn_detector.pdbx_frequency               ? 
# 
_diffrn_radiation.collimation                      ? 
_diffrn_radiation.diffrn_id                        1 
_diffrn_radiation.filter_edge                      ? 
_diffrn_radiation.inhomogeneity                    ? 
_diffrn_radiation.monochromator                    ? 
_diffrn_radiation.polarisn_norm                    ? 
_diffrn_radiation.polarisn_ratio                   ? 
_diffrn_radiation.probe                            ? 
_diffrn_radiation.type                             ? 
_diffrn_radiation.xray_symbol                      ? 
_diffrn_radiation.wavelength_id                    1 
_diffrn_radiation.pdbx_monochromatic_or_laue_m_l   M 
_diffrn_radiation.pdbx_wavelength_list             ? 
_diffrn_radiation.pdbx_wavelength                  ? 
_diffrn_radiation.pdbx_diffrn_protocol             'SINGLE WAVELENGTH' 
_diffrn_radiation.pdbx_analyzer                    ? 
_diffrn_radiation.pdbx_scattering_type             x-ray 
# 
_diffrn_radiation_wavelength.id           1 
_diffrn_radiation_wavelength.wavelength   1.54178 
_diffrn_radiation_wavelength.wt           1.0 
# 
_diffrn_source.current                     ? 
_diffrn_source.details                     ? 
_diffrn_source.diffrn_id                   1 
_diffrn_source.power                       ? 
_diffrn_source.size                        ? 
_diffrn_source.source                      'ROTATING ANODE' 
_diffrn_source.target                      ? 
_diffrn_source.type                        'RIGAKU MICROMAX-007' 
_diffrn_source.voltage                     ? 
_diffrn_source.take-off_angle              ? 
_diffrn_source.pdbx_wavelength_list        1.54178 
_diffrn_source.pdbx_wavelength             ? 
_diffrn_source.pdbx_synchrotron_beamline   ? 
_diffrn_source.pdbx_synchrotron_site       ? 
# 
_reflns.B_iso_Wilson_estimate                          19.37 
_reflns.entry_id                                       7MLD 
_reflns.data_reduction_details                         ? 
_reflns.data_reduction_method                          ? 
_reflns.d_resolution_high                              1.8 
_reflns.d_resolution_low                               50 
_reflns.details                                        ? 
_reflns.limit_h_max                                    ? 
_reflns.limit_h_min                                    ? 
_reflns.limit_k_max                                    ? 
_reflns.limit_k_min                                    ? 
_reflns.limit_l_max                                    ? 
_reflns.limit_l_min                                    ? 
_reflns.number_all                                     ? 
_reflns.number_obs                                     14845 
_reflns.observed_criterion                             ? 
_reflns.observed_criterion_F_max                       ? 
_reflns.observed_criterion_F_min                       ? 
_reflns.observed_criterion_I_max                       ? 
_reflns.observed_criterion_I_min                       ? 
_reflns.observed_criterion_sigma_F                     ? 
_reflns.observed_criterion_sigma_I                     ? 
_reflns.percent_possible_obs                           97 
_reflns.R_free_details                                 ? 
_reflns.Rmerge_F_all                                   ? 
_reflns.Rmerge_F_obs                                   ? 
_reflns.Friedel_coverage                               ? 
_reflns.number_gt                                      ? 
_reflns.threshold_expression                           ? 
_reflns.pdbx_redundancy                                7.1 
_reflns.pdbx_Rmerge_I_obs                              0.051 
_reflns.pdbx_Rmerge_I_all                              ? 
_reflns.pdbx_Rsym_value                                ? 
_reflns.pdbx_netI_over_av_sigmaI                       ? 
_reflns.pdbx_netI_over_sigmaI                          25.3 
_reflns.pdbx_res_netI_over_av_sigmaI_2                 ? 
_reflns.pdbx_res_netI_over_sigmaI_2                    ? 
_reflns.pdbx_chi_squared                               ? 
_reflns.pdbx_scaling_rejects                           ? 
_reflns.pdbx_d_res_high_opt                            ? 
_reflns.pdbx_d_res_low_opt                             ? 
_reflns.pdbx_d_res_opt_method                          ? 
_reflns.phase_calculation_details                      ? 
_reflns.pdbx_Rrim_I_all                                0.055 
_reflns.pdbx_Rpim_I_all                                0.02 
_reflns.pdbx_d_opt                                     ? 
_reflns.pdbx_number_measured_all                       ? 
_reflns.pdbx_diffrn_id                                 1 
_reflns.pdbx_ordinal                                   1 
_reflns.pdbx_CC_half                                   1 
_reflns.pdbx_CC_star                                   1 
_reflns.pdbx_R_split                                   ? 
_reflns.pdbx_aniso_diffraction_limit_axis_1_ortho[1]   ? 
_reflns.pdbx_aniso_diffraction_limit_axis_1_ortho[2]   ? 
_reflns.pdbx_aniso_diffraction_limit_axis_1_ortho[3]   ? 
_reflns.pdbx_aniso_diffraction_limit_axis_2_ortho[1]   ? 
_reflns.pdbx_aniso_diffraction_limit_axis_2_ortho[2]   ? 
_reflns.pdbx_aniso_diffraction_limit_axis_2_ortho[3]   ? 
_reflns.pdbx_aniso_diffraction_limit_axis_3_ortho[1]   ? 
_reflns.pdbx_aniso_diffraction_limit_axis_3_ortho[2]   ? 
_reflns.pdbx_aniso_diffraction_limit_axis_3_ortho[3]   ? 
_reflns.pdbx_aniso_diffraction_limit_1                 ? 
_reflns.pdbx_aniso_diffraction_limit_2                 ? 
_reflns.pdbx_aniso_diffraction_limit_3                 ? 
_reflns.pdbx_aniso_B_tensor_eigenvector_1_ortho[1]     ? 
_reflns.pdbx_aniso_B_tensor_eigenvector_1_ortho[2]     ? 
_reflns.pdbx_aniso_B_tensor_eigenvector_1_ortho[3]     ? 
_reflns.pdbx_aniso_B_tensor_eigenvector_2_ortho[1]     ? 
_reflns.pdbx_aniso_B_tensor_eigenvector_2_ortho[2]     ? 
_reflns.pdbx_aniso_B_tensor_eigenvector_2_ortho[3]     ? 
_reflns.pdbx_aniso_B_tensor_eigenvector_3_ortho[1]     ? 
_reflns.pdbx_aniso_B_tensor_eigenvector_3_ortho[2]     ? 
_reflns.pdbx_aniso_B_tensor_eigenvector_3_ortho[3]     ? 
_reflns.pdbx_aniso_B_tensor_eigenvalue_1               ? 
_reflns.pdbx_aniso_B_tensor_eigenvalue_2               ? 
_reflns.pdbx_aniso_B_tensor_eigenvalue_3               ? 
_reflns.pdbx_orthogonalization_convention              ? 
_reflns.pdbx_percent_possible_ellipsoidal              ? 
_reflns.pdbx_percent_possible_spherical                ? 
_reflns.pdbx_percent_possible_ellipsoidal_anomalous    ? 
_reflns.pdbx_percent_possible_spherical_anomalous      ? 
_reflns.pdbx_redundancy_anomalous                      ? 
_reflns.pdbx_CC_half_anomalous                         ? 
_reflns.pdbx_absDiff_over_sigma_anomalous              ? 
_reflns.pdbx_percent_possible_anomalous                ? 
_reflns.pdbx_observed_signal_threshold                 ? 
_reflns.pdbx_signal_type                               ? 
_reflns.pdbx_signal_details                            ? 
_reflns.pdbx_signal_software_id                        ? 
# 
_reflns_shell.d_res_high                                    1.8 
_reflns_shell.d_res_low                                     1.86 
_reflns_shell.meanI_over_sigI_all                           ? 
_reflns_shell.meanI_over_sigI_obs                           2.6 
_reflns_shell.number_measured_all                           ? 
_reflns_shell.number_measured_obs                           ? 
_reflns_shell.number_possible                               ? 
_reflns_shell.number_unique_all                             ? 
_reflns_shell.number_unique_obs                             1429 
_reflns_shell.percent_possible_all                          86.8 
_reflns_shell.percent_possible_obs                          ? 
_reflns_shell.Rmerge_F_all                                  ? 
_reflns_shell.Rmerge_F_obs                                  ? 
_reflns_shell.Rmerge_I_all                                  ? 
_reflns_shell.Rmerge_I_obs                                  .373 
_reflns_shell.meanI_over_sigI_gt                            ? 
_reflns_shell.meanI_over_uI_all                             ? 
_reflns_shell.meanI_over_uI_gt                              ? 
_reflns_shell.number_measured_gt                            ? 
_reflns_shell.number_unique_gt                              ? 
_reflns_shell.percent_possible_gt                           ? 
_reflns_shell.Rmerge_F_gt                                   ? 
_reflns_shell.Rmerge_I_gt                                   ? 
_reflns_shell.pdbx_redundancy                               ? 
_reflns_shell.pdbx_Rsym_value                               ? 
_reflns_shell.pdbx_chi_squared                              ? 
_reflns_shell.pdbx_netI_over_sigmaI_all                     ? 
_reflns_shell.pdbx_netI_over_sigmaI_obs                     ? 
_reflns_shell.pdbx_Rrim_I_all                               .416 
_reflns_shell.pdbx_Rpim_I_all                               .181 
_reflns_shell.pdbx_rejects                                  ? 
_reflns_shell.pdbx_ordinal                                  1 
_reflns_shell.pdbx_diffrn_id                                1 
_reflns_shell.pdbx_CC_half                                  .912 
_reflns_shell.pdbx_CC_star                                  .977 
_reflns_shell.pdbx_R_split                                  ? 
_reflns_shell.pdbx_percent_possible_ellipsoidal             ? 
_reflns_shell.pdbx_percent_possible_spherical               ? 
_reflns_shell.pdbx_percent_possible_ellipsoidal_anomalous   ? 
_reflns_shell.pdbx_percent_possible_spherical_anomalous     ? 
_reflns_shell.pdbx_redundancy_anomalous                     ? 
_reflns_shell.pdbx_CC_half_anomalous                        ? 
_reflns_shell.pdbx_absDiff_over_sigma_anomalous             ? 
_reflns_shell.pdbx_percent_possible_anomalous               ? 
# 
_refine.aniso_B[1][1]                            ? 
_refine.aniso_B[1][2]                            ? 
_refine.aniso_B[1][3]                            ? 
_refine.aniso_B[2][2]                            ? 
_refine.aniso_B[2][3]                            ? 
_refine.aniso_B[3][3]                            ? 
_refine.B_iso_max                                ? 
_refine.B_iso_mean                               21.38 
_refine.B_iso_min                                ? 
_refine.correlation_coeff_Fo_to_Fc               ? 
_refine.correlation_coeff_Fo_to_Fc_free          ? 
_refine.details                                  ? 
_refine.diff_density_max                         ? 
_refine.diff_density_max_esd                     ? 
_refine.diff_density_min                         ? 
_refine.diff_density_min_esd                     ? 
_refine.diff_density_rms                         ? 
_refine.diff_density_rms_esd                     ? 
_refine.entry_id                                 7MLD 
_refine.pdbx_refine_id                           'X-RAY DIFFRACTION' 
_refine.ls_abs_structure_details                 ? 
_refine.ls_abs_structure_Flack                   ? 
_refine.ls_abs_structure_Flack_esd               ? 
_refine.ls_abs_structure_Rogers                  ? 
_refine.ls_abs_structure_Rogers_esd              ? 
_refine.ls_d_res_high                            1.80 
_refine.ls_d_res_low                             42.45 
_refine.ls_extinction_coef                       ? 
_refine.ls_extinction_coef_esd                   ? 
_refine.ls_extinction_expression                 ? 
_refine.ls_extinction_method                     ? 
_refine.ls_goodness_of_fit_all                   ? 
_refine.ls_goodness_of_fit_all_esd               ? 
_refine.ls_goodness_of_fit_obs                   ? 
_refine.ls_goodness_of_fit_obs_esd               ? 
_refine.ls_hydrogen_treatment                    ? 
_refine.ls_matrix_type                           ? 
_refine.ls_number_constraints                    ? 
_refine.ls_number_parameters                     ? 
_refine.ls_number_reflns_all                     ? 
_refine.ls_number_reflns_obs                     14462 
_refine.ls_number_reflns_R_free                  1446 
_refine.ls_number_reflns_R_work                  13016 
_refine.ls_number_restraints                     ? 
_refine.ls_percent_reflns_obs                    97.02 
_refine.ls_percent_reflns_R_free                 10.00 
_refine.ls_R_factor_all                          ? 
_refine.ls_R_factor_obs                          0.1654 
_refine.ls_R_factor_R_free                       0.2056 
_refine.ls_R_factor_R_free_error                 ? 
_refine.ls_R_factor_R_free_error_details         ? 
_refine.ls_R_factor_R_work                       0.1610 
_refine.ls_R_Fsqd_factor_obs                     ? 
_refine.ls_R_I_factor_obs                        ? 
_refine.ls_redundancy_reflns_all                 ? 
_refine.ls_redundancy_reflns_obs                 ? 
_refine.ls_restrained_S_all                      ? 
_refine.ls_restrained_S_obs                      ? 
_refine.ls_shift_over_esd_max                    ? 
_refine.ls_shift_over_esd_mean                   ? 
_refine.ls_structure_factor_coef                 ? 
_refine.ls_weighting_details                     ? 
_refine.ls_weighting_scheme                      ? 
_refine.ls_wR_factor_all                         ? 
_refine.ls_wR_factor_obs                         ? 
_refine.ls_wR_factor_R_free                      ? 
_refine.ls_wR_factor_R_work                      ? 
_refine.occupancy_max                            ? 
_refine.occupancy_min                            ? 
_refine.solvent_model_details                    'FLAT BULK SOLVENT MODEL' 
_refine.solvent_model_param_bsol                 ? 
_refine.solvent_model_param_ksol                 ? 
_refine.pdbx_R_complete                          ? 
_refine.ls_R_factor_gt                           ? 
_refine.ls_goodness_of_fit_gt                    ? 
_refine.ls_goodness_of_fit_ref                   ? 
_refine.ls_shift_over_su_max                     ? 
_refine.ls_shift_over_su_max_lt                  ? 
_refine.ls_shift_over_su_mean                    ? 
_refine.ls_shift_over_su_mean_lt                 ? 
_refine.pdbx_ls_sigma_I                          ? 
_refine.pdbx_ls_sigma_F                          0.00 
_refine.pdbx_ls_sigma_Fsqd                       ? 
_refine.pdbx_data_cutoff_high_absF               ? 
_refine.pdbx_data_cutoff_high_rms_absF           ? 
_refine.pdbx_data_cutoff_low_absF                ? 
_refine.pdbx_isotropic_thermal_model             ? 
_refine.pdbx_ls_cross_valid_method               'FREE R-VALUE' 
_refine.pdbx_method_to_determine_struct          'MOLECULAR REPLACEMENT' 
_refine.pdbx_starting_model                      6NWB 
_refine.pdbx_stereochemistry_target_values       'GeoStd + Monomer Library + CDL v1.2' 
_refine.pdbx_R_Free_selection_details            ? 
_refine.pdbx_stereochem_target_val_spec_case     ? 
_refine.pdbx_overall_ESU_R                       ? 
_refine.pdbx_overall_ESU_R_Free                  ? 
_refine.pdbx_solvent_vdw_probe_radii             1.1100 
_refine.pdbx_solvent_ion_probe_radii             ? 
_refine.pdbx_solvent_shrinkage_radii             0.9000 
_refine.pdbx_real_space_R                        ? 
_refine.pdbx_density_correlation                 ? 
_refine.pdbx_pd_number_of_powder_patterns        ? 
_refine.pdbx_pd_number_of_points                 ? 
_refine.pdbx_pd_meas_number_of_points            ? 
_refine.pdbx_pd_proc_ls_prof_R_factor            ? 
_refine.pdbx_pd_proc_ls_prof_wR_factor           ? 
_refine.pdbx_pd_Marquardt_correlation_coeff      ? 
_refine.pdbx_pd_Fsqrd_R_factor                   ? 
_refine.pdbx_pd_ls_matrix_band_width             ? 
_refine.pdbx_overall_phase_error                 19.9493 
_refine.pdbx_overall_SU_R_free_Cruickshank_DPI   ? 
_refine.pdbx_overall_SU_R_free_Blow_DPI          ? 
_refine.pdbx_overall_SU_R_Blow_DPI               ? 
_refine.pdbx_TLS_residual_ADP_flag               ? 
_refine.pdbx_diffrn_id                           1 
_refine.overall_SU_B                             ? 
_refine.overall_SU_ML                            0.2245 
_refine.overall_SU_R_Cruickshank_DPI             ? 
_refine.overall_SU_R_free                        ? 
_refine.overall_FOM_free_R_set                   ? 
_refine.overall_FOM_work_R_set                   ? 
_refine.pdbx_average_fsc_overall                 ? 
_refine.pdbx_average_fsc_work                    ? 
_refine.pdbx_average_fsc_free                    ? 
# 
_refine_hist.pdbx_refine_id                   'X-RAY DIFFRACTION' 
_refine_hist.cycle_id                         LAST 
_refine_hist.details                          ? 
_refine_hist.d_res_high                       1.80 
_refine_hist.d_res_low                        42.45 
_refine_hist.number_atoms_solvent             201 
_refine_hist.number_atoms_total               1449 
_refine_hist.number_reflns_all                ? 
_refine_hist.number_reflns_obs                ? 
_refine_hist.number_reflns_R_free             ? 
_refine_hist.number_reflns_R_work             ? 
_refine_hist.R_factor_all                     ? 
_refine_hist.R_factor_obs                     ? 
_refine_hist.R_factor_R_free                  ? 
_refine_hist.R_factor_R_work                  ? 
_refine_hist.pdbx_number_residues_total       ? 
_refine_hist.pdbx_B_iso_mean_ligand           ? 
_refine_hist.pdbx_B_iso_mean_solvent          ? 
_refine_hist.pdbx_number_atoms_protein        1190 
_refine_hist.pdbx_number_atoms_nucleic_acid   0 
_refine_hist.pdbx_number_atoms_ligand         58 
_refine_hist.pdbx_number_atoms_lipid          ? 
_refine_hist.pdbx_number_atoms_carb           ? 
_refine_hist.pdbx_pseudo_atom_details         ? 
# 
loop_
_refine_ls_restr.pdbx_refine_id 
_refine_ls_restr.criterion 
_refine_ls_restr.dev_ideal 
_refine_ls_restr.dev_ideal_target 
_refine_ls_restr.number 
_refine_ls_restr.rejects 
_refine_ls_restr.type 
_refine_ls_restr.weight 
_refine_ls_restr.pdbx_restraint_function 
'X-RAY DIFFRACTION' ? 0.0090  ? 1285 ? f_bond_d           ? ? 
'X-RAY DIFFRACTION' ? 0.9378  ? 1749 ? f_angle_d          ? ? 
'X-RAY DIFFRACTION' ? 0.0584  ? 204  ? f_chiral_restr     ? ? 
'X-RAY DIFFRACTION' ? 0.0050  ? 220  ? f_plane_restr      ? ? 
'X-RAY DIFFRACTION' ? 16.1987 ? 806  ? f_dihedral_angle_d ? ? 
# 
loop_
_refine_ls_shell.pdbx_refine_id 
_refine_ls_shell.d_res_high 
_refine_ls_shell.d_res_low 
_refine_ls_shell.number_reflns_all 
_refine_ls_shell.number_reflns_obs 
_refine_ls_shell.number_reflns_R_free 
_refine_ls_shell.number_reflns_R_work 
_refine_ls_shell.percent_reflns_obs 
_refine_ls_shell.percent_reflns_R_free 
_refine_ls_shell.R_factor_all 
_refine_ls_shell.R_factor_obs 
_refine_ls_shell.R_factor_R_free 
_refine_ls_shell.R_factor_R_free_error 
_refine_ls_shell.R_factor_R_work 
_refine_ls_shell.redundancy_reflns_all 
_refine_ls_shell.redundancy_reflns_obs 
_refine_ls_shell.wR_factor_all 
_refine_ls_shell.wR_factor_obs 
_refine_ls_shell.wR_factor_R_free 
_refine_ls_shell.wR_factor_R_work 
_refine_ls_shell.pdbx_R_complete 
_refine_ls_shell.pdbx_total_number_of_bins_used 
_refine_ls_shell.pdbx_phase_error 
_refine_ls_shell.pdbx_fsc_work 
_refine_ls_shell.pdbx_fsc_free 
'X-RAY DIFFRACTION' 1.80 1.86  . . 129 1161 86.75 . . . 0.3572 . 0.3144 . . . . . . . . . . . 
'X-RAY DIFFRACTION' 1.86 1.94  . . 137 1245 93.57 . . . 0.2767 . 0.1806 . . . . . . . . . . . 
'X-RAY DIFFRACTION' 1.94 2.03  . . 143 1296 96.97 . . . 0.2146 . 0.1620 . . . . . . . . . . . 
'X-RAY DIFFRACTION' 2.03 2.13  . . 144 1308 97.91 . . . 0.2153 . 0.1579 . . . . . . . . . . . 
'X-RAY DIFFRACTION' 2.13 2.27  . . 147 1295 98.36 . . . 0.1953 . 0.1562 . . . . . . . . . . . 
'X-RAY DIFFRACTION' 2.27 2.44  . . 147 1333 98.54 . . . 0.2065 . 0.1589 . . . . . . . . . . . 
'X-RAY DIFFRACTION' 2.44 2.69  . . 148 1321 99.19 . . . 0.2236 . 0.1765 . . . . . . . . . . . 
'X-RAY DIFFRACTION' 2.69 3.07  . . 148 1343 99.33 . . . 0.1912 . 0.1620 . . . . . . . . . . . 
'X-RAY DIFFRACTION' 3.07 3.87  . . 149 1341 99.60 . . . 0.1874 . 0.1502 . . . . . . . . . . . 
'X-RAY DIFFRACTION' 3.87 42.45 . . 154 1373 99.93 . . . 0.1881 . 0.1433 . . . . . . . . . . . 
# 
_struct.entry_id                     7MLD 
_struct.title                        'PYL10 bound to the ABA pan-antagonist antabactin' 
_struct.pdbx_model_details           ? 
_struct.pdbx_formula_weight          ? 
_struct.pdbx_formula_weight_method   ? 
_struct.pdbx_model_type_details      ? 
_struct.pdbx_CASP_flag               N 
# 
_struct_keywords.entry_id        7MLD 
_struct_keywords.text            'PYR/PYL/RCAR, PYL10, HORMONE RECEPTOR, PLANT PROTEIN, PLANT PROTEIN-ANTAGONIST complex' 
_struct_keywords.pdbx_keywords   'PLANT PROTEIN/ANTAGONIST' 
# 
loop_
_struct_asym.id 
_struct_asym.pdbx_blank_PDB_chainid_flag 
_struct_asym.pdbx_modified 
_struct_asym.entity_id 
_struct_asym.details 
A N N 1 ? 
B N N 2 ? 
C N N 3 ? 
D N N 4 ? 
# 
_struct_ref.id                         1 
_struct_ref.db_name                    UNP 
_struct_ref.db_code                    PYL10_ARATH 
_struct_ref.pdbx_db_accession          Q8H1R0 
_struct_ref.pdbx_db_isoform            ? 
_struct_ref.entity_id                  1 
_struct_ref.pdbx_seq_one_letter_code   
;SQCSSTLVKHIKAPLHLVWSIVRRFDEPQKYKPFISRCVVQGKKLEVGSVREVDLKSGLPATKSTEVLEILDDNEHILGI
RIVGGDHRLKNYSSTISLHSETIDGKTGTLAIESFVVDVPEGNTKEETCFFVEALIQCNLNSLADVTERLQAESMEKKI
;
_struct_ref.pdbx_align_begin           25 
# 
_struct_ref_seq.align_id                      1 
_struct_ref_seq.ref_id                        1 
_struct_ref_seq.pdbx_PDB_id_code              7MLD 
_struct_ref_seq.pdbx_strand_id                A 
_struct_ref_seq.seq_align_beg                 1 
_struct_ref_seq.pdbx_seq_align_beg_ins_code   ? 
_struct_ref_seq.seq_align_end                 159 
_struct_ref_seq.pdbx_seq_align_end_ins_code   ? 
_struct_ref_seq.pdbx_db_accession             Q8H1R0 
_struct_ref_seq.db_align_beg                  25 
_struct_ref_seq.pdbx_db_align_beg_ins_code    ? 
_struct_ref_seq.db_align_end                  183 
_struct_ref_seq.pdbx_db_align_end_ins_code    ? 
_struct_ref_seq.pdbx_auth_seq_align_beg       25 
_struct_ref_seq.pdbx_auth_seq_align_end       183 
# 
_pdbx_struct_assembly.id                   1 
_pdbx_struct_assembly.details              author_defined_assembly 
_pdbx_struct_assembly.method_details       ? 
_pdbx_struct_assembly.oligomeric_details   monomeric 
_pdbx_struct_assembly.oligomeric_count     1 
# 
loop_
_pdbx_struct_assembly_prop.biol_id 
_pdbx_struct_assembly_prop.type 
_pdbx_struct_assembly_prop.value 
_pdbx_struct_assembly_prop.details 
1 'ABSA (A^2)' 140  ? 
1 MORE         3    ? 
1 'SSA (A^2)'  8350 ? 
# 
_pdbx_struct_assembly_gen.assembly_id       1 
_pdbx_struct_assembly_gen.oper_expression   1 
_pdbx_struct_assembly_gen.asym_id_list      A,B,C,D 
# 
_pdbx_struct_assembly_auth_evidence.id                     1 
_pdbx_struct_assembly_auth_evidence.assembly_id            1 
_pdbx_struct_assembly_auth_evidence.experimental_support   'gel filtration' 
_pdbx_struct_assembly_auth_evidence.details                ? 
# 
_pdbx_struct_oper_list.id                   1 
_pdbx_struct_oper_list.type                 'identity operation' 
_pdbx_struct_oper_list.name                 1_555 
_pdbx_struct_oper_list.symmetry_operation   x,y,z 
_pdbx_struct_oper_list.matrix[1][1]         1.0000000000 
_pdbx_struct_oper_list.matrix[1][2]         0.0000000000 
_pdbx_struct_oper_list.matrix[1][3]         0.0000000000 
_pdbx_struct_oper_list.vector[1]            0.0000000000 
_pdbx_struct_oper_list.matrix[2][1]         0.0000000000 
_pdbx_struct_oper_list.matrix[2][2]         1.0000000000 
_pdbx_struct_oper_list.matrix[2][3]         0.0000000000 
_pdbx_struct_oper_list.vector[2]            0.0000000000 
_pdbx_struct_oper_list.matrix[3][1]         0.0000000000 
_pdbx_struct_oper_list.matrix[3][2]         0.0000000000 
_pdbx_struct_oper_list.matrix[3][3]         1.0000000000 
_pdbx_struct_oper_list.vector[3]            0.0000000000 
# 
loop_
_struct_conf.conf_type_id 
_struct_conf.id 
_struct_conf.pdbx_PDB_helix_id 
_struct_conf.beg_label_comp_id 
_struct_conf.beg_label_asym_id 
_struct_conf.beg_label_seq_id 
_struct_conf.pdbx_beg_PDB_ins_code 
_struct_conf.end_label_comp_id 
_struct_conf.end_label_asym_id 
_struct_conf.end_label_seq_id 
_struct_conf.pdbx_end_PDB_ins_code 
_struct_conf.beg_auth_comp_id 
_struct_conf.beg_auth_asym_id 
_struct_conf.beg_auth_seq_id 
_struct_conf.end_auth_comp_id 
_struct_conf.end_auth_asym_id 
_struct_conf.end_auth_seq_id 
_struct_conf.pdbx_PDB_helix_class 
_struct_conf.details 
_struct_conf.pdbx_PDB_helix_length 
HELX_P HELX_P1 AA1 PRO A 14  ? ARG A 23  ? PRO A 38  ARG A 47  1 ? 10 
HELX_P HELX_P2 AA2 GLU A 27  ? TYR A 31  ? GLU A 51  TYR A 55  5 ? 5  
HELX_P HELX_P3 AA3 THR A 124 ? MET A 155 ? THR A 148 MET A 179 1 ? 32 
# 
_struct_conf_type.id          HELX_P 
_struct_conf_type.criteria    ? 
_struct_conf_type.reference   ? 
# 
_struct_conn.id                            disulf1 
_struct_conn.conn_type_id                  disulf 
_struct_conn.pdbx_leaving_atom_flag        ? 
_struct_conn.pdbx_PDB_id                   ? 
_struct_conn.ptnr1_label_asym_id           A 
_struct_conn.ptnr1_label_comp_id           CYS 
_struct_conn.ptnr1_label_seq_id            3 
_struct_conn.ptnr1_label_atom_id           SG 
_struct_conn.pdbx_ptnr1_label_alt_id       ? 
_struct_conn.pdbx_ptnr1_PDB_ins_code       ? 
_struct_conn.pdbx_ptnr1_standard_comp_id   ? 
_struct_conn.ptnr1_symmetry                1_555 
_struct_conn.ptnr2_label_asym_id           A 
_struct_conn.ptnr2_label_comp_id           CYS 
_struct_conn.ptnr2_label_seq_id            129 
_struct_conn.ptnr2_label_atom_id           SG 
_struct_conn.pdbx_ptnr2_label_alt_id       ? 
_struct_conn.pdbx_ptnr2_PDB_ins_code       ? 
_struct_conn.ptnr1_auth_asym_id            A 
_struct_conn.ptnr1_auth_comp_id            CYS 
_struct_conn.ptnr1_auth_seq_id             27 
_struct_conn.ptnr2_auth_asym_id            A 
_struct_conn.ptnr2_auth_comp_id            CYS 
_struct_conn.ptnr2_auth_seq_id             153 
_struct_conn.ptnr2_symmetry                1_555 
_struct_conn.pdbx_ptnr3_label_atom_id      ? 
_struct_conn.pdbx_ptnr3_label_seq_id       ? 
_struct_conn.pdbx_ptnr3_label_comp_id      ? 
_struct_conn.pdbx_ptnr3_label_asym_id      ? 
_struct_conn.pdbx_ptnr3_label_alt_id       ? 
_struct_conn.pdbx_ptnr3_PDB_ins_code       ? 
_struct_conn.details                       ? 
_struct_conn.pdbx_dist_value               2.029 
_struct_conn.pdbx_value_order              ? 
_struct_conn.pdbx_role                     ? 
# 
_struct_conn_type.id          disulf 
_struct_conn_type.criteria    ? 
_struct_conn_type.reference   ? 
# 
_pdbx_modification_feature.ordinal                            1 
_pdbx_modification_feature.label_comp_id                      CYS 
_pdbx_modification_feature.label_asym_id                      A 
_pdbx_modification_feature.label_seq_id                       3 
_pdbx_modification_feature.label_alt_id                       ? 
_pdbx_modification_feature.modified_residue_label_comp_id     CYS 
_pdbx_modification_feature.modified_residue_label_asym_id     A 
_pdbx_modification_feature.modified_residue_label_seq_id      129 
_pdbx_modification_feature.modified_residue_label_alt_id      ? 
_pdbx_modification_feature.auth_comp_id                       CYS 
_pdbx_modification_feature.auth_asym_id                       A 
_pdbx_modification_feature.auth_seq_id                        27 
_pdbx_modification_feature.PDB_ins_code                       ? 
_pdbx_modification_feature.symmetry                           1_555 
_pdbx_modification_feature.modified_residue_auth_comp_id      CYS 
_pdbx_modification_feature.modified_residue_auth_asym_id      A 
_pdbx_modification_feature.modified_residue_auth_seq_id       153 
_pdbx_modification_feature.modified_residue_PDB_ins_code      ? 
_pdbx_modification_feature.modified_residue_symmetry          1_555 
_pdbx_modification_feature.comp_id_linking_atom               SG 
_pdbx_modification_feature.modified_residue_id_linking_atom   SG 
_pdbx_modification_feature.modified_residue_id                . 
_pdbx_modification_feature.ref_pcm_id                         . 
_pdbx_modification_feature.ref_comp_id                        . 
_pdbx_modification_feature.type                               None 
_pdbx_modification_feature.category                           'Disulfide bridge' 
# 
_struct_sheet.id               AA1 
_struct_sheet.type             ? 
_struct_sheet.number_strands   7 
_struct_sheet.details          ? 
# 
loop_
_struct_sheet_order.sheet_id 
_struct_sheet_order.range_id_1 
_struct_sheet_order.range_id_2 
_struct_sheet_order.offset 
_struct_sheet_order.sense 
AA1 1 2 ? anti-parallel 
AA1 2 3 ? anti-parallel 
AA1 3 4 ? anti-parallel 
AA1 4 5 ? anti-parallel 
AA1 5 6 ? anti-parallel 
AA1 6 7 ? anti-parallel 
# 
loop_
_struct_sheet_range.sheet_id 
_struct_sheet_range.id 
_struct_sheet_range.beg_label_comp_id 
_struct_sheet_range.beg_label_asym_id 
_struct_sheet_range.beg_label_seq_id 
_struct_sheet_range.pdbx_beg_PDB_ins_code 
_struct_sheet_range.end_label_comp_id 
_struct_sheet_range.end_label_asym_id 
_struct_sheet_range.end_label_seq_id 
_struct_sheet_range.pdbx_end_PDB_ins_code 
_struct_sheet_range.beg_auth_comp_id 
_struct_sheet_range.beg_auth_asym_id 
_struct_sheet_range.beg_auth_seq_id 
_struct_sheet_range.end_auth_comp_id 
_struct_sheet_range.end_auth_asym_id 
_struct_sheet_range.end_auth_seq_id 
AA1 1 GLN A 2   ? ILE A 11  ? GLN A 26  ILE A 35  
AA1 2 LYS A 106 ? ASP A 118 ? LYS A 130 ASP A 142 
AA1 3 SER A 93  ? ILE A 103 ? SER A 117 ILE A 127 
AA1 4 ILE A 77  ? GLY A 85  ? ILE A 101 GLY A 109 
AA1 5 LYS A 63  ? ASP A 72  ? LYS A 87  ASP A 96  
AA1 6 VAL A 50  ? LEU A 55  ? VAL A 74  LEU A 79  
AA1 7 ILE A 35  ? VAL A 40  ? ILE A 59  VAL A 64  
# 
loop_
_pdbx_struct_sheet_hbond.sheet_id 
_pdbx_struct_sheet_hbond.range_id_1 
_pdbx_struct_sheet_hbond.range_id_2 
_pdbx_struct_sheet_hbond.range_1_label_atom_id 
_pdbx_struct_sheet_hbond.range_1_label_comp_id 
_pdbx_struct_sheet_hbond.range_1_label_asym_id 
_pdbx_struct_sheet_hbond.range_1_label_seq_id 
_pdbx_struct_sheet_hbond.range_1_PDB_ins_code 
_pdbx_struct_sheet_hbond.range_1_auth_atom_id 
_pdbx_struct_sheet_hbond.range_1_auth_comp_id 
_pdbx_struct_sheet_hbond.range_1_auth_asym_id 
_pdbx_struct_sheet_hbond.range_1_auth_seq_id 
_pdbx_struct_sheet_hbond.range_2_label_atom_id 
_pdbx_struct_sheet_hbond.range_2_label_comp_id 
_pdbx_struct_sheet_hbond.range_2_label_asym_id 
_pdbx_struct_sheet_hbond.range_2_label_seq_id 
_pdbx_struct_sheet_hbond.range_2_PDB_ins_code 
_pdbx_struct_sheet_hbond.range_2_auth_atom_id 
_pdbx_struct_sheet_hbond.range_2_auth_comp_id 
_pdbx_struct_sheet_hbond.range_2_auth_asym_id 
_pdbx_struct_sheet_hbond.range_2_auth_seq_id 
AA1 1 2 N ILE A 11  ? N ILE A 35  O THR A 109 ? O THR A 133 
AA1 2 3 O GLY A 108 ? O GLY A 132 N GLU A 101 ? N GLU A 125 
AA1 3 4 O ILE A 96  ? O ILE A 120 N LEU A 78  ? N LEU A 102 
AA1 4 5 O VAL A 83  ? O VAL A 107 N THR A 65  ? N THR A 89  
AA1 5 6 O SER A 64  ? O SER A 88  N VAL A 53  ? N VAL A 77  
AA1 6 7 O ASP A 54  ? O ASP A 78  N SER A 36  ? N SER A 60  
# 
_pdbx_entry_details.entry_id                   7MLD 
_pdbx_entry_details.has_ligand_of_interest     Y 
_pdbx_entry_details.compound_details           ? 
_pdbx_entry_details.source_details             ? 
_pdbx_entry_details.nonpolymer_details         ? 
_pdbx_entry_details.sequence_details           ? 
_pdbx_entry_details.has_protein_modification   Y 
# 
_pdbx_validate_close_contact.id               1 
_pdbx_validate_close_contact.PDB_model_num    1 
_pdbx_validate_close_contact.auth_atom_id_1   O 
_pdbx_validate_close_contact.auth_asym_id_1   A 
_pdbx_validate_close_contact.auth_comp_id_1   HOH 
_pdbx_validate_close_contact.auth_seq_id_1    319 
_pdbx_validate_close_contact.PDB_ins_code_1   ? 
_pdbx_validate_close_contact.label_alt_id_1   ? 
_pdbx_validate_close_contact.auth_atom_id_2   O 
_pdbx_validate_close_contact.auth_asym_id_2   A 
_pdbx_validate_close_contact.auth_comp_id_2   HOH 
_pdbx_validate_close_contact.auth_seq_id_2    429 
_pdbx_validate_close_contact.PDB_ins_code_2   ? 
_pdbx_validate_close_contact.label_alt_id_2   ? 
_pdbx_validate_close_contact.dist             2.19 
# 
_pdbx_validate_symm_contact.id                1 
_pdbx_validate_symm_contact.PDB_model_num     1 
_pdbx_validate_symm_contact.auth_atom_id_1    O 
_pdbx_validate_symm_contact.auth_asym_id_1    A 
_pdbx_validate_symm_contact.auth_comp_id_1    HOH 
_pdbx_validate_symm_contact.auth_seq_id_1     411 
_pdbx_validate_symm_contact.PDB_ins_code_1    ? 
_pdbx_validate_symm_contact.label_alt_id_1    ? 
_pdbx_validate_symm_contact.site_symmetry_1   1_555 
_pdbx_validate_symm_contact.auth_atom_id_2    O 
_pdbx_validate_symm_contact.auth_asym_id_2    A 
_pdbx_validate_symm_contact.auth_comp_id_2    HOH 
_pdbx_validate_symm_contact.auth_seq_id_2     490 
_pdbx_validate_symm_contact.PDB_ins_code_2    ? 
_pdbx_validate_symm_contact.label_alt_id_2    ? 
_pdbx_validate_symm_contact.site_symmetry_2   2_555 
_pdbx_validate_symm_contact.dist              2.17 
# 
loop_
_pdbx_validate_torsion.id 
_pdbx_validate_torsion.PDB_model_num 
_pdbx_validate_torsion.auth_comp_id 
_pdbx_validate_torsion.auth_asym_id 
_pdbx_validate_torsion.auth_seq_id 
_pdbx_validate_torsion.PDB_ins_code 
_pdbx_validate_torsion.label_alt_id 
_pdbx_validate_torsion.phi 
_pdbx_validate_torsion.psi 
1 1 TYR A 55  ? ? -142.53 -7.40 
2 1 ASP A 110 ? ? -97.67  36.25 
# 
loop_
_pdbx_struct_special_symmetry.id 
_pdbx_struct_special_symmetry.PDB_model_num 
_pdbx_struct_special_symmetry.auth_asym_id 
_pdbx_struct_special_symmetry.auth_comp_id 
_pdbx_struct_special_symmetry.auth_seq_id 
_pdbx_struct_special_symmetry.PDB_ins_code 
_pdbx_struct_special_symmetry.label_asym_id 
_pdbx_struct_special_symmetry.label_comp_id 
_pdbx_struct_special_symmetry.label_seq_id 
1 1 A HOH 463 ? D HOH . 
2 1 A HOH 500 ? D HOH . 
# 
loop_
_space_group_symop.id 
_space_group_symop.operation_xyz 
1 x,y,z           
2 -x,y,-z         
3 x+1/2,y+1/2,z   
4 -x+1/2,y+1/2,-z 
# 
_pdbx_distant_solvent_atoms.id                                1 
_pdbx_distant_solvent_atoms.PDB_model_num                     1 
_pdbx_distant_solvent_atoms.auth_atom_id                      O 
_pdbx_distant_solvent_atoms.label_alt_id                      ? 
_pdbx_distant_solvent_atoms.auth_asym_id                      A 
_pdbx_distant_solvent_atoms.auth_comp_id                      HOH 
_pdbx_distant_solvent_atoms.auth_seq_id                       501 
_pdbx_distant_solvent_atoms.PDB_ins_code                      ? 
_pdbx_distant_solvent_atoms.neighbor_macromolecule_distance   6.12 
_pdbx_distant_solvent_atoms.neighbor_ligand_distance          . 
# 
loop_
_pdbx_unobs_or_zero_occ_residues.id 
_pdbx_unobs_or_zero_occ_residues.PDB_model_num 
_pdbx_unobs_or_zero_occ_residues.polymer_flag 
_pdbx_unobs_or_zero_occ_residues.occupancy_flag 
_pdbx_unobs_or_zero_occ_residues.auth_asym_id 
_pdbx_unobs_or_zero_occ_residues.auth_comp_id 
_pdbx_unobs_or_zero_occ_residues.auth_seq_id 
_pdbx_unobs_or_zero_occ_residues.PDB_ins_code 
_pdbx_unobs_or_zero_occ_residues.label_asym_id 
_pdbx_unobs_or_zero_occ_residues.label_comp_id 
_pdbx_unobs_or_zero_occ_residues.label_seq_id 
1 1 Y 1 A LYS 67  ? A LYS 43  
2 1 Y 1 A LYS 68  ? A LYS 44  
3 1 Y 1 A GLU 180 ? A GLU 156 
4 1 Y 1 A LYS 181 ? A LYS 157 
5 1 Y 1 A LYS 182 ? A LYS 158 
6 1 Y 1 A ILE 183 ? A ILE 159 
# 
loop_
_chem_comp_atom.comp_id 
_chem_comp_atom.atom_id 
_chem_comp_atom.type_symbol 
_chem_comp_atom.pdbx_aromatic_flag 
_chem_comp_atom.pdbx_stereo_config 
_chem_comp_atom.pdbx_ordinal 
ALA N    N N N 1   
ALA CA   C N S 2   
ALA C    C N N 3   
ALA O    O N N 4   
ALA CB   C N N 5   
ALA OXT  O N N 6   
ALA H    H N N 7   
ALA H2   H N N 8   
ALA HA   H N N 9   
ALA HB1  H N N 10  
ALA HB2  H N N 11  
ALA HB3  H N N 12  
ALA HXT  H N N 13  
ARG N    N N N 14  
ARG CA   C N S 15  
ARG C    C N N 16  
ARG O    O N N 17  
ARG CB   C N N 18  
ARG CG   C N N 19  
ARG CD   C N N 20  
ARG NE   N N N 21  
ARG CZ   C N N 22  
ARG NH1  N N N 23  
ARG NH2  N N N 24  
ARG OXT  O N N 25  
ARG H    H N N 26  
ARG H2   H N N 27  
ARG HA   H N N 28  
ARG HB2  H N N 29  
ARG HB3  H N N 30  
ARG HG2  H N N 31  
ARG HG3  H N N 32  
ARG HD2  H N N 33  
ARG HD3  H N N 34  
ARG HE   H N N 35  
ARG HH11 H N N 36  
ARG HH12 H N N 37  
ARG HH21 H N N 38  
ARG HH22 H N N 39  
ARG HXT  H N N 40  
ASN N    N N N 41  
ASN CA   C N S 42  
ASN C    C N N 43  
ASN O    O N N 44  
ASN CB   C N N 45  
ASN CG   C N N 46  
ASN OD1  O N N 47  
ASN ND2  N N N 48  
ASN OXT  O N N 49  
ASN H    H N N 50  
ASN H2   H N N 51  
ASN HA   H N N 52  
ASN HB2  H N N 53  
ASN HB3  H N N 54  
ASN HD21 H N N 55  
ASN HD22 H N N 56  
ASN HXT  H N N 57  
ASP N    N N N 58  
ASP CA   C N S 59  
ASP C    C N N 60  
ASP O    O N N 61  
ASP CB   C N N 62  
ASP CG   C N N 63  
ASP OD1  O N N 64  
ASP OD2  O N N 65  
ASP OXT  O N N 66  
ASP H    H N N 67  
ASP H2   H N N 68  
ASP HA   H N N 69  
ASP HB2  H N N 70  
ASP HB3  H N N 71  
ASP HD2  H N N 72  
ASP HXT  H N N 73  
CIT C1   C N N 74  
CIT O1   O N N 75  
CIT O2   O N N 76  
CIT C2   C N N 77  
CIT C3   C N N 78  
CIT O7   O N N 79  
CIT C4   C N N 80  
CIT C5   C N N 81  
CIT O3   O N N 82  
CIT O4   O N N 83  
CIT C6   C N N 84  
CIT O5   O N N 85  
CIT O6   O N N 86  
CIT HO2  H N N 87  
CIT H21  H N N 88  
CIT H22  H N N 89  
CIT HO7  H N N 90  
CIT H41  H N N 91  
CIT H42  H N N 92  
CIT HO4  H N N 93  
CIT HO6  H N N 94  
CYS N    N N N 95  
CYS CA   C N R 96  
CYS C    C N N 97  
CYS O    O N N 98  
CYS CB   C N N 99  
CYS SG   S N N 100 
CYS OXT  O N N 101 
CYS H    H N N 102 
CYS H2   H N N 103 
CYS HA   H N N 104 
CYS HB2  H N N 105 
CYS HB3  H N N 106 
CYS HG   H N N 107 
CYS HXT  H N N 108 
GLN N    N N N 109 
GLN CA   C N S 110 
GLN C    C N N 111 
GLN O    O N N 112 
GLN CB   C N N 113 
GLN CG   C N N 114 
GLN CD   C N N 115 
GLN OE1  O N N 116 
GLN NE2  N N N 117 
GLN OXT  O N N 118 
GLN H    H N N 119 
GLN H2   H N N 120 
GLN HA   H N N 121 
GLN HB2  H N N 122 
GLN HB3  H N N 123 
GLN HG2  H N N 124 
GLN HG3  H N N 125 
GLN HE21 H N N 126 
GLN HE22 H N N 127 
GLN HXT  H N N 128 
GLU N    N N N 129 
GLU CA   C N S 130 
GLU C    C N N 131 
GLU O    O N N 132 
GLU CB   C N N 133 
GLU CG   C N N 134 
GLU CD   C N N 135 
GLU OE1  O N N 136 
GLU OE2  O N N 137 
GLU OXT  O N N 138 
GLU H    H N N 139 
GLU H2   H N N 140 
GLU HA   H N N 141 
GLU HB2  H N N 142 
GLU HB3  H N N 143 
GLU HG2  H N N 144 
GLU HG3  H N N 145 
GLU HE2  H N N 146 
GLU HXT  H N N 147 
GLY N    N N N 148 
GLY CA   C N N 149 
GLY C    C N N 150 
GLY O    O N N 151 
GLY OXT  O N N 152 
GLY H    H N N 153 
GLY H2   H N N 154 
GLY HA2  H N N 155 
GLY HA3  H N N 156 
GLY HXT  H N N 157 
HIS N    N N N 158 
HIS CA   C N S 159 
HIS C    C N N 160 
HIS O    O N N 161 
HIS CB   C N N 162 
HIS CG   C Y N 163 
HIS ND1  N Y N 164 
HIS CD2  C Y N 165 
HIS CE1  C Y N 166 
HIS NE2  N Y N 167 
HIS OXT  O N N 168 
HIS H    H N N 169 
HIS H2   H N N 170 
HIS HA   H N N 171 
HIS HB2  H N N 172 
HIS HB3  H N N 173 
HIS HD1  H N N 174 
HIS HD2  H N N 175 
HIS HE1  H N N 176 
HIS HE2  H N N 177 
HIS HXT  H N N 178 
HOH O    O N N 179 
HOH H1   H N N 180 
HOH H2   H N N 181 
ILE N    N N N 182 
ILE CA   C N S 183 
ILE C    C N N 184 
ILE O    O N N 185 
ILE CB   C N S 186 
ILE CG1  C N N 187 
ILE CG2  C N N 188 
ILE CD1  C N N 189 
ILE OXT  O N N 190 
ILE H    H N N 191 
ILE H2   H N N 192 
ILE HA   H N N 193 
ILE HB   H N N 194 
ILE HG12 H N N 195 
ILE HG13 H N N 196 
ILE HG21 H N N 197 
ILE HG22 H N N 198 
ILE HG23 H N N 199 
ILE HD11 H N N 200 
ILE HD12 H N N 201 
ILE HD13 H N N 202 
ILE HXT  H N N 203 
LEU N    N N N 204 
LEU CA   C N S 205 
LEU C    C N N 206 
LEU O    O N N 207 
LEU CB   C N N 208 
LEU CG   C N N 209 
LEU CD1  C N N 210 
LEU CD2  C N N 211 
LEU OXT  O N N 212 
LEU H    H N N 213 
LEU H2   H N N 214 
LEU HA   H N N 215 
LEU HB2  H N N 216 
LEU HB3  H N N 217 
LEU HG   H N N 218 
LEU HD11 H N N 219 
LEU HD12 H N N 220 
LEU HD13 H N N 221 
LEU HD21 H N N 222 
LEU HD22 H N N 223 
LEU HD23 H N N 224 
LEU HXT  H N N 225 
LYS N    N N N 226 
LYS CA   C N S 227 
LYS C    C N N 228 
LYS O    O N N 229 
LYS CB   C N N 230 
LYS CG   C N N 231 
LYS CD   C N N 232 
LYS CE   C N N 233 
LYS NZ   N N N 234 
LYS OXT  O N N 235 
LYS H    H N N 236 
LYS H2   H N N 237 
LYS HA   H N N 238 
LYS HB2  H N N 239 
LYS HB3  H N N 240 
LYS HG2  H N N 241 
LYS HG3  H N N 242 
LYS HD2  H N N 243 
LYS HD3  H N N 244 
LYS HE2  H N N 245 
LYS HE3  H N N 246 
LYS HZ1  H N N 247 
LYS HZ2  H N N 248 
LYS HZ3  H N N 249 
LYS HXT  H N N 250 
MET N    N N N 251 
MET CA   C N S 252 
MET C    C N N 253 
MET O    O N N 254 
MET CB   C N N 255 
MET CG   C N N 256 
MET SD   S N N 257 
MET CE   C N N 258 
MET OXT  O N N 259 
MET H    H N N 260 
MET H2   H N N 261 
MET HA   H N N 262 
MET HB2  H N N 263 
MET HB3  H N N 264 
MET HG2  H N N 265 
MET HG3  H N N 266 
MET HE1  H N N 267 
MET HE2  H N N 268 
MET HE3  H N N 269 
MET HXT  H N N 270 
PHE N    N N N 271 
PHE CA   C N S 272 
PHE C    C N N 273 
PHE O    O N N 274 
PHE CB   C N N 275 
PHE CG   C Y N 276 
PHE CD1  C Y N 277 
PHE CD2  C Y N 278 
PHE CE1  C Y N 279 
PHE CE2  C Y N 280 
PHE CZ   C Y N 281 
PHE OXT  O N N 282 
PHE H    H N N 283 
PHE H2   H N N 284 
PHE HA   H N N 285 
PHE HB2  H N N 286 
PHE HB3  H N N 287 
PHE HD1  H N N 288 
PHE HD2  H N N 289 
PHE HE1  H N N 290 
PHE HE2  H N N 291 
PHE HZ   H N N 292 
PHE HXT  H N N 293 
PRO N    N N N 294 
PRO CA   C N S 295 
PRO C    C N N 296 
PRO O    O N N 297 
PRO CB   C N N 298 
PRO CG   C N N 299 
PRO CD   C N N 300 
PRO OXT  O N N 301 
PRO H    H N N 302 
PRO HA   H N N 303 
PRO HB2  H N N 304 
PRO HB3  H N N 305 
PRO HG2  H N N 306 
PRO HG3  H N N 307 
PRO HD2  H N N 308 
PRO HD3  H N N 309 
PRO HXT  H N N 310 
SER N    N N N 311 
SER CA   C N S 312 
SER C    C N N 313 
SER O    O N N 314 
SER CB   C N N 315 
SER OG   O N N 316 
SER OXT  O N N 317 
SER H    H N N 318 
SER H2   H N N 319 
SER HA   H N N 320 
SER HB2  H N N 321 
SER HB3  H N N 322 
SER HG   H N N 323 
SER HXT  H N N 324 
THR N    N N N 325 
THR CA   C N S 326 
THR C    C N N 327 
THR O    O N N 328 
THR CB   C N R 329 
THR OG1  O N N 330 
THR CG2  C N N 331 
THR OXT  O N N 332 
THR H    H N N 333 
THR H2   H N N 334 
THR HA   H N N 335 
THR HB   H N N 336 
THR HG1  H N N 337 
THR HG21 H N N 338 
THR HG22 H N N 339 
THR HG23 H N N 340 
THR HXT  H N N 341 
TRP N    N N N 342 
TRP CA   C N S 343 
TRP C    C N N 344 
TRP O    O N N 345 
TRP CB   C N N 346 
TRP CG   C Y N 347 
TRP CD1  C Y N 348 
TRP CD2  C Y N 349 
TRP NE1  N Y N 350 
TRP CE2  C Y N 351 
TRP CE3  C Y N 352 
TRP CZ2  C Y N 353 
TRP CZ3  C Y N 354 
TRP CH2  C Y N 355 
TRP OXT  O N N 356 
TRP H    H N N 357 
TRP H2   H N N 358 
TRP HA   H N N 359 
TRP HB2  H N N 360 
TRP HB3  H N N 361 
TRP HD1  H N N 362 
TRP HE1  H N N 363 
TRP HE3  H N N 364 
TRP HZ2  H N N 365 
TRP HZ3  H N N 366 
TRP HH2  H N N 367 
TRP HXT  H N N 368 
TYR N    N N N 369 
TYR CA   C N S 370 
TYR C    C N N 371 
TYR O    O N N 372 
TYR CB   C N N 373 
TYR CG   C Y N 374 
TYR CD1  C Y N 375 
TYR CD2  C Y N 376 
TYR CE1  C Y N 377 
TYR CE2  C Y N 378 
TYR CZ   C Y N 379 
TYR OH   O N N 380 
TYR OXT  O N N 381 
TYR H    H N N 382 
TYR H2   H N N 383 
TYR HA   H N N 384 
TYR HB2  H N N 385 
TYR HB3  H N N 386 
TYR HD1  H N N 387 
TYR HD2  H N N 388 
TYR HE1  H N N 389 
TYR HE2  H N N 390 
TYR HH   H N N 391 
TYR HXT  H N N 392 
VAL N    N N N 393 
VAL CA   C N S 394 
VAL C    C N N 395 
VAL O    O N N 396 
VAL CB   C N N 397 
VAL CG1  C N N 398 
VAL CG2  C N N 399 
VAL OXT  O N N 400 
VAL H    H N N 401 
VAL H2   H N N 402 
VAL HA   H N N 403 
VAL HB   H N N 404 
VAL HG11 H N N 405 
VAL HG12 H N N 406 
VAL HG13 H N N 407 
VAL HG21 H N N 408 
VAL HG22 H N N 409 
VAL HG23 H N N 410 
VAL HXT  H N N 411 
ZLG CAA  C Y N 412 
ZLG CAB  C Y N 413 
ZLG CAC  C Y N 414 
ZLG CAD  C Y N 415 
ZLG CAE  C Y N 416 
ZLG CAF  C Y N 417 
ZLG CAG  C Y N 418 
ZLG CAI  C Y N 419 
ZLG CAJ  C Y N 420 
ZLG CAK  C N N 421 
ZLG CAN  C N N 422 
ZLG CAQ  C Y N 423 
ZLG CAR  C Y N 424 
ZLG CAT  C Y N 425 
ZLG CAU  C Y N 426 
ZLG CAV  C Y N 427 
ZLG CAW  C Y N 428 
ZLG CAX  C Y N 429 
ZLG CAY  C Y N 430 
ZLG CAZ  C N N 431 
ZLG CBA  C N N 432 
ZLG CBB  C N N 433 
ZLG CBC  C N N 434 
ZLG CBD  C N N 435 
ZLG CBE  C N N 436 
ZLG CBF  C N N 437 
ZLG CBG  C N N 438 
ZLG CBJ  C N N 439 
ZLG CBK  C N N 440 
ZLG CBL  C N N 441 
ZLG CBM  C N N 442 
ZLG CBN  C N N 443 
ZLG CBO  C N N 444 
ZLG CBP  C N N 445 
ZLG FBS  F N N 446 
ZLG NAH  N Y N 447 
ZLG NAL  N N N 448 
ZLG NAO  N Y N 449 
ZLG NAP  N Y N 450 
ZLG NAS  N Y N 451 
ZLG NBH  N N N 452 
ZLG OAM  O N N 453 
ZLG OBI  O N N 454 
ZLG OBQ  O N N 455 
ZLG OBR  O N N 456 
ZLG H1   H N N 457 
ZLG H2   H N N 458 
ZLG H3   H N N 459 
ZLG H4   H N N 460 
ZLG H5   H N N 461 
ZLG H6   H N N 462 
ZLG H7   H N N 463 
ZLG H8   H N N 464 
ZLG H9   H N N 465 
ZLG H10  H N N 466 
ZLG H11  H N N 467 
ZLG H12  H N N 468 
ZLG H13  H N N 469 
ZLG H14  H N N 470 
ZLG H15  H N N 471 
ZLG H16  H N N 472 
ZLG H17  H N N 473 
ZLG H18  H N N 474 
ZLG H19  H N N 475 
ZLG H20  H N N 476 
ZLG H21  H N N 477 
ZLG H22  H N N 478 
ZLG H23  H N N 479 
ZLG H24  H N N 480 
ZLG H25  H N N 481 
ZLG H26  H N N 482 
ZLG H27  H N N 483 
ZLG H28  H N N 484 
ZLG H29  H N N 485 
ZLG H30  H N N 486 
ZLG H31  H N N 487 
ZLG H32  H N N 488 
ZLG H33  H N N 489 
ZLG H34  H N N 490 
ZLG H35  H N N 491 
# 
loop_
_chem_comp_bond.comp_id 
_chem_comp_bond.atom_id_1 
_chem_comp_bond.atom_id_2 
_chem_comp_bond.value_order 
_chem_comp_bond.pdbx_aromatic_flag 
_chem_comp_bond.pdbx_stereo_config 
_chem_comp_bond.pdbx_ordinal 
ALA N   CA   sing N N 1   
ALA N   H    sing N N 2   
ALA N   H2   sing N N 3   
ALA CA  C    sing N N 4   
ALA CA  CB   sing N N 5   
ALA CA  HA   sing N N 6   
ALA C   O    doub N N 7   
ALA C   OXT  sing N N 8   
ALA CB  HB1  sing N N 9   
ALA CB  HB2  sing N N 10  
ALA CB  HB3  sing N N 11  
ALA OXT HXT  sing N N 12  
ARG N   CA   sing N N 13  
ARG N   H    sing N N 14  
ARG N   H2   sing N N 15  
ARG CA  C    sing N N 16  
ARG CA  CB   sing N N 17  
ARG CA  HA   sing N N 18  
ARG C   O    doub N N 19  
ARG C   OXT  sing N N 20  
ARG CB  CG   sing N N 21  
ARG CB  HB2  sing N N 22  
ARG CB  HB3  sing N N 23  
ARG CG  CD   sing N N 24  
ARG CG  HG2  sing N N 25  
ARG CG  HG3  sing N N 26  
ARG CD  NE   sing N N 27  
ARG CD  HD2  sing N N 28  
ARG CD  HD3  sing N N 29  
ARG NE  CZ   sing N N 30  
ARG NE  HE   sing N N 31  
ARG CZ  NH1  sing N N 32  
ARG CZ  NH2  doub N N 33  
ARG NH1 HH11 sing N N 34  
ARG NH1 HH12 sing N N 35  
ARG NH2 HH21 sing N N 36  
ARG NH2 HH22 sing N N 37  
ARG OXT HXT  sing N N 38  
ASN N   CA   sing N N 39  
ASN N   H    sing N N 40  
ASN N   H2   sing N N 41  
ASN CA  C    sing N N 42  
ASN CA  CB   sing N N 43  
ASN CA  HA   sing N N 44  
ASN C   O    doub N N 45  
ASN C   OXT  sing N N 46  
ASN CB  CG   sing N N 47  
ASN CB  HB2  sing N N 48  
ASN CB  HB3  sing N N 49  
ASN CG  OD1  doub N N 50  
ASN CG  ND2  sing N N 51  
ASN ND2 HD21 sing N N 52  
ASN ND2 HD22 sing N N 53  
ASN OXT HXT  sing N N 54  
ASP N   CA   sing N N 55  
ASP N   H    sing N N 56  
ASP N   H2   sing N N 57  
ASP CA  C    sing N N 58  
ASP CA  CB   sing N N 59  
ASP CA  HA   sing N N 60  
ASP C   O    doub N N 61  
ASP C   OXT  sing N N 62  
ASP CB  CG   sing N N 63  
ASP CB  HB2  sing N N 64  
ASP CB  HB3  sing N N 65  
ASP CG  OD1  doub N N 66  
ASP CG  OD2  sing N N 67  
ASP OD2 HD2  sing N N 68  
ASP OXT HXT  sing N N 69  
CIT C1  O1   doub N N 70  
CIT C1  O2   sing N N 71  
CIT C1  C2   sing N N 72  
CIT O2  HO2  sing N N 73  
CIT C2  C3   sing N N 74  
CIT C2  H21  sing N N 75  
CIT C2  H22  sing N N 76  
CIT C3  O7   sing N N 77  
CIT C3  C4   sing N N 78  
CIT C3  C6   sing N N 79  
CIT O7  HO7  sing N N 80  
CIT C4  C5   sing N N 81  
CIT C4  H41  sing N N 82  
CIT C4  H42  sing N N 83  
CIT C5  O3   doub N N 84  
CIT C5  O4   sing N N 85  
CIT O4  HO4  sing N N 86  
CIT C6  O5   doub N N 87  
CIT C6  O6   sing N N 88  
CIT O6  HO6  sing N N 89  
CYS N   CA   sing N N 90  
CYS N   H    sing N N 91  
CYS N   H2   sing N N 92  
CYS CA  C    sing N N 93  
CYS CA  CB   sing N N 94  
CYS CA  HA   sing N N 95  
CYS C   O    doub N N 96  
CYS C   OXT  sing N N 97  
CYS CB  SG   sing N N 98  
CYS CB  HB2  sing N N 99  
CYS CB  HB3  sing N N 100 
CYS SG  HG   sing N N 101 
CYS OXT HXT  sing N N 102 
GLN N   CA   sing N N 103 
GLN N   H    sing N N 104 
GLN N   H2   sing N N 105 
GLN CA  C    sing N N 106 
GLN CA  CB   sing N N 107 
GLN CA  HA   sing N N 108 
GLN C   O    doub N N 109 
GLN C   OXT  sing N N 110 
GLN CB  CG   sing N N 111 
GLN CB  HB2  sing N N 112 
GLN CB  HB3  sing N N 113 
GLN CG  CD   sing N N 114 
GLN CG  HG2  sing N N 115 
GLN CG  HG3  sing N N 116 
GLN CD  OE1  doub N N 117 
GLN CD  NE2  sing N N 118 
GLN NE2 HE21 sing N N 119 
GLN NE2 HE22 sing N N 120 
GLN OXT HXT  sing N N 121 
GLU N   CA   sing N N 122 
GLU N   H    sing N N 123 
GLU N   H2   sing N N 124 
GLU CA  C    sing N N 125 
GLU CA  CB   sing N N 126 
GLU CA  HA   sing N N 127 
GLU C   O    doub N N 128 
GLU C   OXT  sing N N 129 
GLU CB  CG   sing N N 130 
GLU CB  HB2  sing N N 131 
GLU CB  HB3  sing N N 132 
GLU CG  CD   sing N N 133 
GLU CG  HG2  sing N N 134 
GLU CG  HG3  sing N N 135 
GLU CD  OE1  doub N N 136 
GLU CD  OE2  sing N N 137 
GLU OE2 HE2  sing N N 138 
GLU OXT HXT  sing N N 139 
GLY N   CA   sing N N 140 
GLY N   H    sing N N 141 
GLY N   H2   sing N N 142 
GLY CA  C    sing N N 143 
GLY CA  HA2  sing N N 144 
GLY CA  HA3  sing N N 145 
GLY C   O    doub N N 146 
GLY C   OXT  sing N N 147 
GLY OXT HXT  sing N N 148 
HIS N   CA   sing N N 149 
HIS N   H    sing N N 150 
HIS N   H2   sing N N 151 
HIS CA  C    sing N N 152 
HIS CA  CB   sing N N 153 
HIS CA  HA   sing N N 154 
HIS C   O    doub N N 155 
HIS C   OXT  sing N N 156 
HIS CB  CG   sing N N 157 
HIS CB  HB2  sing N N 158 
HIS CB  HB3  sing N N 159 
HIS CG  ND1  sing Y N 160 
HIS CG  CD2  doub Y N 161 
HIS ND1 CE1  doub Y N 162 
HIS ND1 HD1  sing N N 163 
HIS CD2 NE2  sing Y N 164 
HIS CD2 HD2  sing N N 165 
HIS CE1 NE2  sing Y N 166 
HIS CE1 HE1  sing N N 167 
HIS NE2 HE2  sing N N 168 
HIS OXT HXT  sing N N 169 
HOH O   H1   sing N N 170 
HOH O   H2   sing N N 171 
ILE N   CA   sing N N 172 
ILE N   H    sing N N 173 
ILE N   H2   sing N N 174 
ILE CA  C    sing N N 175 
ILE CA  CB   sing N N 176 
ILE CA  HA   sing N N 177 
ILE C   O    doub N N 178 
ILE C   OXT  sing N N 179 
ILE CB  CG1  sing N N 180 
ILE CB  CG2  sing N N 181 
ILE CB  HB   sing N N 182 
ILE CG1 CD1  sing N N 183 
ILE CG1 HG12 sing N N 184 
ILE CG1 HG13 sing N N 185 
ILE CG2 HG21 sing N N 186 
ILE CG2 HG22 sing N N 187 
ILE CG2 HG23 sing N N 188 
ILE CD1 HD11 sing N N 189 
ILE CD1 HD12 sing N N 190 
ILE CD1 HD13 sing N N 191 
ILE OXT HXT  sing N N 192 
LEU N   CA   sing N N 193 
LEU N   H    sing N N 194 
LEU N   H2   sing N N 195 
LEU CA  C    sing N N 196 
LEU CA  CB   sing N N 197 
LEU CA  HA   sing N N 198 
LEU C   O    doub N N 199 
LEU C   OXT  sing N N 200 
LEU CB  CG   sing N N 201 
LEU CB  HB2  sing N N 202 
LEU CB  HB3  sing N N 203 
LEU CG  CD1  sing N N 204 
LEU CG  CD2  sing N N 205 
LEU CG  HG   sing N N 206 
LEU CD1 HD11 sing N N 207 
LEU CD1 HD12 sing N N 208 
LEU CD1 HD13 sing N N 209 
LEU CD2 HD21 sing N N 210 
LEU CD2 HD22 sing N N 211 
LEU CD2 HD23 sing N N 212 
LEU OXT HXT  sing N N 213 
LYS N   CA   sing N N 214 
LYS N   H    sing N N 215 
LYS N   H2   sing N N 216 
LYS CA  C    sing N N 217 
LYS CA  CB   sing N N 218 
LYS CA  HA   sing N N 219 
LYS C   O    doub N N 220 
LYS C   OXT  sing N N 221 
LYS CB  CG   sing N N 222 
LYS CB  HB2  sing N N 223 
LYS CB  HB3  sing N N 224 
LYS CG  CD   sing N N 225 
LYS CG  HG2  sing N N 226 
LYS CG  HG3  sing N N 227 
LYS CD  CE   sing N N 228 
LYS CD  HD2  sing N N 229 
LYS CD  HD3  sing N N 230 
LYS CE  NZ   sing N N 231 
LYS CE  HE2  sing N N 232 
LYS CE  HE3  sing N N 233 
LYS NZ  HZ1  sing N N 234 
LYS NZ  HZ2  sing N N 235 
LYS NZ  HZ3  sing N N 236 
LYS OXT HXT  sing N N 237 
MET N   CA   sing N N 238 
MET N   H    sing N N 239 
MET N   H2   sing N N 240 
MET CA  C    sing N N 241 
MET CA  CB   sing N N 242 
MET CA  HA   sing N N 243 
MET C   O    doub N N 244 
MET C   OXT  sing N N 245 
MET CB  CG   sing N N 246 
MET CB  HB2  sing N N 247 
MET CB  HB3  sing N N 248 
MET CG  SD   sing N N 249 
MET CG  HG2  sing N N 250 
MET CG  HG3  sing N N 251 
MET SD  CE   sing N N 252 
MET CE  HE1  sing N N 253 
MET CE  HE2  sing N N 254 
MET CE  HE3  sing N N 255 
MET OXT HXT  sing N N 256 
PHE N   CA   sing N N 257 
PHE N   H    sing N N 258 
PHE N   H2   sing N N 259 
PHE CA  C    sing N N 260 
PHE CA  CB   sing N N 261 
PHE CA  HA   sing N N 262 
PHE C   O    doub N N 263 
PHE C   OXT  sing N N 264 
PHE CB  CG   sing N N 265 
PHE CB  HB2  sing N N 266 
PHE CB  HB3  sing N N 267 
PHE CG  CD1  doub Y N 268 
PHE CG  CD2  sing Y N 269 
PHE CD1 CE1  sing Y N 270 
PHE CD1 HD1  sing N N 271 
PHE CD2 CE2  doub Y N 272 
PHE CD2 HD2  sing N N 273 
PHE CE1 CZ   doub Y N 274 
PHE CE1 HE1  sing N N 275 
PHE CE2 CZ   sing Y N 276 
PHE CE2 HE2  sing N N 277 
PHE CZ  HZ   sing N N 278 
PHE OXT HXT  sing N N 279 
PRO N   CA   sing N N 280 
PRO N   CD   sing N N 281 
PRO N   H    sing N N 282 
PRO CA  C    sing N N 283 
PRO CA  CB   sing N N 284 
PRO CA  HA   sing N N 285 
PRO C   O    doub N N 286 
PRO C   OXT  sing N N 287 
PRO CB  CG   sing N N 288 
PRO CB  HB2  sing N N 289 
PRO CB  HB3  sing N N 290 
PRO CG  CD   sing N N 291 
PRO CG  HG2  sing N N 292 
PRO CG  HG3  sing N N 293 
PRO CD  HD2  sing N N 294 
PRO CD  HD3  sing N N 295 
PRO OXT HXT  sing N N 296 
SER N   CA   sing N N 297 
SER N   H    sing N N 298 
SER N   H2   sing N N 299 
SER CA  C    sing N N 300 
SER CA  CB   sing N N 301 
SER CA  HA   sing N N 302 
SER C   O    doub N N 303 
SER C   OXT  sing N N 304 
SER CB  OG   sing N N 305 
SER CB  HB2  sing N N 306 
SER CB  HB3  sing N N 307 
SER OG  HG   sing N N 308 
SER OXT HXT  sing N N 309 
THR N   CA   sing N N 310 
THR N   H    sing N N 311 
THR N   H2   sing N N 312 
THR CA  C    sing N N 313 
THR CA  CB   sing N N 314 
THR CA  HA   sing N N 315 
THR C   O    doub N N 316 
THR C   OXT  sing N N 317 
THR CB  OG1  sing N N 318 
THR CB  CG2  sing N N 319 
THR CB  HB   sing N N 320 
THR OG1 HG1  sing N N 321 
THR CG2 HG21 sing N N 322 
THR CG2 HG22 sing N N 323 
THR CG2 HG23 sing N N 324 
THR OXT HXT  sing N N 325 
TRP N   CA   sing N N 326 
TRP N   H    sing N N 327 
TRP N   H2   sing N N 328 
TRP CA  C    sing N N 329 
TRP CA  CB   sing N N 330 
TRP CA  HA   sing N N 331 
TRP C   O    doub N N 332 
TRP C   OXT  sing N N 333 
TRP CB  CG   sing N N 334 
TRP CB  HB2  sing N N 335 
TRP CB  HB3  sing N N 336 
TRP CG  CD1  doub Y N 337 
TRP CG  CD2  sing Y N 338 
TRP CD1 NE1  sing Y N 339 
TRP CD1 HD1  sing N N 340 
TRP CD2 CE2  doub Y N 341 
TRP CD2 CE3  sing Y N 342 
TRP NE1 CE2  sing Y N 343 
TRP NE1 HE1  sing N N 344 
TRP CE2 CZ2  sing Y N 345 
TRP CE3 CZ3  doub Y N 346 
TRP CE3 HE3  sing N N 347 
TRP CZ2 CH2  doub Y N 348 
TRP CZ2 HZ2  sing N N 349 
TRP CZ3 CH2  sing Y N 350 
TRP CZ3 HZ3  sing N N 351 
TRP CH2 HH2  sing N N 352 
TRP OXT HXT  sing N N 353 
TYR N   CA   sing N N 354 
TYR N   H    sing N N 355 
TYR N   H2   sing N N 356 
TYR CA  C    sing N N 357 
TYR CA  CB   sing N N 358 
TYR CA  HA   sing N N 359 
TYR C   O    doub N N 360 
TYR C   OXT  sing N N 361 
TYR CB  CG   sing N N 362 
TYR CB  HB2  sing N N 363 
TYR CB  HB3  sing N N 364 
TYR CG  CD1  doub Y N 365 
TYR CG  CD2  sing Y N 366 
TYR CD1 CE1  sing Y N 367 
TYR CD1 HD1  sing N N 368 
TYR CD2 CE2  doub Y N 369 
TYR CD2 HD2  sing N N 370 
TYR CE1 CZ   doub Y N 371 
TYR CE1 HE1  sing N N 372 
TYR CE2 CZ   sing Y N 373 
TYR CE2 HE2  sing N N 374 
TYR CZ  OH   sing N N 375 
TYR OH  HH   sing N N 376 
TYR OXT HXT  sing N N 377 
VAL N   CA   sing N N 378 
VAL N   H    sing N N 379 
VAL N   H2   sing N N 380 
VAL CA  C    sing N N 381 
VAL CA  CB   sing N N 382 
VAL CA  HA   sing N N 383 
VAL C   O    doub N N 384 
VAL C   OXT  sing N N 385 
VAL CB  CG1  sing N N 386 
VAL CB  CG2  sing N N 387 
VAL CB  HB   sing N N 388 
VAL CG1 HG11 sing N N 389 
VAL CG1 HG12 sing N N 390 
VAL CG1 HG13 sing N N 391 
VAL CG2 HG21 sing N N 392 
VAL CG2 HG22 sing N N 393 
VAL CG2 HG23 sing N N 394 
VAL OXT HXT  sing N N 395 
ZLG CBM CBN  sing N N 396 
ZLG CBM CBJ  sing N N 397 
ZLG OBQ CBP  doub N N 398 
ZLG OBR CBP  sing N N 399 
ZLG CBP CBJ  sing N N 400 
ZLG CBN CBO  sing N N 401 
ZLG CBJ CBL  sing N N 402 
ZLG CBJ NBH  sing N N 403 
ZLG CBB CBA  sing N N 404 
ZLG CBB CAZ  sing N N 405 
ZLG CBO CBK  sing N N 406 
ZLG CBA CAZ  sing N N 407 
ZLG CBL CBK  sing N N 408 
ZLG NBH CBG  sing N N 409 
ZLG CAZ CAU  sing N N 410 
ZLG CBG OBI  doub N N 411 
ZLG CBG CBF  sing N N 412 
ZLG CAY CAU  doub Y N 413 
ZLG CAY CAX  sing Y N 414 
ZLG CBF CAX  sing N N 415 
ZLG CAU CAT  sing Y N 416 
ZLG CAJ CAG  doub Y N 417 
ZLG CAJ CAI  sing Y N 418 
ZLG CAG CAF  sing Y N 419 
ZLG OAM CAK  doub N N 420 
ZLG CAX CAW  doub Y N 421 
ZLG CAK CAI  sing N N 422 
ZLG CAK NAL  sing N N 423 
ZLG CAI NAH  doub Y N 424 
ZLG CAT NAS  sing N N 425 
ZLG CAT CAV  doub Y N 426 
ZLG CAF CAA  doub Y N 427 
ZLG CAF CAE  sing Y N 428 
ZLG CAA CAB  sing Y N 429 
ZLG CAR NAS  sing Y N 430 
ZLG CAR CAQ  doub Y N 431 
ZLG CAW CAV  sing Y N 432 
ZLG NAS NAO  sing Y N 433 
ZLG CAV CBC  sing N N 434 
ZLG CAQ CAN  sing N N 435 
ZLG CAQ NAP  sing Y N 436 
ZLG NAH CAE  sing Y N 437 
ZLG NAL CAN  sing N N 438 
ZLG CAE CAD  doub Y N 439 
ZLG NAO NAP  doub Y N 440 
ZLG CAB FBS  sing N N 441 
ZLG CAB CAC  doub Y N 442 
ZLG CBC CBD  sing N N 443 
ZLG CBC CBE  sing N N 444 
ZLG CAD CAC  sing Y N 445 
ZLG CBD CBE  sing N N 446 
ZLG CAA H1   sing N N 447 
ZLG CAC H2   sing N N 448 
ZLG CAD H3   sing N N 449 
ZLG CAG H4   sing N N 450 
ZLG CAJ H5   sing N N 451 
ZLG CAN H6   sing N N 452 
ZLG CAN H7   sing N N 453 
ZLG CAR H8   sing N N 454 
ZLG CAW H9   sing N N 455 
ZLG CAY H10  sing N N 456 
ZLG CAZ H11  sing N N 457 
ZLG CBA H12  sing N N 458 
ZLG CBA H13  sing N N 459 
ZLG CBB H14  sing N N 460 
ZLG CBB H15  sing N N 461 
ZLG CBC H16  sing N N 462 
ZLG CBD H17  sing N N 463 
ZLG CBD H18  sing N N 464 
ZLG CBE H19  sing N N 465 
ZLG CBE H20  sing N N 466 
ZLG CBF H21  sing N N 467 
ZLG CBF H22  sing N N 468 
ZLG CBK H23  sing N N 469 
ZLG CBK H24  sing N N 470 
ZLG CBL H25  sing N N 471 
ZLG CBL H26  sing N N 472 
ZLG CBM H27  sing N N 473 
ZLG CBM H28  sing N N 474 
ZLG CBN H29  sing N N 475 
ZLG CBN H30  sing N N 476 
ZLG CBO H31  sing N N 477 
ZLG CBO H32  sing N N 478 
ZLG NAL H33  sing N N 479 
ZLG NBH H34  sing N N 480 
ZLG OBR H35  sing N N 481 
# 
_pdbx_audit_support.funding_organization   'National Science Foundation (NSF, China)' 
_pdbx_audit_support.country                'United States' 
_pdbx_audit_support.grant_number           1656890 
_pdbx_audit_support.ordinal                1 
# 
_pdbx_initial_refinement_model.id               1 
_pdbx_initial_refinement_model.entity_id_list   ? 
_pdbx_initial_refinement_model.type             'experimental model' 
_pdbx_initial_refinement_model.source_name      PDB 
_pdbx_initial_refinement_model.accession_code   6NWB 
_pdbx_initial_refinement_model.details          ? 
# 
_space_group.name_H-M_alt     'C 1 2 1' 
_space_group.name_Hall        'C 2y' 
_space_group.IT_number        5 
_space_group.crystal_system   monoclinic 
_space_group.id               1 
# 
_atom_sites.entry_id                    7MLD 
_atom_sites.Cartn_transf_matrix[1][1]   ? 
_atom_sites.Cartn_transf_matrix[1][2]   ? 
_atom_sites.Cartn_transf_matrix[1][3]   ? 
_atom_sites.Cartn_transf_matrix[2][1]   ? 
_atom_sites.Cartn_transf_matrix[2][2]   ? 
_atom_sites.Cartn_transf_matrix[2][3]   ? 
_atom_sites.Cartn_transf_matrix[3][1]   ? 
_atom_sites.Cartn_transf_matrix[3][2]   ? 
_atom_sites.Cartn_transf_matrix[3][3]   ? 
_atom_sites.Cartn_transf_vector[1]      ? 
_atom_sites.Cartn_transf_vector[2]      ? 
_atom_sites.Cartn_transf_vector[3]      ? 
_atom_sites.fract_transf_matrix[1][1]   0.00950746 
_atom_sites.fract_transf_matrix[1][2]   -0.00163769 
_atom_sites.fract_transf_matrix[1][3]   -0.01485267 
_atom_sites.fract_transf_matrix[2][1]   0.01126496 
_atom_sites.fract_transf_matrix[2][2]   0.00866927 
_atom_sites.fract_transf_matrix[2][3]   0.00625501 
_atom_sites.fract_transf_matrix[3][1]   0.01383914 
_atom_sites.fract_transf_matrix[3][2]   -0.01921894 
_atom_sites.fract_transf_matrix[3][3]   0.00171333 
_atom_sites.fract_transf_vector[1]      -0.119293 
_atom_sites.fract_transf_vector[2]      -0.050379 
_atom_sites.fract_transf_vector[3]      0.180933 
_atom_sites.solution_primary            ? 
_atom_sites.solution_secondary          ? 
_atom_sites.solution_hydrogens          ? 
_atom_sites.special_details             ? 
# 
loop_
_atom_type.symbol 
_atom_type.scat_dispersion_real 
_atom_type.scat_dispersion_imag 
_atom_type.scat_Cromer_Mann_a1 
_atom_type.scat_Cromer_Mann_a2 
_atom_type.scat_Cromer_Mann_a3 
_atom_type.scat_Cromer_Mann_a4 
_atom_type.scat_Cromer_Mann_b1 
_atom_type.scat_Cromer_Mann_b2 
_atom_type.scat_Cromer_Mann_b3 
_atom_type.scat_Cromer_Mann_b4 
_atom_type.scat_Cromer_Mann_c 
_atom_type.scat_source 
_atom_type.scat_dispersion_source 
C ? ? 3.54356 2.42580 ? ? 25.62398 1.50364  ? ? 0.0 
;2-Gaussian fit: Grosse-Kunstleve RW, Sauter NK, Adams PD: Newsletter of the IUCr Commission on Crystallographic Computing 2004, 3, 22-31.
;
? 
F ? ? 4.90428 4.07044 ? ? 12.99538 1.63651  ? ? 0.0 
;2-Gaussian fit: Grosse-Kunstleve RW, Sauter NK, Adams PD: Newsletter of the IUCr Commission on Crystallographic Computing 2004, 3, 22-31.
;
? 
N ? ? 4.01032 2.96436 ? ? 19.97189 1.75589  ? ? 0.0 
;2-Gaussian fit: Grosse-Kunstleve RW, Sauter NK, Adams PD: Newsletter of the IUCr Commission on Crystallographic Computing 2004, 3, 22-31.
;
? 
O ? ? 4.49882 3.47563 ? ? 15.80542 1.70748  ? ? 0.0 
;2-Gaussian fit: Grosse-Kunstleve RW, Sauter NK, Adams PD: Newsletter of the IUCr Commission on Crystallographic Computing 2004, 3, 22-31.
;
? 
S ? ? 9.55732 6.39887 ? ? 1.23737  29.19336 ? ? 0.0 
;2-Gaussian fit: Grosse-Kunstleve RW, Sauter NK, Adams PD: Newsletter of the IUCr Commission on Crystallographic Computing 2004, 3, 22-31.
;
? 
# 
loop_
_atom_site.group_PDB 
_atom_site.id 
_atom_site.type_symbol 
_atom_site.label_atom_id 
_atom_site.label_alt_id 
_atom_site.label_comp_id 
_atom_site.label_asym_id 
_atom_site.label_entity_id 
_atom_site.label_seq_id 
_atom_site.pdbx_PDB_ins_code 
_atom_site.Cartn_x 
_atom_site.Cartn_y 
_atom_site.Cartn_z 
_atom_site.occupancy 
_atom_site.B_iso_or_equiv 
_atom_site.pdbx_formal_charge 
_atom_site.auth_seq_id 
_atom_site.auth_comp_id 
_atom_site.auth_asym_id 
_atom_site.auth_atom_id 
_atom_site.pdbx_PDB_model_num 
ATOM   1    N N   . SER A 1 1   ? 16.88822  14.92056  -5.57776  1.000 23.38794 ? 25  SER A N   1 
ATOM   2    C CA  A SER A 1 1   ? 16.26234  14.09440  -6.60294  0.499 21.74628 ? 25  SER A CA  1 
ATOM   3    C CA  B SER A 1 1   ? 16.29678  14.05860  -6.59307  0.501 21.74257 ? 25  SER A CA  1 
ATOM   4    C C   . SER A 1 1   ? 15.20219  13.19490  -5.98378  1.000 18.50102 ? 25  SER A C   1 
ATOM   5    O O   . SER A 1 1   ? 15.16684  13.00378  -4.77196  1.000 15.47437 ? 25  SER A O   1 
ATOM   6    C CB  A SER A 1 1   ? 17.30282  13.25733  -7.35263  0.499 23.23056 ? 25  SER A CB  1 
ATOM   7    C CB  B SER A 1 1   ? 17.36386  13.18048  -7.24210  0.501 23.21219 ? 25  SER A CB  1 
ATOM   8    O OG  A SER A 1 1   ? 17.83549  12.21814  -6.55263  0.499 23.65373 ? 25  SER A OG  1 
ATOM   9    O OG  B SER A 1 1   ? 18.40076  13.97436  -7.79308  0.501 25.24222 ? 25  SER A OG  1 
ATOM   10   N N   . GLN A 1 2   ? 14.32967  12.66446  -6.83963  1.000 16.10283 ? 26  GLN A N   1 
ATOM   11   C CA  . GLN A 1 2   ? 13.22692  11.81440  -6.42432  1.000 13.85069 ? 26  GLN A CA  1 
ATOM   12   C C   . GLN A 1 2   ? 13.24578  10.52235  -7.22432  1.000 13.50077 ? 26  GLN A C   1 
ATOM   13   O O   . GLN A 1 2   ? 13.78066  10.46389  -8.33251  1.000 15.49746 ? 26  GLN A O   1 
ATOM   14   C CB  . GLN A 1 2   ? 11.87045  12.50960  -6.64430  1.000 13.84312 ? 26  GLN A CB  1 
ATOM   15   C CG  . GLN A 1 2   ? 11.63238  13.72937  -5.78265  1.000 13.91186 ? 26  GLN A CG  1 
ATOM   16   C CD  . GLN A 1 2   ? 10.34715  14.46267  -6.16343  1.000 15.36436 ? 26  GLN A CD  1 
ATOM   17   O OE1 . GLN A 1 2   ? 9.78122   14.24007  -7.24304  1.000 16.30755 ? 26  GLN A OE1 1 
ATOM   18   N NE2 . GLN A 1 2   ? 9.87877   15.33418  -5.26945  1.000 13.85890 ? 26  GLN A NE2 1 
ATOM   19   N N   . CYS A 1 3   ? 12.62116  9.48746   -6.66184  1.000 13.79243 ? 27  CYS A N   1 
ATOM   20   C CA  . CYS A 1 3   ? 12.15810  8.35159   -7.44401  1.000 14.05890 ? 27  CYS A CA  1 
ATOM   21   C C   . CYS A 1 3   ? 10.64246  8.41314   -7.55901  1.000 14.30354 ? 27  CYS A C   1 
ATOM   22   O O   . CYS A 1 3   ? 9.94791   8.54325   -6.54309  1.000 13.37250 ? 27  CYS A O   1 
ATOM   23   C CB  . CYS A 1 3   ? 12.54875  7.00906   -6.82105  1.000 14.93801 ? 27  CYS A CB  1 
ATOM   24   S SG  . CYS A 1 3   ? 11.94099  5.62534   -7.87547  1.000 17.92054 ? 27  CYS A SG  1 
ATOM   25   N N   . SER A 1 4   ? 10.13646  8.31333   -8.79124  1.000 12.60699 ? 28  SER A N   1 
ATOM   26   C CA  . SER A 1 4   ? 8.70653   8.14535   -9.05300  1.000 14.99717 ? 28  SER A CA  1 
ATOM   27   C C   . SER A 1 4   ? 8.51387   6.90470   -9.91313  1.000 15.33344 ? 28  SER A C   1 
ATOM   28   O O   . SER A 1 4   ? 9.19504   6.74279   -10.93474 1.000 15.54519 ? 28  SER A O   1 
ATOM   29   C CB  . SER A 1 4   ? 8.12281   9.37224   -9.76004  1.000 14.66936 ? 28  SER A CB  1 
ATOM   30   O OG  . SER A 1 4   ? 8.99444   9.76754   -10.80693 1.000 17.89951 ? 28  SER A OG  1 
ATOM   31   N N   . SER A 1 5   ? 7.59829   6.02130   -9.50561  1.000 13.66211 ? 29  SER A N   1 
ATOM   32   C CA  . SER A 1 5   ? 7.37532   4.78885   -10.25826 1.000 14.35522 ? 29  SER A CA  1 
ATOM   33   C C   . SER A 1 5   ? 5.93212   4.35061   -10.09598 1.000 14.24989 ? 29  SER A C   1 
ATOM   34   O O   . SER A 1 5   ? 5.23501   4.77615   -9.17110  1.000 13.82768 ? 29  SER A O   1 
ATOM   35   C CB  . SER A 1 5   ? 8.27899   3.63023   -9.80014  1.000 16.39809 ? 29  SER A CB  1 
ATOM   36   O OG  . SER A 1 5   ? 9.64596   3.98842   -9.78288  1.000 26.74100 ? 29  SER A OG  1 
ATOM   37   N N   . THR A 1 6   ? 5.50821   3.45789   -10.99033 1.000 13.03525 ? 30  THR A N   1 
ATOM   38   C CA  . THR A 1 6   ? 4.18107   2.85510   -10.93378 1.000 16.59977 ? 30  THR A CA  1 
ATOM   39   C C   . THR A 1 6   ? 4.31934   1.35116   -11.12179 1.000 16.79432 ? 30  THR A C   1 
ATOM   40   O O   . THR A 1 6   ? 5.02066   0.90324   -12.03420 1.000 14.04271 ? 30  THR A O   1 
ATOM   41   C CB  . THR A 1 6   ? 3.25010   3.44069   -12.00306 1.000 18.29949 ? 30  THR A CB  1 
ATOM   42   O OG1 . THR A 1 6   ? 3.02850   4.83576   -11.73708 1.000 16.54756 ? 30  THR A OG1 1 
ATOM   43   C CG2 . THR A 1 6   ? 1.90967   2.71058   -12.01195 1.000 11.68620 ? 30  THR A CG2 1 
ATOM   44   N N   . LEU A 1 7   ? 3.66188   0.58092   -10.24828 1.000 15.34545 ? 31  LEU A N   1 
ATOM   45   C CA  . LEU A 1 7   ? 3.60020   -0.87094  -10.34366 1.000 12.52620 ? 31  LEU A CA  1 
ATOM   46   C C   . LEU A 1 7   ? 2.17355   -1.29884  -10.67228 1.000 16.66539 ? 31  LEU A C   1 
ATOM   47   O O   . LEU A 1 7   ? 1.20995   -0.64573  -10.26893 1.000 13.88264 ? 31  LEU A O   1 
ATOM   48   C CB  . LEU A 1 7   ? 4.05389   -1.53485  -9.03146  1.000 14.55595 ? 31  LEU A CB  1 
ATOM   49   C CG  . LEU A 1 7   ? 5.52086   -1.32836  -8.61576  1.000 20.94442 ? 31  LEU A CG  1 
ATOM   50   C CD1 . LEU A 1 7   ? 5.69197   -0.03819  -7.81352  1.000 22.70836 ? 31  LEU A CD1 1 
ATOM   51   C CD2 . LEU A 1 7   ? 6.03876   -2.49744  -7.81943  1.000 20.17002 ? 31  LEU A CD2 1 
ATOM   52   N N   . VAL A 1 8   ? 2.03159   -2.39391  -11.41900 1.000 14.51941 ? 32  VAL A N   1 
ATOM   53   C CA  . VAL A 1 8   ? 0.71355   -2.94120  -11.72180 1.000 16.80384 ? 32  VAL A CA  1 
ATOM   54   C C   . VAL A 1 8   ? 0.68926   -4.39772  -11.28621 1.000 18.77385 ? 32  VAL A C   1 
ATOM   55   O O   . VAL A 1 8   ? 1.69713   -5.10770  -11.38486 1.000 16.80324 ? 32  VAL A O   1 
ATOM   56   C CB  . VAL A 1 8   ? 0.32416   -2.79853  -13.21370 1.000 19.22840 ? 32  VAL A CB  1 
ATOM   57   C CG1 . VAL A 1 8   ? 0.51520   -1.35840  -13.68354 1.000 18.86536 ? 32  VAL A CG1 1 
ATOM   58   C CG2 . VAL A 1 8   ? 1.11334   -3.75208  -14.08324 1.000 26.53266 ? 32  VAL A CG2 1 
ATOM   59   N N   . LYS A 1 9   ? -0.45617  -4.82400  -10.76288 1.000 15.88760 ? 33  LYS A N   1 
ATOM   60   C CA  . LYS A 1 9   ? -0.64075  -6.18439  -10.27987 1.000 16.30348 ? 33  LYS A CA  1 
ATOM   61   C C   . LYS A 1 9   ? -1.99469  -6.68056  -10.75013 1.000 16.78936 ? 33  LYS A C   1 
ATOM   62   O O   . LYS A 1 9   ? -2.99965  -5.97608  -10.60272 1.000 14.91834 ? 33  LYS A O   1 
ATOM   63   C CB  . LYS A 1 9   ? -0.56891  -6.25057  -8.74855  1.000 16.99442 ? 33  LYS A CB  1 
ATOM   64   C CG  . LYS A 1 9   ? -0.76011  -7.66206  -8.17934  1.000 13.09468 ? 33  LYS A CG  1 
ATOM   65   C CD  . LYS A 1 9   ? 0.44127   -8.55535  -8.48164  1.000 14.41441 ? 33  LYS A CD  1 
ATOM   66   C CE  . LYS A 1 9   ? 0.19773   -9.99022  -8.01513  1.000 23.41729 ? 33  LYS A CE  1 
ATOM   67   N NZ  . LYS A 1 9   ? 1.44541   -10.81400 -8.12512  1.000 21.57352 ? 33  LYS A NZ  1 
ATOM   68   N N   . HIS A 1 10  ? -2.01982  -7.88575  -11.31084 1.000 16.59230 ? 34  HIS A N   1 
ATOM   69   C CA  . HIS A 1 10  ? -3.26083  -8.54385  -11.69429 1.000 16.90164 ? 34  HIS A CA  1 
ATOM   70   C C   . HIS A 1 10  ? -3.67857  -9.50887  -10.58593 1.000 16.70513 ? 34  HIS A C   1 
ATOM   71   O O   . HIS A 1 10  ? -2.90267  -10.38816 -10.19995 1.000 18.77967 ? 34  HIS A O   1 
ATOM   72   C CB  . HIS A 1 10  ? -3.07801  -9.27363  -13.02330 1.000 18.25534 ? 34  HIS A CB  1 
ATOM   73   C CG  . HIS A 1 10  ? -2.70250  -8.36202  -14.14655 1.000 18.48667 ? 34  HIS A CG  1 
ATOM   74   N ND1 . HIS A 1 10  ? -3.62045  -7.56076  -14.78848 1.000 19.36282 ? 34  HIS A ND1 1 
ATOM   75   C CD2 . HIS A 1 10  ? -1.50565  -8.10097  -14.72268 1.000 23.30289 ? 34  HIS A CD2 1 
ATOM   76   C CE1 . HIS A 1 10  ? -3.00994  -6.86237  -15.72905 1.000 21.22527 ? 34  HIS A CE1 1 
ATOM   77   N NE2 . HIS A 1 10  ? -1.72584  -7.17232  -15.71012 1.000 23.61067 ? 34  HIS A NE2 1 
ATOM   78   N N   . ILE A 1 11  ? -4.89936  -9.33984  -10.08282 1.000 15.77845 ? 35  ILE A N   1 
ATOM   79   C CA  . ILE A 1 11  ? -5.41066  -10.08544 -8.93717  1.000 16.72248 ? 35  ILE A CA  1 
ATOM   80   C C   . ILE A 1 11  ? -6.62853  -10.87611 -9.38221  1.000 14.68563 ? 35  ILE A C   1 
ATOM   81   O O   . ILE A 1 11  ? -7.53823  -10.31453 -9.99837  1.000 16.25601 ? 35  ILE A O   1 
ATOM   82   C CB  . ILE A 1 11  ? -5.77720  -9.14340  -7.77822  1.000 16.81001 ? 35  ILE A CB  1 
ATOM   83   C CG1 . ILE A 1 11  ? -4.56722  -8.29682  -7.39044  1.000 13.59486 ? 35  ILE A CG1 1 
ATOM   84   C CG2 . ILE A 1 11  ? -6.30473  -9.93795  -6.59408  1.000 16.43048 ? 35  ILE A CG2 1 
ATOM   85   C CD1 . ILE A 1 11  ? -4.90756  -7.10772  -6.50481  1.000 16.68137 ? 35  ILE A CD1 1 
ATOM   86   N N   . LYS A 1 12  ? -6.65360  -12.17012 -9.05535  1.000 15.25924 ? 36  LYS A N   1 
ATOM   87   C CA  . LYS A 1 12  ? -7.76621  -13.03214 -9.46457  1.000 17.88451 ? 36  LYS A CA  1 
ATOM   88   C C   . LYS A 1 12  ? -8.83004  -13.07505 -8.36866  1.000 20.03051 ? 36  LYS A C   1 
ATOM   89   O O   . LYS A 1 12  ? -9.11183  -14.10832 -7.75018  1.000 17.51513 ? 36  LYS A O   1 
ATOM   90   C CB  . LYS A 1 12  ? -7.26254  -14.42663 -9.80997  1.000 18.56973 ? 36  LYS A CB  1 
ATOM   91   C CG  . LYS A 1 12  ? -6.30419  -14.46870 -10.98382 1.000 20.33317 ? 36  LYS A CG  1 
ATOM   92   C CD  . LYS A 1 12  ? -5.96338  -15.90689 -11.33849 1.000 26.70082 ? 36  LYS A CD  1 
ATOM   93   C CE  . LYS A 1 12  ? -4.80697  -15.97734 -12.31229 1.000 37.31941 ? 36  LYS A CE  1 
ATOM   94   N NZ  . LYS A 1 12  ? -3.55827  -15.44330 -11.69470 1.000 48.19378 ? 36  LYS A NZ  1 
ATOM   95   N N   . ALA A 1 13  ? -9.41114  -11.90583 -8.12219  1.000 19.04220 ? 37  ALA A N   1 
ATOM   96   C CA  . ALA A 1 13  ? -10.51548 -11.76518 -7.18446  1.000 18.24772 ? 37  ALA A CA  1 
ATOM   97   C C   . ALA A 1 13  ? -11.34538 -10.56946 -7.61975  1.000 19.91981 ? 37  ALA A C   1 
ATOM   98   O O   . ALA A 1 13  ? -10.81506 -9.65389  -8.26153  1.000 18.16357 ? 37  ALA A O   1 
ATOM   99   C CB  . ALA A 1 13  ? -10.01153 -11.58527 -5.74313  1.000 17.21226 ? 37  ALA A CB  1 
ATOM   100  N N   . PRO A 1 14  ? -12.63808 -10.54643 -7.30428  1.000 15.61163 ? 38  PRO A N   1 
ATOM   101  C CA  . PRO A 1 14  ? -13.47520 -9.41973  -7.73507  1.000 15.85208 ? 38  PRO A CA  1 
ATOM   102  C C   . PRO A 1 14  ? -13.12438 -8.13752  -7.00310  1.000 17.77343 ? 38  PRO A C   1 
ATOM   103  O O   . PRO A 1 14  ? -12.70428 -8.15223  -5.84255  1.000 16.81498 ? 38  PRO A O   1 
ATOM   104  C CB  . PRO A 1 14  ? -14.89797 -9.87618  -7.39187  1.000 20.26528 ? 38  PRO A CB  1 
ATOM   105  C CG  . PRO A 1 14  ? -14.70480 -10.84454 -6.26796  1.000 21.67635 ? 38  PRO A CG  1 
ATOM   106  C CD  . PRO A 1 14  ? -13.39247 -11.53268 -6.51030  1.000 16.80687 ? 38  PRO A CD  1 
ATOM   107  N N   . LEU A 1 15  ? -13.32861 -7.01321  -7.70112  1.000 16.26743 ? 39  LEU A N   1 
ATOM   108  C CA  . LEU A 1 15  ? -12.95947 -5.71161  -7.15160  1.000 13.64817 ? 39  LEU A CA  1 
ATOM   109  C C   . LEU A 1 15  ? -13.59779 -5.45254  -5.78987  1.000 13.86133 ? 39  LEU A C   1 
ATOM   110  O O   . LEU A 1 15  ? -12.93915 -4.92972  -4.88081  1.000 12.77244 ? 39  LEU A O   1 
ATOM   111  C CB  . LEU A 1 15  ? -13.32868 -4.59148  -8.12999  1.000 14.37343 ? 39  LEU A CB  1 
ATOM   112  C CG  . LEU A 1 15  ? -12.99582 -3.16827  -7.62648  1.000 18.64254 ? 39  LEU A CG  1 
ATOM   113  C CD1 . LEU A 1 15  ? -12.52133 -2.28211  -8.78145  1.000 21.72106 ? 39  LEU A CD1 1 
ATOM   114  C CD2 . LEU A 1 15  ? -14.18621 -2.51267  -6.91666  1.000 20.31711 ? 39  LEU A CD2 1 
ATOM   115  N N   . HIS A 1 16  ? -14.88790 -5.77364  -5.62303  1.000 14.52319 ? 40  HIS A N   1 
ATOM   116  C CA  . HIS A 1 16  ? -15.50586 -5.44584  -4.33903  1.000 14.84237 ? 40  HIS A CA  1 
ATOM   117  C C   . HIS A 1 16  ? -14.76956 -6.11912  -3.18078  1.000 17.34451 ? 40  HIS A C   1 
ATOM   118  O O   . HIS A 1 16  ? -14.64060 -5.52928  -2.10383  1.000 15.41938 ? 40  HIS A O   1 
ATOM   119  C CB  . HIS A 1 16  ? -16.99898 -5.80785  -4.32740  1.000 14.07972 ? 40  HIS A CB  1 
ATOM   120  C CG  . HIS A 1 16  ? -17.27938 -7.26926  -4.50232  1.000 13.68916 ? 40  HIS A CG  1 
ATOM   121  N ND1 . HIS A 1 16  ? -17.31206 -8.15576  -3.44657  1.000 20.79312 ? 40  HIS A ND1 1 
ATOM   122  C CD2 . HIS A 1 16  ? -17.55713 -7.99533  -5.61140  1.000 17.37721 ? 40  HIS A CD2 1 
ATOM   123  C CE1 . HIS A 1 16  ? -17.58440 -9.36649  -3.90021  1.000 19.19741 ? 40  HIS A CE1 1 
ATOM   124  N NE2 . HIS A 1 16  ? -17.75131 -9.29531  -5.20889  1.000 19.37529 ? 40  HIS A NE2 1 
ATOM   125  N N   . LEU A 1 17  ? -14.23884 -7.32564  -3.39238  1.000 14.27634 ? 41  LEU A N   1 
ATOM   126  C CA  . LEU A 1 17  ? -13.50161 -7.98822  -2.32185  1.000 12.56949 ? 41  LEU A CA  1 
ATOM   127  C C   . LEU A 1 17  ? -12.12559 -7.35586  -2.11859  1.000 16.39435 ? 41  LEU A C   1 
ATOM   128  O O   . LEU A 1 17  ? -11.71153 -7.10608  -0.98024  1.000 13.71877 ? 41  LEU A O   1 
ATOM   129  C CB  . LEU A 1 17  ? -13.37097 -9.47908  -2.62667  1.000 17.12068 ? 41  LEU A CB  1 
ATOM   130  C CG  . LEU A 1 17  ? -12.52065 -10.32404 -1.68196  1.000 18.70995 ? 41  LEU A CG  1 
ATOM   131  C CD1 . LEU A 1 17  ? -13.02153 -10.22203 -0.25016  1.000 22.66500 ? 41  LEU A CD1 1 
ATOM   132  C CD2 . LEU A 1 17  ? -12.55250 -11.76986 -2.15713  1.000 20.49501 ? 41  LEU A CD2 1 
ATOM   133  N N   . VAL A 1 18  ? -11.40305 -7.08037  -3.20624  1.000 16.07913 ? 42  VAL A N   1 
ATOM   134  C CA  . VAL A 1 18  ? -10.07849 -6.48232  -3.05182  1.000 15.18322 ? 42  VAL A CA  1 
ATOM   135  C C   . VAL A 1 18  ? -10.19381 -5.09513  -2.42456  1.000 13.51283 ? 42  VAL A C   1 
ATOM   136  O O   . VAL A 1 18  ? -9.42615  -4.74181  -1.51944  1.000 13.49901 ? 42  VAL A O   1 
ATOM   137  C CB  . VAL A 1 18  ? -9.34243  -6.45165  -4.40359  1.000 13.10421 ? 42  VAL A CB  1 
ATOM   138  C CG1 . VAL A 1 18  ? -7.92013  -5.90159  -4.23832  1.000 13.85800 ? 42  VAL A CG1 1 
ATOM   139  C CG2 . VAL A 1 18  ? -9.28530  -7.85066  -5.01212  1.000 13.47717 ? 42  VAL A CG2 1 
ATOM   140  N N   . TRP A 1 19  ? -11.17649 -4.30196  -2.86137  1.000 12.70800 ? 43  TRP A N   1 
ATOM   141  C CA  . TRP A 1 19  ? -11.32812 -2.95772  -2.30209  1.000 15.10250 ? 43  TRP A CA  1 
ATOM   142  C C   . TRP A 1 19  ? -11.68652 -3.00867  -0.82494  1.000 16.16668 ? 43  TRP A C   1 
ATOM   143  O O   . TRP A 1 19  ? -11.25513 -2.14647  -0.05028  1.000 14.17887 ? 43  TRP A O   1 
ATOM   144  C CB  . TRP A 1 19  ? -12.38947 -2.16834  -3.06866  1.000 12.14115 ? 43  TRP A CB  1 
ATOM   145  C CG  . TRP A 1 19  ? -12.59520 -0.75680  -2.56109  1.000 15.53448 ? 43  TRP A CG  1 
ATOM   146  C CD1 . TRP A 1 19  ? -13.74198 -0.23340  -2.04545  1.000 16.38869 ? 43  TRP A CD1 1 
ATOM   147  C CD2 . TRP A 1 19  ? -11.61689 0.30578   -2.51700  1.000 17.33568 ? 43  TRP A CD2 1 
ATOM   148  N NE1 . TRP A 1 19  ? -13.55024 1.08701   -1.68753  1.000 17.77362 ? 43  TRP A NE1 1 
ATOM   149  C CE2 . TRP A 1 19  ? -12.25774 1.44181   -1.97255  1.000 17.24462 ? 43  TRP A CE2 1 
ATOM   150  C CE3 . TRP A 1 19  ? -10.27392 0.40536   -2.89115  1.000 15.26609 ? 43  TRP A CE3 1 
ATOM   151  C CZ2 . TRP A 1 19  ? -11.59699 2.66030   -1.78545  1.000 17.96136 ? 43  TRP A CZ2 1 
ATOM   152  C CZ3 . TRP A 1 19  ? -9.61774  1.62709   -2.70530  1.000 15.76793 ? 43  TRP A CZ3 1 
ATOM   153  C CH2 . TRP A 1 19  ? -10.28582 2.73304   -2.16071  1.000 15.41817 ? 43  TRP A CH2 1 
ATOM   154  N N   . SER A 1 20  ? -12.48584 -4.00438  -0.41699  1.000 15.57757 ? 44  SER A N   1 
ATOM   155  C CA  . SER A 1 20  ? -12.85067 -4.11417  0.99620   1.000 18.22054 ? 44  SER A CA  1 
ATOM   156  C C   . SER A 1 20  ? -11.61695 -4.25802  1.87784   1.000 16.33837 ? 44  SER A C   1 
ATOM   157  O O   . SER A 1 20  ? -11.64343 -3.86650  3.05211   1.000 16.76979 ? 44  SER A O   1 
ATOM   158  C CB  . SER A 1 20  ? -13.81261 -5.28745  1.21585   1.000 17.63324 ? 44  SER A CB  1 
ATOM   159  O OG  . SER A 1 20  ? -13.14116 -6.53928  1.21690   1.000 19.94579 ? 44  SER A OG  1 
ATOM   160  N N   . ILE A 1 21  ? -10.52887 -4.79791  1.32325   1.000 16.61210 ? 45  ILE A N   1 
ATOM   161  C CA  . ILE A 1 21  ? -9.25918  -4.89889  2.03633   1.000 15.93211 ? 45  ILE A CA  1 
ATOM   162  C C   . ILE A 1 21  ? -8.45538  -3.60303  1.90885   1.000 16.90195 ? 45  ILE A C   1 
ATOM   163  O O   . ILE A 1 21  ? -7.98334  -3.05064  2.90449   1.000 17.54654 ? 45  ILE A O   1 
ATOM   164  C CB  . ILE A 1 21  ? -8.45987  -6.10797  1.50820   1.000 20.58120 ? 45  ILE A CB  1 
ATOM   165  C CG1 . ILE A 1 21  ? -9.22920  -7.42027  1.72131   1.000 20.58232 ? 45  ILE A CG1 1 
ATOM   166  C CG2 . ILE A 1 21  ? -7.08254  -6.17077  2.15091   1.000 19.24124 ? 45  ILE A CG2 1 
ATOM   167  C CD1 . ILE A 1 21  ? -9.29847  -7.84090  3.15652   1.000 20.72137 ? 45  ILE A CD1 1 
ATOM   168  N N   . VAL A 1 22  ? -8.26503  -3.11394  0.67894   1.000 13.90992 ? 46  VAL A N   1 
ATOM   169  C CA  . VAL A 1 22  ? -7.40366  -1.95097  0.43848   1.000 14.33014 ? 46  VAL A CA  1 
ATOM   170  C C   . VAL A 1 22  ? -7.94747  -0.69167  1.11286   1.000 14.71539 ? 46  VAL A C   1 
ATOM   171  O O   . VAL A 1 22  ? -7.17540  0.17053   1.56100   1.000 15.53167 ? 46  VAL A O   1 
ATOM   172  C CB  . VAL A 1 22  ? -7.22794  -1.75273  -1.08546  1.000 14.63153 ? 46  VAL A CB  1 
ATOM   173  C CG1 . VAL A 1 22  ? -6.50366  -0.43380  -1.41461  1.000 11.21031 ? 46  VAL A CG1 1 
ATOM   174  C CG2 . VAL A 1 22  ? -6.48201  -2.92946  -1.68957  1.000 12.68091 ? 46  VAL A CG2 1 
ATOM   175  N N   . ARG A 1 23  ? -9.27364  -0.55152  1.19437   1.000 15.75831 ? 47  ARG A N   1 
ATOM   176  C CA  . ARG A 1 23  ? -9.84872  0.67802   1.73801   1.000 17.25290 ? 47  ARG A CA  1 
ATOM   177  C C   . ARG A 1 23  ? -9.64077  0.82605   3.24442   1.000 17.05659 ? 47  ARG A C   1 
ATOM   178  O O   . ARG A 1 23  ? -9.81045  1.93018   3.76607   1.000 16.29695 ? 47  ARG A O   1 
ATOM   179  C CB  . ARG A 1 23  ? -11.34518 0.75394   1.43024   1.000 18.09693 ? 47  ARG A CB  1 
ATOM   180  C CG  . ARG A 1 23  ? -12.17325 -0.24705  2.23197   1.000 16.29445 ? 47  ARG A CG  1 
ATOM   181  C CD  . ARG A 1 23  ? -13.62517 -0.23684  1.79616   1.000 23.21519 ? 47  ARG A CD  1 
ATOM   182  N NE  . ARG A 1 23  ? -14.23672 1.06989   2.02453   1.000 28.94189 ? 47  ARG A NE  1 
ATOM   183  C CZ  . ARG A 1 23  ? -14.78843 1.44140   3.17632   1.000 40.82334 ? 47  ARG A CZ  1 
ATOM   184  N NH1 . ARG A 1 23  ? -14.80016 0.60104   4.20948   1.000 32.28921 ? 47  ARG A NH1 1 
ATOM   185  N NH2 . ARG A 1 23  ? -15.32149 2.65260   3.29582   1.000 38.74443 ? 47  ARG A NH2 1 
ATOM   186  N N   . ARG A 1 24  ? -9.27187  -0.23909  3.95631   1.000 16.30777 ? 48  ARG A N   1 
ATOM   187  C CA  . ARG A 1 24  ? -9.13935  -0.15964  5.41546   1.000 19.28643 ? 48  ARG A CA  1 
ATOM   188  C C   . ARG A 1 24  ? -7.80615  0.50402   5.76205   1.000 16.61805 ? 48  ARG A C   1 
ATOM   189  O O   . ARG A 1 24  ? -6.82026  -0.14334  6.12093   1.000 17.97730 ? 48  ARG A O   1 
ATOM   190  C CB  . ARG A 1 24  ? -9.26512  -1.53910  6.05144   1.000 21.74327 ? 48  ARG A CB  1 
ATOM   191  C CG  . ARG A 1 24  ? -10.59814 -2.23583  5.80630   1.000 26.47290 ? 48  ARG A CG  1 
ATOM   192  C CD  . ARG A 1 24  ? -11.77329 -1.49908  6.46091   1.000 23.90235 ? 48  ARG A CD  1 
ATOM   193  N NE  . ARG A 1 24  ? -11.57672 -1.29217  7.89766   1.000 28.13348 ? 48  ARG A NE  1 
ATOM   194  C CZ  . ARG A 1 24  ? -12.00887 -2.11889  8.84646   1.000 35.71174 ? 48  ARG A CZ  1 
ATOM   195  N NH1 . ARG A 1 24  ? -12.66406 -3.22671  8.52362   1.000 37.32280 ? 48  ARG A NH1 1 
ATOM   196  N NH2 . ARG A 1 24  ? -11.78313 -1.83779  10.12208  1.000 37.34844 ? 48  ARG A NH2 1 
ATOM   197  N N   . PHE A 1 25  ? -7.80186  1.83959   5.66869   1.000 16.37630 ? 49  PHE A N   1 
ATOM   198  C CA  . PHE A 1 25  ? -6.67001  2.66297   6.09560   1.000 13.98137 ? 49  PHE A CA  1 
ATOM   199  C C   . PHE A 1 25  ? -6.23478  2.33847   7.52291   1.000 17.70144 ? 49  PHE A C   1 
ATOM   200  O O   . PHE A 1 25  ? -5.05778  2.50328   7.87699   1.000 17.10698 ? 49  PHE A O   1 
ATOM   201  C CB  . PHE A 1 25  ? -7.07789  4.13949   5.96186   1.000 16.56072 ? 49  PHE A CB  1 
ATOM   202  C CG  . PHE A 1 25  ? -6.04326  5.14109   6.44928   1.000 19.59797 ? 49  PHE A CG  1 
ATOM   203  C CD1 . PHE A 1 25  ? -6.20733  5.78602   7.66425   1.000 18.13485 ? 49  PHE A CD1 1 
ATOM   204  C CD2 . PHE A 1 25  ? -4.94776  5.47559   5.66336   1.000 17.57335 ? 49  PHE A CD2 1 
ATOM   205  C CE1 . PHE A 1 25  ? -5.29127  6.72881   8.10737   1.000 15.35015 ? 49  PHE A CE1 1 
ATOM   206  C CE2 . PHE A 1 25  ? -4.02577  6.40849   6.09361   1.000 16.67657 ? 49  PHE A CE2 1 
ATOM   207  C CZ  . PHE A 1 25  ? -4.19869  7.03816   7.32377   1.000 16.11823 ? 49  PHE A CZ  1 
ATOM   208  N N   . ASP A 1 26  ? -7.16165  1.85514   8.34738   1.000 19.74442 ? 50  ASP A N   1 
ATOM   209  C CA  . ASP A 1 26  ? -6.87008  1.49541   9.72408   1.000 19.89297 ? 50  ASP A CA  1 
ATOM   210  C C   . ASP A 1 26  ? -6.30663  0.08646   9.88572   1.000 20.34630 ? 50  ASP A C   1 
ATOM   211  O O   . ASP A 1 26  ? -5.86011  -0.24947  10.98739  1.000 19.92392 ? 50  ASP A O   1 
ATOM   212  C CB  . ASP A 1 26  ? -8.13736  1.63819   10.57124  1.000 24.36891 ? 50  ASP A CB  1 
ATOM   213  C CG  . ASP A 1 26  ? -9.28251  0.75796   10.07580  1.000 31.12791 ? 50  ASP A CG  1 
ATOM   214  O OD1 . ASP A 1 26  ? -9.49416  0.64986   8.84580   1.000 24.79387 ? 50  ASP A OD1 1 
ATOM   215  O OD2 . ASP A 1 26  ? -9.97493  0.16518   10.92727  1.000 37.81638 ? 50  ASP A OD2 1 
ATOM   216  N N   . GLU A 1 27  ? -6.30495  -0.75008  8.84362   1.000 17.59621 ? 51  GLU A N   1 
ATOM   217  C CA  . GLU A 1 27  ? -5.86271  -2.14428  8.96423   1.000 17.48000 ? 51  GLU A CA  1 
ATOM   218  C C   . GLU A 1 27  ? -4.92028  -2.55600  7.82955   1.000 20.12380 ? 51  GLU A C   1 
ATOM   219  O O   . GLU A 1 27  ? -5.17435  -3.54117  7.12419   1.000 14.75989 ? 51  GLU A O   1 
ATOM   220  C CB  . GLU A 1 27  ? -7.06962  -3.08101  9.01826   1.000 21.31091 ? 51  GLU A CB  1 
ATOM   221  C CG  . GLU A 1 27  ? -7.92966  -2.92911  10.27087  1.000 27.99459 ? 51  GLU A CG  1 
ATOM   222  C CD  . GLU A 1 27  ? -9.00791  -3.99120  10.36314  1.000 35.16447 ? 51  GLU A CD  1 
ATOM   223  O OE1 . GLU A 1 27  ? -9.18046  -4.74378  9.38315   1.000 32.25372 ? 51  GLU A OE1 1 
ATOM   224  O OE2 . GLU A 1 27  ? -9.67913  -4.07965  11.41271  1.000 32.02856 ? 51  GLU A OE2 1 
ATOM   225  N N   . PRO A 1 28  ? -3.79741  -1.84666  7.64865   1.000 14.63956 ? 52  PRO A N   1 
ATOM   226  C CA  . PRO A 1 28  ? -2.82998  -2.27979  6.62402   1.000 13.08120 ? 52  PRO A CA  1 
ATOM   227  C C   . PRO A 1 28  ? -2.22230  -3.63163  6.91149   1.000 17.50112 ? 52  PRO A C   1 
ATOM   228  O O   . PRO A 1 28  ? -1.87338  -4.35373  5.97009   1.000 15.31215 ? 52  PRO A O   1 
ATOM   229  C CB  . PRO A 1 28  ? -1.76671  -1.17032  6.66048   1.000 17.41668 ? 52  PRO A CB  1 
ATOM   230  C CG  . PRO A 1 28  ? -1.86220  -0.62223  8.04325   1.000 17.98615 ? 52  PRO A CG  1 
ATOM   231  C CD  . PRO A 1 28  ? -3.33271  -0.62937  8.33673   1.000 15.31308 ? 52  PRO A CD  1 
ATOM   232  N N   . GLN A 1 29  ? -2.10160  -4.00828  8.19067   1.000 15.39495 ? 53  GLN A N   1 
ATOM   233  C CA  . GLN A 1 29  ? -1.47420  -5.27802  8.53889   1.000 18.17360 ? 53  GLN A CA  1 
ATOM   234  C C   . GLN A 1 29  ? -2.23756  -6.48627  8.01816   1.000 17.21524 ? 53  GLN A C   1 
ATOM   235  O O   . GLN A 1 29  ? -1.71088  -7.59932  8.09933   1.000 19.82878 ? 53  GLN A O   1 
ATOM   236  C CB  . GLN A 1 29  ? -1.31789  -5.40233  10.05560  1.000 18.69520 ? 53  GLN A CB  1 
ATOM   237  C CG  . GLN A 1 29  ? -2.63081  -5.63214  10.80983  1.000 23.78519 ? 53  GLN A CG  1 
ATOM   238  C CD  . GLN A 1 29  ? -3.38329  -4.34583  11.08635  1.000 25.07199 ? 53  GLN A CD  1 
ATOM   239  O OE1 . GLN A 1 29  ? -3.03101  -3.27239  10.57834  1.000 21.06681 ? 53  GLN A OE1 1 
ATOM   240  N NE2 . GLN A 1 29  ? -4.43046  -4.44545  11.90375  1.000 25.76120 ? 53  GLN A NE2 1 
ATOM   241  N N   . LYS A 1 30  ? -3.44889  -6.30536  7.48751   1.000 17.59367 ? 54  LYS A N   1 
ATOM   242  C CA  . LYS A 1 30  ? -4.18287  -7.44002  6.94392   1.000 19.70866 ? 54  LYS A CA  1 
ATOM   243  C C   . LYS A 1 30  ? -3.52724  -8.00112  5.69124   1.000 22.34623 ? 54  LYS A C   1 
ATOM   244  O O   . LYS A 1 30  ? -3.75875  -9.16695  5.35939   1.000 24.71992 ? 54  LYS A O   1 
ATOM   245  C CB  . LYS A 1 30  ? -5.63130  -7.05194  6.64036   1.000 21.76535 ? 54  LYS A CB  1 
ATOM   246  C CG  . LYS A 1 30  ? -6.55539  -7.05834  7.85755   1.000 32.84738 ? 54  LYS A CG  1 
ATOM   247  C CD  . LYS A 1 30  ? -7.26327  -8.40302  8.00640   1.000 40.01004 ? 54  LYS A CD  1 
ATOM   248  C CE  . LYS A 1 30  ? -8.12645  -8.46114  9.26956   1.000 53.83894 ? 54  LYS A CE  1 
ATOM   249  N NZ  . LYS A 1 30  ? -8.93868  -9.71954  9.32992   1.000 62.32789 ? 54  LYS A NZ  1 
ATOM   250  N N   . TYR A 1 31  ? -2.71697  -7.21145  4.98175   1.000 18.77406 ? 55  TYR A N   1 
ATOM   251  C CA  . TYR A 1 31  ? -1.97896  -7.79643  3.86892   1.000 20.28630 ? 55  TYR A CA  1 
ATOM   252  C C   . TYR A 1 31  ? -0.56557  -7.27877  3.67259   1.000 16.50878 ? 55  TYR A C   1 
ATOM   253  O O   . TYR A 1 31  ? 0.14690   -7.84644  2.84129   1.000 17.24516 ? 55  TYR A O   1 
ATOM   254  C CB  . TYR A 1 31  ? -2.74643  -7.60920  2.55982   1.000 21.63643 ? 55  TYR A CB  1 
ATOM   255  C CG  . TYR A 1 31  ? -2.86600  -6.18238  2.11218   1.000 20.02895 ? 55  TYR A CG  1 
ATOM   256  C CD1 . TYR A 1 31  ? -3.82873  -5.35500  2.65844   1.000 17.72148 ? 55  TYR A CD1 1 
ATOM   257  C CD2 . TYR A 1 31  ? -2.03138  -5.66480  1.12874   1.000 17.45324 ? 55  TYR A CD2 1 
ATOM   258  C CE1 . TYR A 1 31  ? -3.97526  -4.05491  2.24450   1.000 16.67621 ? 55  TYR A CE1 1 
ATOM   259  C CE2 . TYR A 1 31  ? -2.17406  -4.34098  0.70020   1.000 16.01436 ? 55  TYR A CE2 1 
ATOM   260  C CZ  . TYR A 1 31  ? -3.14766  -3.55085  1.27979   1.000 16.14876 ? 55  TYR A CZ  1 
ATOM   261  O OH  . TYR A 1 31  ? -3.31067  -2.24225  0.88436   1.000 24.28306 ? 55  TYR A OH  1 
ATOM   262  N N   . LYS A 1 32  ? -0.11825  -6.24763  4.39053   1.000 16.87451 ? 56  LYS A N   1 
ATOM   263  C CA  . LYS A 1 32  ? 1.23690   -5.74974  4.21290   1.000 16.22138 ? 56  LYS A CA  1 
ATOM   264  C C   . LYS A 1 32  ? 2.15533   -6.48745  5.17948   1.000 19.28303 ? 56  LYS A C   1 
ATOM   265  O O   . LYS A 1 32  ? 2.10783   -6.22203  6.38984   1.000 18.20184 ? 56  LYS A O   1 
ATOM   266  C CB  . LYS A 1 32  ? 1.29119   -4.24292  4.42354   1.000 15.66681 ? 56  LYS A CB  1 
ATOM   267  C CG  . LYS A 1 32  ? 0.47878   -3.52386  3.33336   1.000 15.26353 ? 56  LYS A CG  1 
ATOM   268  C CD  . LYS A 1 32  ? 0.64108   -2.01873  3.33944   1.000 16.32797 ? 56  LYS A CD  1 
ATOM   269  C CE  . LYS A 1 32  ? 0.00544   -1.44610  2.08846   1.000 17.78354 ? 56  LYS A CE  1 
ATOM   270  N NZ  . LYS A 1 32  ? 0.20134   0.03684   1.99051   1.000 20.66008 ? 56  LYS A NZ  1 
ATOM   271  N N   . PRO A 1 33  ? 2.98492   -7.41625  4.70165   1.000 18.77755 ? 57  PRO A N   1 
ATOM   272  C CA  . PRO A 1 33  ? 3.64815   -8.36783  5.61088   1.000 16.21414 ? 57  PRO A CA  1 
ATOM   273  C C   . PRO A 1 33  ? 4.66378   -7.75566  6.55780   1.000 17.62527 ? 57  PRO A C   1 
ATOM   274  O O   . PRO A 1 33  ? 5.04054   -8.43179  7.52199   1.000 20.42082 ? 57  PRO A O   1 
ATOM   275  C CB  . PRO A 1 33  ? 4.32501   -9.36630  4.65566   1.000 22.19795 ? 57  PRO A CB  1 
ATOM   276  C CG  . PRO A 1 33  ? 4.31613   -8.72127  3.31735   1.000 22.88354 ? 57  PRO A CG  1 
ATOM   277  C CD  . PRO A 1 33  ? 3.20932   -7.72494  3.27849   1.000 16.09297 ? 57  PRO A CD  1 
ATOM   278  N N   . PHE A 1 34  ? 5.11457   -6.51660  6.34268   1.000 15.76427 ? 58  PHE A N   1 
ATOM   279  C CA  . PHE A 1 34  ? 6.08232   -5.89817  7.23983   1.000 16.95160 ? 58  PHE A CA  1 
ATOM   280  C C   . PHE A 1 34  ? 5.42074   -5.02350  8.29655   1.000 18.74967 ? 58  PHE A C   1 
ATOM   281  O O   . PHE A 1 34  ? 6.11977   -4.38393  9.08663   1.000 18.83715 ? 58  PHE A O   1 
ATOM   282  C CB  . PHE A 1 34  ? 7.10821   -5.09035  6.44002   1.000 14.79226 ? 58  PHE A CB  1 
ATOM   283  C CG  . PHE A 1 34  ? 7.96447   -5.93615  5.54489   1.000 18.49505 ? 58  PHE A CG  1 
ATOM   284  C CD1 . PHE A 1 34  ? 8.94562   -6.75196  6.08477   1.000 23.73786 ? 58  PHE A CD1 1 
ATOM   285  C CD2 . PHE A 1 34  ? 7.77843   -5.93203  4.16634   1.000 20.59923 ? 58  PHE A CD2 1 
ATOM   286  C CE1 . PHE A 1 34  ? 9.73646   -7.54801  5.26885   1.000 30.85717 ? 58  PHE A CE1 1 
ATOM   287  C CE2 . PHE A 1 34  ? 8.56349   -6.72598  3.34242   1.000 22.49326 ? 58  PHE A CE2 1 
ATOM   288  C CZ  . PHE A 1 34  ? 9.54787   -7.53369  3.89634   1.000 23.85621 ? 58  PHE A CZ  1 
ATOM   289  N N   . ILE A 1 35  ? 4.09334   -5.01163  8.34525   1.000 17.91319 ? 59  ILE A N   1 
ATOM   290  C CA  A ILE A 1 35  ? 3.31131   -4.18691  9.26179   0.061 16.24021 ? 59  ILE A CA  1 
ATOM   291  C CA  B ILE A 1 35  ? 3.35530   -4.18633  9.28565   0.939 16.09586 ? 59  ILE A CA  1 
ATOM   292  C C   . ILE A 1 35  ? 2.71689   -5.09546  10.32594  1.000 18.09017 ? 59  ILE A C   1 
ATOM   293  O O   . ILE A 1 35  ? 2.11702   -6.12207  9.99214   1.000 19.58025 ? 59  ILE A O   1 
ATOM   294  C CB  A ILE A 1 35  ? 2.18812   -3.44068  8.52030   0.061 16.15409 ? 59  ILE A CB  1 
ATOM   295  C CB  B ILE A 1 35  ? 2.31175   -3.31533  8.56229   0.939 15.94013 ? 59  ILE A CB  1 
ATOM   296  C CG1 A ILE A 1 35  ? 2.74170   -2.67015  7.32323   0.061 17.66128 ? 59  ILE A CG1 1 
ATOM   297  C CG1 B ILE A 1 35  ? 3.03373   -2.24543  7.73072   0.939 18.68731 ? 59  ILE A CG1 1 
ATOM   298  C CG2 A ILE A 1 35  ? 1.43653   -2.52079  9.47098   0.061 15.89532 ? 59  ILE A CG2 1 
ATOM   299  C CG2 B ILE A 1 35  ? 1.39837   -2.65788  9.56330   0.939 15.55704 ? 59  ILE A CG2 1 
ATOM   300  C CD1 A ILE A 1 35  ? 3.47317   -1.42718  7.69896   0.061 17.34304 ? 59  ILE A CD1 1 
ATOM   301  C CD1 B ILE A 1 35  ? 2.11678   -1.44926  6.81505   0.939 16.57261 ? 59  ILE A CD1 1 
ATOM   302  N N   . SER A 1 36  ? 2.87428   -4.72189  11.59531  1.000 19.03399 ? 60  SER A N   1 
ATOM   303  C CA  . SER A 1 36  ? 2.33615   -5.47497  12.72246  1.000 19.52970 ? 60  SER A CA  1 
ATOM   304  C C   . SER A 1 36  ? 0.98154   -4.95982  13.19494  1.000 20.65542 ? 60  SER A C   1 
ATOM   305  O O   . SER A 1 36  ? 0.02639   -5.73545  13.31450  1.000 19.04258 ? 60  SER A O   1 
ATOM   306  C CB  . SER A 1 36  ? 3.33521   -5.42951  13.88555  1.000 20.48564 ? 60  SER A CB  1 
ATOM   307  O OG  . SER A 1 36  ? 2.74031   -5.91770  15.07666  1.000 34.43234 ? 60  SER A OG  1 
ATOM   308  N N   . ARG A 1 37  ? 0.89114   -3.66590  13.50274  1.000 20.83103 ? 61  ARG A N   1 
ATOM   309  C CA  . ARG A 1 37  ? -0.30850  -3.07291  14.08465  1.000 26.25617 ? 61  ARG A CA  1 
ATOM   310  C C   . ARG A 1 37  ? -0.51881  -1.68086  13.51261  1.000 21.27395 ? 61  ARG A C   1 
ATOM   311  O O   . ARG A 1 37  ? 0.37149   -1.09662  12.88587  1.000 19.19469 ? 61  ARG A O   1 
ATOM   312  C CB  . ARG A 1 37  ? -0.21407  -2.96304  15.61296  1.000 22.19982 ? 61  ARG A CB  1 
ATOM   313  C CG  . ARG A 1 37  ? -0.00656  -4.27336  16.34640  1.000 30.63717 ? 61  ARG A CG  1 
ATOM   314  C CD  . ARG A 1 37  ? 0.26171   -4.01448  17.82540  1.000 26.78460 ? 61  ARG A CD  1 
ATOM   315  N NE  . ARG A 1 37  ? 1.00351   -5.11467  18.43103  1.000 43.94270 ? 61  ARG A NE  1 
ATOM   316  C CZ  . ARG A 1 37  ? 2.32603   -5.24719  18.36568  1.000 40.85929 ? 61  ARG A CZ  1 
ATOM   317  N NH1 . ARG A 1 37  ? 3.06190   -4.34289  17.72196  1.000 39.33303 ? 61  ARG A NH1 1 
ATOM   318  N NH2 . ARG A 1 37  ? 2.91383   -6.28291  18.95000  1.000 51.59962 ? 61  ARG A NH2 1 
ATOM   319  N N   . CYS A 1 38  ? -1.69903  -1.12806  13.78084  1.000 17.55911 ? 62  CYS A N   1 
ATOM   320  C CA  . CYS A 1 38  ? -2.04050  0.19290   13.27924  1.000 16.45878 ? 62  CYS A CA  1 
ATOM   321  C C   . CYS A 1 38  ? -3.18158  0.76190   14.11631  1.000 19.81007 ? 62  CYS A C   1 
ATOM   322  O O   . CYS A 1 38  ? -4.13975  0.04651   14.41989  1.000 22.04519 ? 62  CYS A O   1 
ATOM   323  C CB  . CYS A 1 38  ? -2.42880  0.09789   11.79939  1.000 17.92917 ? 62  CYS A CB  1 
ATOM   324  S SG  . CYS A 1 38  ? -2.89268  1.64801   11.03246  1.000 20.04535 ? 62  CYS A SG  1 
ATOM   325  N N   . VAL A 1 39  ? -3.07295  2.03539   14.50487  1.000 17.83076 ? 63  VAL A N   1 
ATOM   326  C CA  A VAL A 1 39  ? -4.11299  2.70501   15.27958  0.300 20.15017 ? 63  VAL A CA  1 
ATOM   327  C CA  B VAL A 1 39  ? -4.10478  2.71233   15.28902  0.700 20.09924 ? 63  VAL A CA  1 
ATOM   328  C C   . VAL A 1 39  ? -4.43371  4.04689   14.63171  1.000 22.66620 ? 63  VAL A C   1 
ATOM   329  O O   . VAL A 1 39  ? -3.52725  4.82676   14.31660  1.000 19.40174 ? 63  VAL A O   1 
ATOM   330  C CB  A VAL A 1 39  ? -3.70798  2.89175   16.75741  0.300 22.36540 ? 63  VAL A CB  1 
ATOM   331  C CB  B VAL A 1 39  ? -3.66864  2.93843   16.75076  0.700 22.33442 ? 63  VAL A CB  1 
ATOM   332  C CG1 A VAL A 1 39  ? -2.34881  3.56596   16.87690  0.300 21.50157 ? 63  VAL A CG1 1 
ATOM   333  C CG1 B VAL A 1 39  ? -4.73180  3.72640   17.49885  0.700 23.75900 ? 63  VAL A CG1 1 
ATOM   334  C CG2 A VAL A 1 39  ? -4.77501  3.67948   17.50744  0.300 23.76577 ? 63  VAL A CG2 1 
ATOM   335  C CG2 B VAL A 1 39  ? -3.40576  1.60742   17.44109  0.700 19.58086 ? 63  VAL A CG2 1 
ATOM   336  N N   . VAL A 1 40  ? -5.72763  4.30661   14.43227  1.000 21.09730 ? 64  VAL A N   1 
ATOM   337  C CA  . VAL A 1 40  ? -6.24672  5.56389   13.90402  1.000 21.16249 ? 64  VAL A CA  1 
ATOM   338  C C   . VAL A 1 40  ? -7.19608  6.14382   14.94580  1.000 27.04325 ? 64  VAL A C   1 
ATOM   339  O O   . VAL A 1 40  ? -8.09967  5.44440   15.41537  1.000 24.41142 ? 64  VAL A O   1 
ATOM   340  C CB  . VAL A 1 40  ? -6.99290  5.35924   12.57065  1.000 23.83696 ? 64  VAL A CB  1 
ATOM   341  C CG1 . VAL A 1 40  ? -7.49114  6.70197   12.01738  1.000 20.35384 ? 64  VAL A CG1 1 
ATOM   342  C CG2 . VAL A 1 40  ? -6.11432  4.62137   11.55811  1.000 20.52852 ? 64  VAL A CG2 1 
ATOM   343  N N   . GLN A 1 41  ? -7.00614  7.41258   15.29874  1.000 30.03422 ? 65  GLN A N   1 
ATOM   344  C CA  . GLN A 1 41  ? -7.94449  8.09070   16.18952  1.000 39.26359 ? 65  GLN A CA  1 
ATOM   345  C C   . GLN A 1 41  ? -9.09633  8.67676   15.38134  1.000 42.69403 ? 65  GLN A C   1 
ATOM   346  O O   . GLN A 1 41  ? -8.90628  9.13816   14.25090  1.000 37.41283 ? 65  GLN A O   1 
ATOM   347  C CB  . GLN A 1 41  ? -7.25633  9.20495   16.98213  1.000 40.76730 ? 65  GLN A CB  1 
ATOM   348  C CG  . GLN A 1 41  ? -6.14767  8.73588   17.90107  1.000 38.82469 ? 65  GLN A CG  1 
ATOM   349  C CD  . GLN A 1 41  ? -6.62704  7.73564   18.93857  1.000 39.31019 ? 65  GLN A CD  1 
ATOM   350  O OE1 . GLN A 1 41  ? -7.65830  7.93345   19.58896  1.000 34.34843 ? 65  GLN A OE1 1 
ATOM   351  N NE2 . GLN A 1 41  ? -5.87232  6.65359   19.10195  1.000 36.71615 ? 65  GLN A NE2 1 
ATOM   352  N N   . GLY A 1 42  ? -10.28889 8.66169   15.97166  1.000 35.33786 ? 66  GLY A N   1 
ATOM   353  C CA  . GLY A 1 42  ? -11.46303 9.24875   15.35021  1.000 37.76573 ? 66  GLY A CA  1 
ATOM   354  C C   . GLY A 1 42  ? -12.20449 8.31314   14.41171  1.000 44.77497 ? 66  GLY A C   1 
ATOM   355  O O   . GLY A 1 42  ? -12.98937 7.46917   14.84472  1.000 40.31150 ? 66  GLY A O   1 
ATOM   356  N N   . LEU A 1 45  ? -12.42138 7.05897   9.03244   1.000 42.28524 ? 69  LEU A N   1 
ATOM   357  C CA  . LEU A 1 45  ? -11.61285 7.05248   7.81806   1.000 35.93224 ? 69  LEU A CA  1 
ATOM   358  C C   . LEU A 1 45  ? -11.94460 8.23572   6.91757   1.000 33.02329 ? 69  LEU A C   1 
ATOM   359  O O   . LEU A 1 45  ? -12.45636 8.06249   5.81263   1.000 39.52172 ? 69  LEU A O   1 
ATOM   360  C CB  . LEU A 1 45  ? -11.80288 5.74616   7.04342   1.000 32.12148 ? 69  LEU A CB  1 
ATOM   361  C CG  . LEU A 1 45  ? -11.10500 4.49626   7.59872   1.000 40.10555 ? 69  LEU A CG  1 
ATOM   362  C CD1 . LEU A 1 45  ? -11.84462 3.91965   8.80424   1.000 52.12732 ? 69  LEU A CD1 1 
ATOM   363  C CD2 . LEU A 1 45  ? -10.92221 3.43262   6.52926   1.000 28.26307 ? 69  LEU A CD2 1 
ATOM   364  N N   . GLU A 1 46  ? -11.64658 9.44231   7.37750   1.000 31.44789 ? 70  GLU A N   1 
ATOM   365  C CA  . GLU A 1 46  ? -11.84267 10.63136  6.56570   1.000 29.62300 ? 70  GLU A CA  1 
ATOM   366  C C   . GLU A 1 46  ? -10.49427 11.23003  6.18886   1.000 26.63314 ? 70  GLU A C   1 
ATOM   367  O O   . GLU A 1 46  ? -9.48334  10.98698  6.84971   1.000 26.43673 ? 70  GLU A O   1 
ATOM   368  C CB  . GLU A 1 46  ? -12.69940 11.66430  7.30380   1.000 37.00336 ? 70  GLU A CB  1 
ATOM   369  C CG  . GLU A 1 46  ? -11.98680 12.39011  8.42313   1.000 37.61213 ? 70  GLU A CG  1 
ATOM   370  C CD  . GLU A 1 46  ? -12.93193 13.23978  9.25179   1.000 42.76471 ? 70  GLU A CD  1 
ATOM   371  O OE1 . GLU A 1 46  ? -13.89874 12.67565  9.80561   1.000 45.14516 ? 70  GLU A OE1 1 
ATOM   372  O OE2 . GLU A 1 46  ? -12.71793 14.46970  9.33865   1.000 42.42344 ? 70  GLU A OE2 1 
ATOM   373  N N   . VAL A 1 47  ? -10.49358 12.01144  5.10325   1.000 26.49973 ? 71  VAL A N   1 
ATOM   374  C CA  . VAL A 1 47  ? -9.27289  12.66758  4.64769   1.000 22.61943 ? 71  VAL A CA  1 
ATOM   375  C C   . VAL A 1 47  ? -8.69979  13.50712  5.77762   1.000 31.08880 ? 71  VAL A C   1 
ATOM   376  O O   . VAL A 1 47  ? -9.42520  14.24656  6.45774   1.000 24.88937 ? 71  VAL A O   1 
ATOM   377  C CB  . VAL A 1 47  ? -9.55504  13.51386  3.39952   1.000 22.51733 ? 71  VAL A CB  1 
ATOM   378  C CG1 . VAL A 1 47  ? -8.37218  14.42031  3.08206   1.000 24.98908 ? 71  VAL A CG1 1 
ATOM   379  C CG2 . VAL A 1 47  ? -9.85915  12.60432  2.22011   1.000 25.75123 ? 71  VAL A CG2 1 
ATOM   380  N N   . GLY A 1 48  ? -7.38735  13.38864  5.98819   1.000 21.07948 ? 72  GLY A N   1 
ATOM   381  C CA  . GLY A 1 48  ? -6.72455  13.98622  7.12664   1.000 21.49932 ? 72  GLY A CA  1 
ATOM   382  C C   . GLY A 1 48  ? -6.54542  13.05051  8.30738   1.000 20.56787 ? 72  GLY A C   1 
ATOM   383  O O   . GLY A 1 48  ? -5.82179  13.39934  9.25018   1.000 19.00550 ? 72  GLY A O   1 
ATOM   384  N N   . SER A 1 49  ? -7.18681  11.88333  8.28897   1.000 17.73339 ? 73  SER A N   1 
ATOM   385  C CA  . SER A 1 49  ? -6.96562  10.89934  9.33863   1.000 20.12942 ? 73  SER A CA  1 
ATOM   386  C C   . SER A 1 49  ? -5.49141  10.51415  9.39707   1.000 18.21623 ? 73  SER A C   1 
ATOM   387  O O   . SER A 1 49  ? -4.81623  10.41525  8.36968   1.000 17.43322 ? 73  SER A O   1 
ATOM   388  C CB  . SER A 1 49  ? -7.82260  9.65652   9.10027   1.000 25.11971 ? 73  SER A CB  1 
ATOM   389  O OG  . SER A 1 49  ? -9.19924  9.97166   9.18670   1.000 37.11077 ? 73  SER A OG  1 
ATOM   390  N N   . VAL A 1 50  ? -4.98924  10.31465  10.60884  1.000 15.50321 ? 74  VAL A N   1 
ATOM   391  C CA  . VAL A 1 50  ? -3.58967  9.96781   10.84263  1.000 14.47796 ? 74  VAL A CA  1 
ATOM   392  C C   . VAL A 1 50  ? -3.54423  8.54646   11.38725  1.000 17.73000 ? 74  VAL A C   1 
ATOM   393  O O   . VAL A 1 50  ? -4.24653  8.22920   12.35553  1.000 19.30142 ? 74  VAL A O   1 
ATOM   394  C CB  . VAL A 1 50  ? -2.92605  10.95565  11.82044  1.000 14.26418 ? 74  VAL A CB  1 
ATOM   395  C CG1 . VAL A 1 50  ? -1.49783  10.54264  12.11844  1.000 16.19902 ? 74  VAL A CG1 1 
ATOM   396  C CG2 . VAL A 1 50  ? -2.98220  12.37755  11.27543  1.000 16.50750 ? 74  VAL A CG2 1 
ATOM   397  N N   . ARG A 1 51  ? -2.74050  7.68386   10.76383  1.000 16.66649 ? 75  ARG A N   1 
ATOM   398  C CA  . ARG A 1 51  ? -2.49939  6.35339   11.30244  1.000 13.59337 ? 75  ARG A CA  1 
ATOM   399  C C   . ARG A 1 51  ? -1.08482  6.26441   11.84952  1.000 17.88595 ? 75  ARG A C   1 
ATOM   400  O O   . ARG A 1 51  ? -0.13191  6.77278   11.24588  1.000 19.47379 ? 75  ARG A O   1 
ATOM   401  C CB  . ARG A 1 51  ? -2.73961  5.24618   10.26769  1.000 13.30669 ? 75  ARG A CB  1 
ATOM   402  C CG  . ARG A 1 51  ? -1.77757  5.16504   9.08309   1.000 16.01688 ? 75  ARG A CG  1 
ATOM   403  C CD  . ARG A 1 51  ? -2.32393  4.10872   8.11225   1.000 15.19726 ? 75  ARG A CD  1 
ATOM   404  N NE  . ARG A 1 51  ? -1.51291  3.95579   6.91357   1.000 16.14040 ? 75  ARG A NE  1 
ATOM   405  C CZ  . ARG A 1 51  ? -1.85229  3.17517   5.88555   1.000 16.31757 ? 75  ARG A CZ  1 
ATOM   406  N NH1 . ARG A 1 51  ? -1.06559  3.07813   4.83169   1.000 21.66606 ? 75  ARG A NH1 1 
ATOM   407  N NH2 . ARG A 1 51  ? -2.99189  2.50249   5.91510   1.000 16.08279 ? 75  ARG A NH2 1 
ATOM   408  N N   . GLU A 1 52  ? -0.97743  5.65957   13.02625  1.000 17.05745 ? 76  GLU A N   1 
ATOM   409  C CA  . GLU A 1 52  ? 0.29454   5.32722   13.64932  1.000 19.91790 ? 76  GLU A CA  1 
ATOM   410  C C   . GLU A 1 52  ? 0.55120   3.84267   13.42679  1.000 19.65327 ? 76  GLU A C   1 
ATOM   411  O O   . GLU A 1 52  ? -0.20660  2.99963   13.91588  1.000 18.63791 ? 76  GLU A O   1 
ATOM   412  C CB  . GLU A 1 52  ? 0.26150   5.66422   15.13990  1.000 22.74687 ? 76  GLU A CB  1 
ATOM   413  C CG  . GLU A 1 52  ? -0.15329  7.09473   15.44059  1.000 26.30726 ? 76  GLU A CG  1 
ATOM   414  C CD  . GLU A 1 52  ? 0.86579   8.12230   14.94081  1.000 25.52745 ? 76  GLU A CD  1 
ATOM   415  O OE1 . GLU A 1 52  ? 1.98160   7.71843   14.54688  1.000 21.25248 ? 76  GLU A OE1 1 
ATOM   416  O OE2 . GLU A 1 52  ? 0.55475   9.33590   14.95132  1.000 25.15812 ? 76  GLU A OE2 1 
ATOM   417  N N   . VAL A 1 53  ? 1.60303   3.52818   12.67709  1.000 17.12487 ? 77  VAL A N   1 
ATOM   418  C CA  . VAL A 1 53  ? 1.85024   2.18337   12.17378  1.000 16.28648 ? 77  VAL A CA  1 
ATOM   419  C C   . VAL A 1 53  ? 3.02336   1.58469   12.93470  1.000 21.36203 ? 77  VAL A C   1 
ATOM   420  O O   . VAL A 1 53  ? 4.07879   2.21601   13.03864  1.000 19.93101 ? 77  VAL A O   1 
ATOM   421  C CB  . VAL A 1 53  ? 2.13141   2.20460   10.66085  1.000 20.68778 ? 77  VAL A CB  1 
ATOM   422  C CG1 . VAL A 1 53  ? 2.53473   0.82852   10.17896  1.000 20.93918 ? 77  VAL A CG1 1 
ATOM   423  C CG2 . VAL A 1 53  ? 0.91168   2.70354   9.90616   1.000 18.87027 ? 77  VAL A CG2 1 
ATOM   424  N N   . ASP A 1 54  ? 2.82850   0.38383   13.48434  1.000 19.46586 ? 78  ASP A N   1 
ATOM   425  C CA  . ASP A 1 54  ? 3.90577   -0.40924  14.08002  1.000 21.09429 ? 78  ASP A CA  1 
ATOM   426  C C   . ASP A 1 54  ? 4.44328   -1.38433  13.03823  1.000 18.05820 ? 78  ASP A C   1 
ATOM   427  O O   . ASP A 1 54  ? 3.68998   -2.22390  12.52981  1.000 18.39181 ? 78  ASP A O   1 
ATOM   428  C CB  . ASP A 1 54  ? 3.41806   -1.22452  15.28156  1.000 21.40744 ? 78  ASP A CB  1 
ATOM   429  C CG  . ASP A 1 54  ? 3.13283   -0.38789  16.52033  1.000 30.75304 ? 78  ASP A CG  1 
ATOM   430  O OD1 . ASP A 1 54  ? 3.41166   0.82055   16.54017  1.000 25.00229 ? 78  ASP A OD1 1 
ATOM   431  O OD2 . ASP A 1 54  ? 2.63353   -0.97781  17.50336  1.000 36.27428 ? 78  ASP A OD2 1 
ATOM   432  N N   . LEU A 1 55  ? 5.74375   -1.32144  12.76678  1.000 17.79869 ? 79  LEU A N   1 
ATOM   433  C CA  . LEU A 1 55  ? 6.35638   -2.32531  11.90623  1.000 17.88203 ? 79  LEU A CA  1 
ATOM   434  C C   . LEU A 1 55  ? 6.61286   -3.60965  12.69492  1.000 20.79780 ? 79  LEU A C   1 
ATOM   435  O O   . LEU A 1 55  ? 6.63932   -3.61221  13.92721  1.000 17.34430 ? 79  LEU A O   1 
ATOM   436  C CB  . LEU A 1 55  ? 7.66654   -1.80855  11.32106  1.000 17.64556 ? 79  LEU A CB  1 
ATOM   437  C CG  . LEU A 1 55  ? 7.53915   -0.53301  10.47970  1.000 19.43399 ? 79  LEU A CG  1 
ATOM   438  C CD1 . LEU A 1 55  ? 8.88771   -0.10251  9.95137   1.000 23.86622 ? 79  LEU A CD1 1 
ATOM   439  C CD2 . LEU A 1 55  ? 6.56490   -0.74414  9.32410   1.000 15.40673 ? 79  LEU A CD2 1 
ATOM   440  N N   . LYS A 1 56  ? 6.78563   -4.70967  11.96232  1.000 16.39143 ? 80  LYS A N   1 
ATOM   441  C CA  . LYS A 1 56  ? 7.20352   -5.96872  12.57045  1.000 23.09863 ? 80  LYS A CA  1 
ATOM   442  C C   . LYS A 1 56  ? 8.53367   -5.80565  13.29626  1.000 19.73292 ? 80  LYS A C   1 
ATOM   443  O O   . LYS A 1 56  ? 9.40825   -5.05194  12.86499  1.000 19.84136 ? 80  LYS A O   1 
ATOM   444  C CB  . LYS A 1 56  ? 7.34289   -7.05101  11.50125  1.000 22.64311 ? 80  LYS A CB  1 
ATOM   445  C CG  . LYS A 1 56  ? 6.03821   -7.46830  10.87308  1.000 25.64368 ? 80  LYS A CG  1 
ATOM   446  C CD  . LYS A 1 56  ? 5.37327   -8.51729  11.69979  1.000 28.63143 ? 80  LYS A CD  1 
ATOM   447  C CE  . LYS A 1 56  ? 5.10843   -9.75313  10.87883  1.000 33.90302 ? 80  LYS A CE  1 
ATOM   448  N NZ  . LYS A 1 56  ? 4.01439   -9.53745  9.90081   1.000 35.81963 ? 80  LYS A NZ  1 
ATOM   449  N N   . SER A 1 57  ? 8.68808   -6.54037  14.40188  1.000 18.53163 ? 81  SER A N   1 
ATOM   450  C CA  . SER A 1 57  ? 9.94310   -6.53378  15.14970  1.000 20.03711 ? 81  SER A CA  1 
ATOM   451  C C   . SER A 1 57  ? 11.07503  -7.09378  14.30003  1.000 16.16239 ? 81  SER A C   1 
ATOM   452  O O   . SER A 1 57  ? 10.88441  -8.00671  13.49097  1.000 22.56142 ? 81  SER A O   1 
ATOM   453  C CB  . SER A 1 57  ? 9.82584   -7.37273  16.43071  1.000 26.42214 ? 81  SER A CB  1 
ATOM   454  O OG  . SER A 1 57  ? 8.69712   -7.00754  17.19983  1.000 35.05906 ? 81  SER A OG  1 
ATOM   455  N N   . GLY A 1 58  ? 12.26506  -6.54754  14.49955  1.000 22.31975 ? 82  GLY A N   1 
ATOM   456  C CA  . GLY A 1 58  ? 13.43534  -7.02365  13.79542  1.000 25.63020 ? 82  GLY A CA  1 
ATOM   457  C C   . GLY A 1 58  ? 13.76236  -6.29791  12.51136  1.000 25.06489 ? 82  GLY A C   1 
ATOM   458  O O   . GLY A 1 58  ? 14.56386  -6.81247  11.72229  1.000 21.62469 ? 82  GLY A O   1 
ATOM   459  N N   . LEU A 1 59  ? 13.17118  -5.12511  12.27666  1.000 20.14964 ? 83  LEU A N   1 
ATOM   460  C CA  . LEU A 1 59  ? 13.46234  -4.25905  11.14226  1.000 18.13638 ? 83  LEU A CA  1 
ATOM   461  C C   . LEU A 1 59  ? 14.26725  -3.04966  11.59881  1.000 24.84878 ? 83  LEU A C   1 
ATOM   462  O O   . LEU A 1 59  ? 14.33583  -2.76667  12.79849  1.000 19.64813 ? 83  LEU A O   1 
ATOM   463  C CB  . LEU A 1 59  ? 12.15238  -3.80364  10.48528  1.000 19.91119 ? 83  LEU A CB  1 
ATOM   464  C CG  . LEU A 1 59  ? 11.44828  -4.87871  9.64895   1.000 20.75365 ? 83  LEU A CG  1 
ATOM   465  C CD1 . LEU A 1 59  ? 10.00325  -4.49102  9.33944   1.000 19.05755 ? 83  LEU A CD1 1 
ATOM   466  C CD2 . LEU A 1 59  ? 12.23420  -5.12950  8.35758   1.000 20.55156 ? 83  LEU A CD2 1 
ATOM   467  N N   . PRO A 1 60  ? 14.90370  -2.30839  10.67722  1.000 22.54515 ? 84  PRO A N   1 
ATOM   468  C CA  . PRO A 1 60  ? 15.67575  -1.13133  11.13156  1.000 24.93202 ? 84  PRO A CA  1 
ATOM   469  C C   . PRO A 1 60  ? 14.80997  -0.03742  11.74374  1.000 24.38263 ? 84  PRO A C   1 
ATOM   470  O O   . PRO A 1 60  ? 15.23547  0.60879   12.70812  1.000 28.71040 ? 84  PRO A O   1 
ATOM   471  C CB  . PRO A 1 60  ? 16.41503  -0.66271  9.86313   1.000 25.25573 ? 84  PRO A CB  1 
ATOM   472  C CG  . PRO A 1 60  ? 15.84390  -1.41821  8.73602   1.000 31.55501 ? 84  PRO A CG  1 
ATOM   473  C CD  . PRO A 1 60  ? 15.14296  -2.62647  9.25566   1.000 22.70126 ? 84  PRO A CD  1 
ATOM   474  N N   . ALA A 1 61  ? 13.60090  0.17781   11.23843  1.000 24.14545 ? 85  ALA A N   1 
ATOM   475  C CA  . ALA A 1 61  ? 12.66779  1.11302   11.85249  1.000 19.29770 ? 85  ALA A CA  1 
ATOM   476  C C   . ALA A 1 61  ? 11.61397  0.35395   12.64940  1.000 19.64890 ? 85  ALA A C   1 
ATOM   477  O O   . ALA A 1 61  ? 11.47854  -0.86920  12.54597  1.000 21.84958 ? 85  ALA A O   1 
ATOM   478  C CB  . ALA A 1 61  ? 12.00206  1.99371   10.79150  1.000 17.92091 ? 85  ALA A CB  1 
ATOM   479  N N   . THR A 1 62  ? 10.85639  1.09905   13.45940  1.000 17.77476 ? 86  THR A N   1 
ATOM   480  C CA  . THR A 1 62  ? 9.77359   0.51214   14.23626  1.000 19.41274 ? 86  THR A CA  1 
ATOM   481  C C   . THR A 1 62  ? 8.40478   1.12676   13.98942  1.000 17.72717 ? 86  THR A C   1 
ATOM   482  O O   . THR A 1 62  ? 7.40257   0.47033   14.28532  1.000 17.36717 ? 86  THR A O   1 
ATOM   483  C CB  . THR A 1 62  ? 10.06344  0.59676   15.74303  1.000 24.09160 ? 86  THR A CB  1 
ATOM   484  O OG1 . THR A 1 62  ? 10.06726  1.97227   16.16393  1.000 20.69628 ? 86  THR A OG1 1 
ATOM   485  C CG2 . THR A 1 62  ? 11.40381  -0.05411  16.05543  1.000 20.50033 ? 86  THR A CG2 1 
ATOM   486  N N   . LYS A 1 63  ? 8.31983   2.35143   13.47454  1.000 20.95456 ? 87  LYS A N   1 
ATOM   487  C CA  . LYS A 1 63  ? 7.00098   2.93949   13.29841  1.000 17.81738 ? 87  LYS A CA  1 
ATOM   488  C C   . LYS A 1 63  ? 7.00792   3.99088   12.20202  1.000 19.38478 ? 87  LYS A C   1 
ATOM   489  O O   . LYS A 1 63  ? 8.04918   4.52083   11.80335  1.000 17.71210 ? 87  LYS A O   1 
ATOM   490  C CB  . LYS A 1 63  ? 6.45115   3.54434   14.59946  1.000 25.55000 ? 87  LYS A CB  1 
ATOM   491  C CG  . LYS A 1 63  ? 7.38418   4.41747   15.37331  1.000 29.82544 ? 87  LYS A CG  1 
ATOM   492  C CD  . LYS A 1 63  ? 7.02571   4.32207   16.86289  1.000 30.79249 ? 87  LYS A CD  1 
ATOM   493  C CE  . LYS A 1 63  ? 7.62762   5.45970   17.66022  1.000 42.12354 ? 87  LYS A CE  1 
ATOM   494  N NZ  . LYS A 1 63  ? 9.12126   5.52211   17.57413  1.000 41.89178 ? 87  LYS A NZ  1 
ATOM   495  N N   . SER A 1 64  ? 5.80264   4.27053   11.72685  1.000 17.48837 ? 88  SER A N   1 
ATOM   496  C CA  . SER A 1 64  ? 5.53850   5.23793   10.68273  1.000 16.52606 ? 88  SER A CA  1 
ATOM   497  C C   . SER A 1 64  ? 4.26473   5.97756   11.05636  1.000 15.47892 ? 88  SER A C   1 
ATOM   498  O O   . SER A 1 64  ? 3.34902   5.39409   11.64083  1.000 17.69028 ? 88  SER A O   1 
ATOM   499  C CB  . SER A 1 64  ? 5.37915   4.53872   9.31452   1.000 18.10080 ? 88  SER A CB  1 
ATOM   500  O OG  . SER A 1 64  ? 5.28816   5.48363   8.27497   1.000 20.62772 ? 88  SER A OG  1 
ATOM   501  N N   . THR A 1 65  ? 4.21347   7.26195   10.71885  1.000 12.91346 ? 89  THR A N   1 
ATOM   502  C CA  . THR A 1 65  ? 3.02085   8.09001   10.86208  1.000 15.25231 ? 89  THR A CA  1 
ATOM   503  C C   . THR A 1 65  ? 2.58293   8.51268   9.46824   1.000 16.61343 ? 89  THR A C   1 
ATOM   504  O O   . THR A 1 65  ? 3.37666   9.10084   8.72879   1.000 17.40150 ? 89  THR A O   1 
ATOM   505  C CB  . THR A 1 65  ? 3.30317   9.33057   11.71018  1.000 17.72700 ? 89  THR A CB  1 
ATOM   506  O OG1 . THR A 1 65  ? 3.84575   8.94106   12.98029  1.000 19.03397 ? 89  THR A OG1 1 
ATOM   507  C CG2 . THR A 1 65  ? 2.02074   10.13135  11.91313  1.000 18.69357 ? 89  THR A CG2 1 
ATOM   508  N N   . GLU A 1 66  ? 1.32951   8.21692   9.10099   1.000 13.17303 ? 90  GLU A N   1 
ATOM   509  C CA  . GLU A 1 66  ? 0.88072   8.42625   7.73035   1.000 15.54606 ? 90  GLU A CA  1 
ATOM   510  C C   . GLU A 1 66  ? -0.49077  9.09126   7.71875   1.000 14.53932 ? 90  GLU A C   1 
ATOM   511  O O   . GLU A 1 66  ? -1.32541  8.84905   8.59704   1.000 16.97156 ? 90  GLU A O   1 
ATOM   512  C CB  . GLU A 1 66  ? 0.87477   7.08061   6.95939   1.000 17.05830 ? 90  GLU A CB  1 
ATOM   513  C CG  . GLU A 1 66  ? 2.08780   6.22577   7.34783   1.000 16.69553 ? 90  GLU A CG  1 
ATOM   514  C CD  . GLU A 1 66  ? 2.22132   4.92546   6.59227   1.000 20.66127 ? 90  GLU A CD  1 
ATOM   515  O OE1 . GLU A 1 66  ? 1.21310   4.43685   6.04634   1.000 18.08892 ? 90  GLU A OE1 1 
ATOM   516  O OE2 . GLU A 1 66  ? 3.35670   4.39572   6.56285   1.000 22.28324 ? 90  GLU A OE2 1 
ATOM   517  N N   . VAL A 1 67  ? -0.71314  9.94630   6.71591   1.000 14.55323 ? 91  VAL A N   1 
ATOM   518  C CA  . VAL A 1 67  ? -1.93605  10.73861  6.60768   1.000 14.54149 ? 91  VAL A CA  1 
ATOM   519  C C   . VAL A 1 67  ? -2.75412  10.25188  5.41795   1.000 14.46661 ? 91  VAL A C   1 
ATOM   520  O O   . VAL A 1 67  ? -2.20226  9.95130   4.35303   1.000 14.51514 ? 91  VAL A O   1 
ATOM   521  C CB  . VAL A 1 67  ? -1.61186  12.24178  6.48395   1.000 14.75937 ? 91  VAL A CB  1 
ATOM   522  C CG1 . VAL A 1 67  ? -2.85106  13.02985  6.15030   1.000 20.48559 ? 91  VAL A CG1 1 
ATOM   523  C CG2 . VAL A 1 67  ? -1.02377  12.74532  7.77983   1.000 18.32996 ? 91  VAL A CG2 1 
ATOM   524  N N   . LEU A 1 68  ? -4.07225  10.16496  5.60896   1.000 13.18930 ? 92  LEU A N   1 
ATOM   525  C CA  . LEU A 1 68  ? -4.99579  9.79918   4.54042   1.000 14.19547 ? 92  LEU A CA  1 
ATOM   526  C C   . LEU A 1 68  ? -5.24067  11.01922  3.65832   1.000 17.68811 ? 92  LEU A C   1 
ATOM   527  O O   . LEU A 1 68  ? -5.89893  11.97962  4.07938   1.000 20.52181 ? 92  LEU A O   1 
ATOM   528  C CB  . LEU A 1 68  ? -6.29939  9.27427   5.13471   1.000 16.36319 ? 92  LEU A CB  1 
ATOM   529  C CG  . LEU A 1 68  ? -7.33650  8.76376   4.13087   1.000 17.50724 ? 92  LEU A CG  1 
ATOM   530  C CD1 . LEU A 1 68  ? -6.71520  7.69414   3.27770   1.000 18.06548 ? 92  LEU A CD1 1 
ATOM   531  C CD2 . LEU A 1 68  ? -8.56784  8.24320   4.85106   1.000 19.29417 ? 92  LEU A CD2 1 
ATOM   532  N N   . GLU A 1 69  ? -4.70344  10.99587  2.43635   1.000 15.91971 ? 93  GLU A N   1 
ATOM   533  C CA  . GLU A 1 69  ? -4.91100  12.10304  1.50787   1.000 17.61224 ? 93  GLU A CA  1 
ATOM   534  C C   . GLU A 1 69  ? -6.14121  11.91136  0.62756   1.000 19.63607 ? 93  GLU A C   1 
ATOM   535  O O   . GLU A 1 69  ? -6.82799  12.88676  0.30075   1.000 18.36840 ? 93  GLU A O   1 
ATOM   536  C CB  . GLU A 1 69  ? -3.67213  12.30057  0.62501   1.000 16.31789 ? 93  GLU A CB  1 
ATOM   537  C CG  . GLU A 1 69  ? -2.43300  12.78557  1.40687   1.000 20.68198 ? 93  GLU A CG  1 
ATOM   538  C CD  . GLU A 1 69  ? -1.31032  13.31596  0.51336   1.000 20.08150 ? 93  GLU A CD  1 
ATOM   539  O OE1 . GLU A 1 69  ? -1.14215  12.81501  -0.62118  1.000 19.71271 ? 93  GLU A OE1 1 
ATOM   540  O OE2 . GLU A 1 69  ? -0.58701  14.24289  0.94874   1.000 17.46557 ? 93  GLU A OE2 1 
ATOM   541  N N   . ILE A 1 70  ? -6.43489  10.68086  0.22390   1.000 14.61904 ? 94  ILE A N   1 
ATOM   542  C CA  . ILE A 1 70  ? -7.56439  10.40253  -0.66215  1.000 15.24974 ? 94  ILE A CA  1 
ATOM   543  C C   . ILE A 1 70  ? -8.19554  9.08544   -0.25054  1.000 18.25373 ? 94  ILE A C   1 
ATOM   544  O O   . ILE A 1 70  ? -7.49466  8.08768   -0.05869  1.000 14.84246 ? 94  ILE A O   1 
ATOM   545  C CB  . ILE A 1 70  ? -7.14619  10.32728  -2.14250  1.000 16.19675 ? 94  ILE A CB  1 
ATOM   546  C CG1 . ILE A 1 70  ? -6.54840  11.65169  -2.60752  1.000 17.59646 ? 94  ILE A CG1 1 
ATOM   547  C CG2 . ILE A 1 70  ? -8.34746  9.94656   -3.02143  1.000 16.36133 ? 94  ILE A CG2 1 
ATOM   548  C CD1 . ILE A 1 70  ? -5.71855  11.51625  -3.83615  1.000 21.90530 ? 94  ILE A CD1 1 
ATOM   549  N N   . LEU A 1 71  ? -9.51888  9.07490   -0.12888  1.000 17.67741 ? 95  LEU A N   1 
ATOM   550  C CA  . LEU A 1 71  ? -10.26633 7.83029   -0.01097  1.000 16.58797 ? 95  LEU A CA  1 
ATOM   551  C C   . LEU A 1 71  ? -11.51243 8.01236   -0.86909  1.000 23.21112 ? 95  LEU A C   1 
ATOM   552  O O   . LEU A 1 71  ? -12.48962 8.61668   -0.42293  1.000 18.81145 ? 95  LEU A O   1 
ATOM   553  C CB  . LEU A 1 71  ? -10.61674 7.49747   1.43423   1.000 19.26965 ? 95  LEU A CB  1 
ATOM   554  C CG  . LEU A 1 71  ? -11.37221 6.17645   1.60688   1.000 22.17403 ? 95  LEU A CG  1 
ATOM   555  C CD1 . LEU A 1 71  ? -10.46663 5.00181   1.27746   1.000 23.35197 ? 95  LEU A CD1 1 
ATOM   556  C CD2 . LEU A 1 71  ? -11.94241 6.03874   3.02471   1.000 32.06128 ? 95  LEU A CD2 1 
ATOM   557  N N   . ASP A 1 72  ? -11.46123 7.50027   -2.10038  1.000 19.62372 ? 96  ASP A N   1 
ATOM   558  C CA  . ASP A 1 72  ? -12.55052 7.60042   -3.06987  1.000 15.93649 ? 96  ASP A CA  1 
ATOM   559  C C   . ASP A 1 72  ? -13.17065 6.20810   -3.16579  1.000 17.12851 ? 96  ASP A C   1 
ATOM   560  O O   . ASP A 1 72  ? -12.61064 5.30920   -3.80124  1.000 16.45102 ? 96  ASP A O   1 
ATOM   561  C CB  . ASP A 1 72  ? -12.02698 8.10515   -4.41429  1.000 16.36021 ? 96  ASP A CB  1 
ATOM   562  C CG  . ASP A 1 72  ? -13.13455 8.29456   -5.45876  1.000 20.57636 ? 96  ASP A CG  1 
ATOM   563  O OD1 . ASP A 1 72  ? -14.18658 7.64123   -5.35516  1.000 18.70037 ? 96  ASP A OD1 1 
ATOM   564  O OD2 . ASP A 1 72  ? -12.92924 9.07700   -6.40415  1.000 17.21545 ? 96  ASP A OD2 1 
ATOM   565  N N   . ASP A 1 73  ? -14.31152 6.02850   -2.50482  1.000 15.53813 ? 97  ASP A N   1 
ATOM   566  C CA  . ASP A 1 73  ? -14.96625 4.72670   -2.46095  1.000 19.06083 ? 97  ASP A CA  1 
ATOM   567  C C   . ASP A 1 73  ? -15.72558 4.40811   -3.73600  1.000 19.65111 ? 97  ASP A C   1 
ATOM   568  O O   . ASP A 1 73  ? -16.14276 3.25601   -3.91642  1.000 20.70751 ? 97  ASP A O   1 
ATOM   569  C CB  . ASP A 1 73  ? -15.92329 4.65121   -1.26800  1.000 19.35210 ? 97  ASP A CB  1 
ATOM   570  C CG  . ASP A 1 73  ? -15.25119 4.13301   -0.02873  1.000 27.91043 ? 97  ASP A CG  1 
ATOM   571  O OD1 . ASP A 1 73  ? -14.37470 3.25370   -0.15237  1.000 28.52005 ? 97  ASP A OD1 1 
ATOM   572  O OD2 . ASP A 1 73  ? -15.58495 4.61044   1.07376   1.000 36.25932 ? 97  ASP A OD2 1 
ATOM   573  N N   . ASN A 1 74  ? -15.91723 5.39223   -4.61485  1.000 18.88864 ? 98  ASN A N   1 
ATOM   574  C CA  . ASN A 1 74  ? -16.60509 5.17161   -5.87988  1.000 16.95050 ? 98  ASN A CA  1 
ATOM   575  C C   . ASN A 1 74  ? -15.64672 4.78642   -6.99855  1.000 19.64327 ? 98  ASN A C   1 
ATOM   576  O O   . ASN A 1 74  ? -15.96150 3.91237   -7.81345  1.000 18.77405 ? 98  ASN A O   1 
ATOM   577  C CB  . ASN A 1 74  ? -17.38650 6.42505   -6.27435  1.000 23.17405 ? 98  ASN A CB  1 
ATOM   578  C CG  . ASN A 1 74  ? -18.46916 6.76538   -5.27139  1.000 25.39672 ? 98  ASN A CG  1 
ATOM   579  O OD1 . ASN A 1 74  ? -19.18387 5.88114   -4.79840  1.000 28.87090 ? 98  ASN A OD1 1 
ATOM   580  N ND2 . ASN A 1 74  ? -18.57267 8.04582   -4.91384  1.000 27.10173 ? 98  ASN A ND2 1 
ATOM   581  N N   . GLU A 1 75  ? -14.48861 5.43732   -7.06964  1.000 18.04576 ? 99  GLU A N   1 
ATOM   582  C CA  . GLU A 1 75  ? -13.48456 5.09901   -8.06447  1.000 15.37865 ? 99  GLU A CA  1 
ATOM   583  C C   . GLU A 1 75  ? -12.35381 4.25470   -7.49824  1.000 15.03409 ? 99  GLU A C   1 
ATOM   584  O O   . GLU A 1 75  ? -11.43901 3.88924   -8.24290  1.000 17.08002 ? 99  GLU A O   1 
ATOM   585  C CB  . GLU A 1 75  ? -12.92026 6.37073   -8.69960  1.000 16.63157 ? 99  GLU A CB  1 
ATOM   586  C CG  . GLU A 1 75  ? -13.96637 7.22571   -9.43224  1.000 17.61413 ? 99  GLU A CG  1 
ATOM   587  C CD  . GLU A 1 75  ? -14.81173 6.46300   -10.45352 1.000 24.66513 ? 99  GLU A CD  1 
ATOM   588  O OE1 . GLU A 1 75  ? -14.41213 5.37042   -10.92790 1.000 22.44510 ? 99  GLU A OE1 1 
ATOM   589  O OE2 . GLU A 1 75  ? -15.90835 6.96778   -10.77306 1.000 21.68773 ? 99  GLU A OE2 1 
ATOM   590  N N   . HIS A 1 76  ? -12.39086 3.94900   -6.20359  1.000 13.99823 ? 100 HIS A N   1 
ATOM   591  C CA  . HIS A 1 76  ? -11.48402 2.97811   -5.59865  1.000 15.94577 ? 100 HIS A CA  1 
ATOM   592  C C   . HIS A 1 76  ? -10.04760 3.47422   -5.65767  1.000 12.46105 ? 100 HIS A C   1 
ATOM   593  O O   . HIS A 1 76  ? -9.15460  2.79545   -6.18555  1.000 12.18267 ? 100 HIS A O   1 
ATOM   594  C CB  . HIS A 1 76  ? -11.66494 1.61703   -6.27202  1.000 14.47444 ? 100 HIS A CB  1 
ATOM   595  C CG  . HIS A 1 76  ? -13.10178 1.21083   -6.36240  1.000 17.77374 ? 100 HIS A CG  1 
ATOM   596  N ND1 . HIS A 1 76  ? -13.78945 1.16475   -7.55614  1.000 17.82695 ? 100 HIS A ND1 1 
ATOM   597  C CD2 . HIS A 1 76  ? -14.00274 0.90410   -5.39677  1.000 21.30296 ? 100 HIS A CD2 1 
ATOM   598  C CE1 . HIS A 1 76  ? -15.04496 0.81180   -7.32611  1.000 19.49773 ? 100 HIS A CE1 1 
ATOM   599  N NE2 . HIS A 1 76  ? -15.20309 0.65483   -6.02351  1.000 16.12940 ? 100 HIS A NE2 1 
ATOM   600  N N   . ILE A 1 77  ? -9.83849  4.66196   -5.09570  1.000 14.86376 ? 101 ILE A N   1 
ATOM   601  C CA  . ILE A 1 77  ? -8.53684  5.31395   -5.01031  1.000 13.29519 ? 101 ILE A CA  1 
ATOM   602  C C   . ILE A 1 77  ? -8.19990  5.52993   -3.53924  1.000 12.25855 ? 101 ILE A C   1 
ATOM   603  O O   . ILE A 1 77  ? -9.01261  6.08898   -2.79107  1.000 11.45612 ? 101 ILE A O   1 
ATOM   604  C CB  . ILE A 1 77  ? -8.52486  6.66713   -5.74157  1.000 11.73765 ? 101 ILE A CB  1 
ATOM   605  C CG1 . ILE A 1 77  ? -8.99167  6.52570   -7.19423  1.000 12.87410 ? 101 ILE A CG1 1 
ATOM   606  C CG2 . ILE A 1 77  ? -7.12718  7.26247   -5.68875  1.000 15.00488 ? 101 ILE A CG2 1 
ATOM   607  C CD1 . ILE A 1 77  ? -9.24680  7.86552   -7.87258  1.000 14.56949 ? 101 ILE A CD1 1 
ATOM   608  N N   . LEU A 1 78  ? -6.99469  5.11884   -3.13686  1.000 12.60130 ? 102 LEU A N   1 
ATOM   609  C CA  . LEU A 1 78  ? -6.45874  5.38531   -1.80149  1.000 14.68919 ? 102 LEU A CA  1 
ATOM   610  C C   . LEU A 1 78  ? -5.12822  6.11396   -1.93836  1.000 11.85317 ? 102 LEU A C   1 
ATOM   611  O O   . LEU A 1 78  ? -4.20726  5.60056   -2.57746  1.000 13.08234 ? 102 LEU A O   1 
ATOM   612  C CB  . LEU A 1 78  ? -6.25371  4.08645   -1.01337  1.000 12.41429 ? 102 LEU A CB  1 
ATOM   613  C CG  . LEU A 1 78  ? -5.54054  4.21993   0.34563   1.000 15.47231 ? 102 LEU A CG  1 
ATOM   614  C CD1 . LEU A 1 78  ? -6.45715  4.89515   1.34023   1.000 15.98544 ? 102 LEU A CD1 1 
ATOM   615  C CD2 . LEU A 1 78  ? -5.06898  2.86797   0.90654   1.000 12.78099 ? 102 LEU A CD2 1 
ATOM   616  N N   . GLY A 1 79  ? -5.01917  7.29129   -1.32747  1.000 13.05487 ? 103 GLY A N   1 
ATOM   617  C CA  . GLY A 1 79  ? -3.76965  8.02976   -1.37527  1.000 14.76698 ? 103 GLY A CA  1 
ATOM   618  C C   . GLY A 1 79  ? -3.29832  8.36887   0.02359   1.000 13.79574 ? 103 GLY A C   1 
ATOM   619  O O   . GLY A 1 79  ? -4.09530  8.81596   0.85727   1.000 13.87607 ? 103 GLY A O   1 
ATOM   620  N N   . ILE A 1 80  ? -2.02080  8.12940   0.31159   1.000 12.30272 ? 104 ILE A N   1 
ATOM   621  C CA  . ILE A 1 80  ? -1.46346  8.37470   1.63495   1.000 11.44186 ? 104 ILE A CA  1 
ATOM   622  C C   . ILE A 1 80  ? -0.15854  9.14898   1.48444   1.000 12.00451 ? 104 ILE A C   1 
ATOM   623  O O   . ILE A 1 80  ? 0.45101   9.19001   0.41165   1.000 13.79534 ? 104 ILE A O   1 
ATOM   624  C CB  . ILE A 1 80  ? -1.23031  7.06732   2.42751   1.000 16.48764 ? 104 ILE A CB  1 
ATOM   625  C CG1 . ILE A 1 80  ? -0.13040  6.23941   1.77057   1.000 16.47956 ? 104 ILE A CG1 1 
ATOM   626  C CG2 . ILE A 1 80  ? -2.52352  6.24489   2.49165   1.000 14.18073 ? 104 ILE A CG2 1 
ATOM   627  C CD1 . ILE A 1 80  ? 1.27454   6.42371   2.38105   1.000 23.95214 ? 104 ILE A CD1 1 
ATOM   628  N N   . ARG A 1 81  ? 0.27598   9.75177   2.59164   1.000 12.59898 ? 105 ARG A N   1 
ATOM   629  C CA  . ARG A 1 81  ? 1.58004   10.40346  2.66564   1.000 12.17880 ? 105 ARG A CA  1 
ATOM   630  C C   . ARG A 1 81  ? 2.19176   10.08647  4.02255   1.000 13.21174 ? 105 ARG A C   1 
ATOM   631  O O   . ARG A 1 81  ? 1.50313   10.13920  5.04017   1.000 14.37412 ? 105 ARG A O   1 
ATOM   632  C CB  . ARG A 1 81  ? 1.46016   11.92708  2.47188   1.000 11.78440 ? 105 ARG A CB  1 
ATOM   633  C CG  . ARG A 1 81  ? 2.75325   12.70533  2.74054   1.000 13.30273 ? 105 ARG A CG  1 
ATOM   634  C CD  . ARG A 1 81  ? 2.58650   14.20422  2.48969   1.000 13.27293 ? 105 ARG A CD  1 
ATOM   635  N NE  . ARG A 1 81  ? 2.38233   14.48369  1.06912   1.000 15.29420 ? 105 ARG A NE  1 
ATOM   636  C CZ  . ARG A 1 81  ? 3.37493   14.63584  0.19759   1.000 14.88912 ? 105 ARG A CZ  1 
ATOM   637  N NH1 . ARG A 1 81  ? 4.63814   14.57058  0.60888   1.000 15.51651 ? 105 ARG A NH1 1 
ATOM   638  N NH2 . ARG A 1 81  ? 3.11127   14.87347  -1.08031  1.000 18.67349 ? 105 ARG A NH2 1 
ATOM   639  N N   . ILE A 1 82  ? 3.47200   9.73400   4.03626   1.000 13.23991 ? 106 ILE A N   1 
ATOM   640  C CA  . ILE A 1 82  ? 4.17596   9.44159   5.28447   1.000 15.98919 ? 106 ILE A CA  1 
ATOM   641  C C   . ILE A 1 82  ? 4.76129   10.73536  5.83182   1.000 15.89630 ? 106 ILE A C   1 
ATOM   642  O O   . ILE A 1 82  ? 5.46363   11.45963  5.11714   1.000 15.34547 ? 106 ILE A O   1 
ATOM   643  C CB  . ILE A 1 82  ? 5.27630   8.39112   5.06592   1.000 17.29986 ? 106 ILE A CB  1 
ATOM   644  C CG1 . ILE A 1 82  ? 4.65702   7.03732   4.71113   1.000 15.53340 ? 106 ILE A CG1 1 
ATOM   645  C CG2 . ILE A 1 82  ? 6.18395   8.31230   6.30966   1.000 16.39893 ? 106 ILE A CG2 1 
ATOM   646  C CD1 . ILE A 1 82  ? 5.68576   5.98088   4.31128   1.000 20.67601 ? 106 ILE A CD1 1 
ATOM   647  N N   . VAL A 1 83  ? 4.47416   11.02733  7.10266   1.000 14.17693 ? 107 VAL A N   1 
ATOM   648  C CA  . VAL A 1 83  ? 4.82801   12.30343  7.71383   1.000 13.21619 ? 107 VAL A CA  1 
ATOM   649  C C   . VAL A 1 83  ? 5.69015   12.14178  8.96053   1.000 17.40602 ? 107 VAL A C   1 
ATOM   650  O O   . VAL A 1 83  ? 6.03413   13.14226  9.59316   1.000 17.18434 ? 107 VAL A O   1 
ATOM   651  C CB  . VAL A 1 83  ? 3.56662   13.13252  8.03822   1.000 14.00933 ? 107 VAL A CB  1 
ATOM   652  C CG1 . VAL A 1 83  ? 2.78965   13.46591  6.76854   1.000 17.19340 ? 107 VAL A CG1 1 
ATOM   653  C CG2 . VAL A 1 83  ? 2.67106   12.39871  9.03473   1.000 15.39214 ? 107 VAL A CG2 1 
ATOM   654  N N   . GLY A 1 84  ? 6.04189   10.92068  9.34041   1.000 17.26379 ? 108 GLY A N   1 
ATOM   655  C CA  . GLY A 1 84  ? 6.89972   10.75152  10.50033  1.000 17.76555 ? 108 GLY A CA  1 
ATOM   656  C C   . GLY A 1 84  ? 7.29186   9.30075   10.65357  1.000 17.86085 ? 108 GLY A C   1 
ATOM   657  O O   . GLY A 1 84  ? 6.87469   8.44014   9.87478   1.000 12.87252 ? 108 GLY A O   1 
ATOM   658  N N   . GLY A 1 85  ? 8.10066   9.04833   11.67767  1.000 17.24161 ? 109 GLY A N   1 
ATOM   659  C CA  . GLY A 1 85  ? 8.57203   7.71915   12.02384  1.000 16.25275 ? 109 GLY A CA  1 
ATOM   660  C C   . GLY A 1 85  ? 10.08609  7.67465   12.12123  1.000 17.05019 ? 109 GLY A C   1 
ATOM   661  O O   . GLY A 1 85  ? 10.79131  8.62423   11.78876  1.000 21.56087 ? 109 GLY A O   1 
ATOM   662  N N   . ASP A 1 86  ? 10.57880  6.52808   12.59391  1.000 18.84521 ? 110 ASP A N   1 
ATOM   663  C CA  . ASP A 1 86  ? 12.01760  6.35912   12.81628  1.000 19.51362 ? 110 ASP A CA  1 
ATOM   664  C C   . ASP A 1 86  ? 12.70535  5.64003   11.65779  1.000 21.67109 ? 110 ASP A C   1 
ATOM   665  O O   . ASP A 1 86  ? 13.64623  4.86840   11.84584  1.000 22.00279 ? 110 ASP A O   1 
ATOM   666  C CB  . ASP A 1 86  ? 12.29200  5.66004   14.15185  1.000 19.72182 ? 110 ASP A CB  1 
ATOM   667  C CG  . ASP A 1 86  ? 11.63915  4.27937   14.27706  1.000 19.95376 ? 110 ASP A CG  1 
ATOM   668  O OD1 . ASP A 1 86  ? 10.82124  3.89051   13.42342  1.000 16.07971 ? 110 ASP A OD1 1 
ATOM   669  O OD2 . ASP A 1 86  ? 11.96071  3.56117   15.26094  1.000 19.08782 ? 110 ASP A OD2 1 
ATOM   670  N N   . HIS A 1 87  ? 12.25649  5.90991   10.44327  1.000 22.15773 ? 111 HIS A N   1 
ATOM   671  C CA  . HIS A 1 87  ? 12.81578  5.42690   9.19078   1.000 23.58763 ? 111 HIS A CA  1 
ATOM   672  C C   . HIS A 1 87  ? 13.48126  6.59835   8.46739   1.000 22.52410 ? 111 HIS A C   1 
ATOM   673  O O   . HIS A 1 87  ? 13.47415  7.73666   8.94726   1.000 25.09308 ? 111 HIS A O   1 
ATOM   674  C CB  . HIS A 1 87  ? 11.70194  4.83121   8.33156   1.000 16.93067 ? 111 HIS A CB  1 
ATOM   675  C CG  . HIS A 1 87  ? 10.57861  5.79524   8.11711   1.000 19.46705 ? 111 HIS A CG  1 
ATOM   676  N ND1 . HIS A 1 87  ? 10.61546  6.77512   7.14648   1.000 19.86714 ? 111 HIS A ND1 1 
ATOM   677  C CD2 . HIS A 1 87  ? 9.42120   5.97856   8.79447   1.000 19.60957 ? 111 HIS A CD2 1 
ATOM   678  C CE1 . HIS A 1 87  ? 9.50943   7.49586   7.20975   1.000 15.96558 ? 111 HIS A CE1 1 
ATOM   679  N NE2 . HIS A 1 87  ? 8.76738   7.03366   8.20191   1.000 18.95398 ? 111 HIS A NE2 1 
ATOM   680  N N   . ARG A 1 88  ? 14.00172  6.32485   7.27100   1.000 20.94716 ? 112 ARG A N   1 
ATOM   681  C CA  . ARG A 1 88  ? 14.74084  7.31459   6.49573   1.000 27.95333 ? 112 ARG A CA  1 
ATOM   682  C C   . ARG A 1 88  ? 13.95392  7.89211   5.33704   1.000 19.33912 ? 112 ARG A C   1 
ATOM   683  O O   . ARG A 1 88  ? 14.47589  8.78225   4.66302   1.000 25.44130 ? 112 ARG A O   1 
ATOM   684  C CB  . ARG A 1 88  ? 16.03357  6.72253   5.90383   1.000 27.57965 ? 112 ARG A CB  1 
ATOM   685  C CG  . ARG A 1 88  ? 17.11963  6.45386   6.86846   1.000 34.77925 ? 112 ARG A CG  1 
ATOM   686  C CD  . ARG A 1 88  ? 18.44952  6.31584   6.16489   1.000 25.05419 ? 112 ARG A CD  1 
ATOM   687  N NE  . ARG A 1 88  ? 18.58773  5.12014   5.33355   1.000 21.16824 ? 112 ARG A NE  1 
ATOM   688  C CZ  . ARG A 1 88  ? 19.05250  5.15483   4.09122   1.000 23.58925 ? 112 ARG A CZ  1 
ATOM   689  N NH1 . ARG A 1 88  ? 19.18019  4.04021   3.38048   1.000 22.19011 ? 112 ARG A NH1 1 
ATOM   690  N NH2 . ARG A 1 88  ? 19.39408  6.32040   3.56191   1.000 25.93662 ? 112 ARG A NH2 1 
ATOM   691  N N   . LEU A 1 89  ? 12.74334  7.39159   5.06533   1.000 20.99049 ? 113 LEU A N   1 
ATOM   692  C CA  . LEU A 1 89  ? 11.99559  7.79528   3.87693   1.000 15.51499 ? 113 LEU A CA  1 
ATOM   693  C C   . LEU A 1 89  ? 11.44794  9.20415   4.05936   1.000 23.87813 ? 113 LEU A C   1 
ATOM   694  O O   . LEU A 1 89  ? 10.73398  9.47179   5.03189   1.000 21.70321 ? 113 LEU A O   1 
ATOM   695  C CB  . LEU A 1 89  ? 10.84971  6.82228   3.61634   1.000 23.89312 ? 113 LEU A CB  1 
ATOM   696  C CG  . LEU A 1 89  ? 11.12246  5.45929   3.00445   1.000 30.03133 ? 113 LEU A CG  1 
ATOM   697  C CD1 . LEU A 1 89  ? 9.83184   4.65190   3.03404   1.000 28.89381 ? 113 LEU A CD1 1 
ATOM   698  C CD2 . LEU A 1 89  ? 11.63797  5.60790   1.57890   1.000 17.64897 ? 113 LEU A CD2 1 
ATOM   699  N N   . LYS A 1 90  ? 11.77325  10.10268  3.12942   1.000 17.98868 ? 114 LYS A N   1 
ATOM   700  C CA  . LYS A 1 90  ? 11.37065  11.50160  3.21414   1.000 17.16369 ? 114 LYS A CA  1 
ATOM   701  C C   . LYS A 1 90  ? 10.44061  11.84043  2.06205   1.000 15.36343 ? 114 LYS A C   1 
ATOM   702  O O   . LYS A 1 90  ? 10.73321  11.51145  0.90736   1.000 15.20157 ? 114 LYS A O   1 
ATOM   703  C CB  . LYS A 1 90  ? 12.57959  12.44111  3.18000   1.000 18.43017 ? 114 LYS A CB  1 
ATOM   704  C CG  . LYS A 1 90  ? 13.59028  12.20385  4.28891   1.000 24.12056 ? 114 LYS A CG  1 
ATOM   705  C CD  . LYS A 1 90  ? 12.95912  12.35628  5.67407   1.000 29.20982 ? 114 LYS A CD  1 
ATOM   706  C CE  . LYS A 1 90  ? 14.01335  12.18153  6.77559   1.000 32.57396 ? 114 LYS A CE  1 
ATOM   707  N NZ  . LYS A 1 90  ? 13.40610  12.15930  8.14151   1.000 28.00326 ? 114 LYS A NZ  1 
ATOM   708  N N   . ASN A 1 91  ? 9.34091   12.52486  2.37869   1.000 14.94179 ? 115 ASN A N   1 
ATOM   709  C CA  . ASN A 1 91  ? 8.39333   12.99957  1.37100   1.000 17.25191 ? 115 ASN A CA  1 
ATOM   710  C C   . ASN A 1 91  ? 7.84611   11.83633  0.54688   1.000 16.30240 ? 115 ASN A C   1 
ATOM   711  O O   . ASN A 1 91  ? 7.69938   11.92771  -0.67766  1.000 16.33366 ? 115 ASN A O   1 
ATOM   712  C CB  . ASN A 1 91  ? 9.02952   14.06171  0.46831   1.000 15.00833 ? 115 ASN A CB  1 
ATOM   713  C CG  . ASN A 1 91  ? 9.37231   15.33995  1.22997   1.000 23.26502 ? 115 ASN A CG  1 
ATOM   714  O OD1 . ASN A 1 91  ? 8.54892   15.86959  1.97508   1.000 26.39611 ? 115 ASN A OD1 1 
ATOM   715  N ND2 . ASN A 1 91  ? 10.59551  15.82053  1.06197   1.000 23.21836 ? 115 ASN A ND2 1 
ATOM   716  N N   . TYR A 1 92  ? 7.52847   10.73620  1.22233   1.000 11.86067 ? 116 TYR A N   1 
ATOM   717  C CA  . TYR A 1 92  ? 6.90484   9.60734   0.54498   1.000 12.27050 ? 116 TYR A CA  1 
ATOM   718  C C   . TYR A 1 92  ? 5.40088   9.83944   0.40741   1.000 12.60375 ? 116 TYR A C   1 
ATOM   719  O O   . TYR A 1 92  ? 4.71340   10.12385  1.39241   1.000 12.48140 ? 116 TYR A O   1 
ATOM   720  C CB  . TYR A 1 92  ? 7.15892   8.29952   1.30992   1.000 12.96369 ? 116 TYR A CB  1 
ATOM   721  C CG  . TYR A 1 92  ? 6.56939   7.10084   0.58370   1.000 14.93133 ? 116 TYR A CG  1 
ATOM   722  C CD1 . TYR A 1 92  ? 5.25112   6.70532   0.78981   1.000 13.72517 ? 116 TYR A CD1 1 
ATOM   723  C CD2 . TYR A 1 92  ? 7.33335   6.38795   -0.33187  1.000 15.14267 ? 116 TYR A CD2 1 
ATOM   724  C CE1 . TYR A 1 92  ? 4.71508   5.62411   0.10575   1.000 14.00155 ? 116 TYR A CE1 1 
ATOM   725  C CE2 . TYR A 1 92  ? 6.81414   5.31050   -1.01819  1.000 12.90214 ? 116 TYR A CE2 1 
ATOM   726  C CZ  . TYR A 1 92  ? 5.50419   4.93770   -0.80506  1.000 14.28798 ? 116 TYR A CZ  1 
ATOM   727  O OH  . TYR A 1 92  ? 4.98983   3.86480   -1.49595  1.000 13.05492 ? 116 TYR A OH  1 
ATOM   728  N N   . SER A 1 93  ? 4.87764   9.68496   -0.80828  1.000 12.32616 ? 117 SER A N   1 
ATOM   729  C CA  . SER A 1 93  ? 3.43436   9.64721   -0.98807  1.000 9.44567  ? 117 SER A CA  1 
ATOM   730  C C   . SER A 1 93  ? 3.10060   8.61400   -2.05006  1.000 12.80879 ? 117 SER A C   1 
ATOM   731  O O   . SER A 1 93  ? 3.92110   8.29438   -2.91298  1.000 11.72668 ? 117 SER A O   1 
ATOM   732  C CB  . SER A 1 93  ? 2.84892   11.01815  -1.34842  1.000 10.95928 ? 117 SER A CB  1 
ATOM   733  O OG  . SER A 1 93  ? 3.25831   11.48740  -2.61984  1.000 15.44178 ? 117 SER A OG  1 
ATOM   734  N N   . SER A 1 94  ? 1.88061   8.08150   -1.97744  1.000 11.27955 ? 118 SER A N   1 
ATOM   735  C CA  . SER A 1 94  ? 1.51265   7.01911   -2.90194  1.000 12.39934 ? 118 SER A CA  1 
ATOM   736  C C   . SER A 1 94  ? 0.02337   7.06949   -3.19264  1.000 11.20410 ? 118 SER A C   1 
ATOM   737  O O   . SER A 1 94  ? -0.76530  7.66766   -2.45719  1.000 12.27973 ? 118 SER A O   1 
ATOM   738  C CB  . SER A 1 94  ? 1.88336   5.63172   -2.35759  1.000 14.83821 ? 118 SER A CB  1 
ATOM   739  O OG  . SER A 1 94  ? 1.11708   5.34820   -1.20665  1.000 16.32679 ? 118 SER A OG  1 
ATOM   740  N N   . THR A 1 95  ? -0.34295  6.42571   -4.29312  1.000 13.51377 ? 119 THR A N   1 
ATOM   741  C CA  . THR A 1 95  ? -1.72855  6.28679   -4.71357  1.000 13.42121 ? 119 THR A CA  1 
ATOM   742  C C   . THR A 1 95  ? -1.88870  4.86567   -5.21666  1.000 13.71487 ? 119 THR A C   1 
ATOM   743  O O   . THR A 1 95  ? -1.06644  4.39756   -6.00741  1.000 15.74490 ? 119 THR A O   1 
ATOM   744  C CB  . THR A 1 95  ? -2.08663  7.27471   -5.83941  1.000 15.85472 ? 119 THR A CB  1 
ATOM   745  O OG1 . THR A 1 95  ? -1.75667  8.61429   -5.44914  1.000 19.20409 ? 119 THR A OG1 1 
ATOM   746  C CG2 . THR A 1 95  ? -3.56827  7.21967   -6.13835  1.000 15.76190 ? 119 THR A CG2 1 
ATOM   747  N N   . ILE A 1 96  ? -2.92519  4.17339   -4.76210  1.000 12.69760 ? 120 ILE A N   1 
ATOM   748  C CA  . ILE A 1 96  ? -3.29559  2.89473   -5.34669  1.000 12.66128 ? 120 ILE A CA  1 
ATOM   749  C C   . ILE A 1 96  ? -4.73950  3.00622   -5.80360  1.000 14.17217 ? 120 ILE A C   1 
ATOM   750  O O   . ILE A 1 96  ? -5.57764  3.55673   -5.08179  1.000 13.85064 ? 120 ILE A O   1 
ATOM   751  C CB  . ILE A 1 96  ? -3.09815  1.71147   -4.37166  1.000 13.52384 ? 120 ILE A CB  1 
ATOM   752  C CG1 . ILE A 1 96  ? -3.55190  0.39815   -5.03337  1.000 12.60475 ? 120 ILE A CG1 1 
ATOM   753  C CG2 . ILE A 1 96  ? -3.80253  1.95018   -3.02215  1.000 11.44159 ? 120 ILE A CG2 1 
ATOM   754  C CD1 . ILE A 1 96  ? -3.12951  -0.87030  -4.25808  1.000 15.99573 ? 120 ILE A CD1 1 
ATOM   755  N N   . SER A 1 97  ? -5.01718  2.52546   -7.01709  1.000 13.34383 ? 121 SER A N   1 
ATOM   756  C CA  . SER A 1 97  ? -6.38223  2.42626   -7.50870  1.000 15.42532 ? 121 SER A CA  1 
ATOM   757  C C   . SER A 1 97  ? -6.63080  1.01231   -8.02236  1.000 13.95880 ? 121 SER A C   1 
ATOM   758  O O   . SER A 1 97  ? -5.70620  0.31747   -8.46142  1.000 12.04406 ? 121 SER A O   1 
ATOM   759  C CB  . SER A 1 97  ? -6.68395  3.46854   -8.60306  1.000 11.08186 ? 121 SER A CB  1 
ATOM   760  O OG  . SER A 1 97  ? -5.87305  3.31280   -9.75807  1.000 16.45670 ? 121 SER A OG  1 
ATOM   761  N N   . LEU A 1 98  ? -7.88651  0.58068   -7.91006  1.000 14.46290 ? 122 LEU A N   1 
ATOM   762  C CA  . LEU A 1 98  ? -8.33585  -0.73959  -8.32114  1.000 13.09581 ? 122 LEU A CA  1 
ATOM   763  C C   . LEU A 1 98  ? -9.34675  -0.59638  -9.45027  1.000 16.70476 ? 122 LEU A C   1 
ATOM   764  O O   . LEU A 1 98  ? -10.13218 0.35341   -9.47861  1.000 16.36104 ? 122 LEU A O   1 
ATOM   765  C CB  . LEU A 1 98  ? -8.99416  -1.50179  -7.16805  1.000 11.28571 ? 122 LEU A CB  1 
ATOM   766  C CG  . LEU A 1 98  ? -8.18454  -1.66680  -5.87345  1.000 11.71572 ? 122 LEU A CG  1 
ATOM   767  C CD1 . LEU A 1 98  ? -8.95452  -2.57279  -4.92191  1.000 14.86222 ? 122 LEU A CD1 1 
ATOM   768  C CD2 . LEU A 1 98  ? -6.77920  -2.21413  -6.13785  1.000 11.92046 ? 122 LEU A CD2 1 
ATOM   769  N N   . HIS A 1 99  ? -9.32698  -1.55935  -10.36676 1.000 15.80281 ? 123 HIS A N   1 
ATOM   770  C CA  . HIS A 1 99  ? -10.14409 -1.50694  -11.56756 1.000 16.42932 ? 123 HIS A CA  1 
ATOM   771  C C   . HIS A 1 99  ? -10.51972 -2.92703  -11.95178 1.000 13.45799 ? 123 HIS A C   1 
ATOM   772  O O   . HIS A 1 99  ? -9.69120  -3.83568  -11.88221 1.000 17.27480 ? 123 HIS A O   1 
ATOM   773  C CB  . HIS A 1 99  ? -9.38607  -0.80963  -12.70425 1.000 17.08630 ? 123 HIS A CB  1 
ATOM   774  C CG  . HIS A 1 99  ? -8.76966  0.48932   -12.28710 1.000 21.13338 ? 123 HIS A CG  1 
ATOM   775  N ND1 . HIS A 1 99  ? -9.46774  1.67734   -12.29061 1.000 19.82228 ? 123 HIS A ND1 1 
ATOM   776  C CD2 . HIS A 1 99  ? -7.54229  0.77557   -11.78963 1.000 17.67840 ? 123 HIS A CD2 1 
ATOM   777  C CE1 . HIS A 1 99  ? -8.68992  2.64507   -11.83203 1.000 18.64994 ? 123 HIS A CE1 1 
ATOM   778  N NE2 . HIS A 1 99  ? -7.51608  2.12519   -11.52179 1.000 16.93307 ? 123 HIS A NE2 1 
ATOM   779  N N   . SER A 1 100 ? -11.76772 -3.11898  -12.35339 1.000 18.31576 ? 124 SER A N   1 
ATOM   780  C CA  . SER A 1 100 ? -12.16651 -4.44116  -12.80358 1.000 19.10790 ? 124 SER A CA  1 
ATOM   781  C C   . SER A 1 100 ? -11.50555 -4.78005  -14.13818 1.000 20.24902 ? 124 SER A C   1 
ATOM   782  O O   . SER A 1 100 ? -11.23610 -3.91144  -14.96992 1.000 20.97410 ? 124 SER A O   1 
ATOM   783  C CB  . SER A 1 100 ? -13.68571 -4.52604  -12.92608 1.000 24.34275 ? 124 SER A CB  1 
ATOM   784  O OG  . SER A 1 100 ? -14.27413 -4.39853  -11.65112 1.000 23.04743 ? 124 SER A OG  1 
ATOM   785  N N   . GLU A 1 101 ? -11.21689 -6.06169  -14.32454 1.000 17.71656 ? 125 GLU A N   1 
ATOM   786  C CA  . GLU A 1 101 ? -10.66204 -6.54007  -15.58357 1.000 20.54583 ? 125 GLU A CA  1 
ATOM   787  C C   . GLU A 1 101 ? -11.03411 -8.00497  -15.72487 1.000 24.29353 ? 125 GLU A C   1 
ATOM   788  O O   . GLU A 1 101 ? -11.31252 -8.68677  -14.73915 1.000 21.82457 ? 125 GLU A O   1 
ATOM   789  C CB  . GLU A 1 101 ? -9.13710  -6.37348  -15.65431 1.000 18.18418 ? 125 GLU A CB  1 
ATOM   790  C CG  . GLU A 1 101 ? -8.37009  -7.16617  -14.58659 1.000 20.74627 ? 125 GLU A CG  1 
ATOM   791  C CD  . GLU A 1 101 ? -6.86454  -7.13298  -14.78097 1.000 22.07989 ? 125 GLU A CD  1 
ATOM   792  O OE1 . GLU A 1 101 ? -6.39575  -6.56956  -15.79731 1.000 24.20629 ? 125 GLU A OE1 1 
ATOM   793  O OE2 . GLU A 1 101 ? -6.14118  -7.67663  -13.91720 1.000 20.71243 ? 125 GLU A OE2 1 
ATOM   794  N N   . THR A 1 102 ? -11.03379 -8.48406  -16.96087 1.000 20.73038 ? 126 THR A N   1 
ATOM   795  C CA  . THR A 1 102 ? -11.35776 -9.87442  -17.25919 1.000 24.71553 ? 126 THR A CA  1 
ATOM   796  C C   . THR A 1 102 ? -10.12773 -10.51449 -17.88697 1.000 30.24563 ? 126 THR A C   1 
ATOM   797  O O   . THR A 1 102 ? -9.74841  -10.16157 -19.00952 1.000 33.15569 ? 126 THR A O   1 
ATOM   798  C CB  . THR A 1 102 ? -12.56813 -9.96850  -18.18879 1.000 27.20451 ? 126 THR A CB  1 
ATOM   799  O OG1 . THR A 1 102 ? -13.68314 -9.28014  -17.60495 1.000 30.90972 ? 126 THR A OG1 1 
ATOM   800  C CG2 . THR A 1 102 ? -12.94795 -11.42442 -18.42311 1.000 30.73760 ? 126 THR A CG2 1 
ATOM   801  N N   . ILE A 1 103 ? -9.49737  -11.43523 -17.15840 1.000 32.22796 ? 127 ILE A N   1 
ATOM   802  C CA  . ILE A 1 103 ? -8.38648  -12.23379 -17.66634 1.000 35.47696 ? 127 ILE A CA  1 
ATOM   803  C C   . ILE A 1 103 ? -8.82386  -13.69392 -17.69288 1.000 40.66347 ? 127 ILE A C   1 
ATOM   804  O O   . ILE A 1 103 ? -9.35620  -14.20790 -16.70060 1.000 41.45918 ? 127 ILE A O   1 
ATOM   805  C CB  . ILE A 1 103 ? -7.10382  -12.04913 -16.82750 1.000 41.02318 ? 127 ILE A CB  1 
ATOM   806  C CG1 . ILE A 1 103 ? -7.32827  -12.43363 -15.35606 1.000 45.58021 ? 127 ILE A CG1 1 
ATOM   807  C CG2 . ILE A 1 103 ? -6.60409  -10.60791 -16.92628 1.000 36.69970 ? 127 ILE A CG2 1 
ATOM   808  C CD1 . ILE A 1 103 ? -6.05185  -12.45026 -14.52209 1.000 36.03668 ? 127 ILE A CD1 1 
ATOM   809  N N   . ASP A 1 104 ? -8.62004  -14.35100 -18.83766 1.000 45.23198 ? 128 ASP A N   1 
ATOM   810  C CA  . ASP A 1 104 ? -9.04172  -15.74008 -19.03537 1.000 39.90568 ? 128 ASP A CA  1 
ATOM   811  C C   . ASP A 1 104 ? -10.53246 -15.91362 -18.75288 1.000 43.65047 ? 128 ASP A C   1 
ATOM   812  O O   . ASP A 1 104 ? -10.95322 -16.86055 -18.08513 1.000 38.63999 ? 128 ASP A O   1 
ATOM   813  C CB  . ASP A 1 104 ? -8.21487  -16.69545 -18.17191 1.000 50.66333 ? 128 ASP A CB  1 
ATOM   814  C CG  . ASP A 1 104 ? -6.72594  -16.57092 -18.42542 1.000 54.61755 ? 128 ASP A CG  1 
ATOM   815  O OD1 . ASP A 1 104 ? -6.34495  -16.15915 -19.54262 1.000 50.53484 ? 128 ASP A OD1 1 
ATOM   816  O OD2 . ASP A 1 104 ? -5.93911  -16.89008 -17.50754 1.000 54.51267 ? 128 ASP A OD2 1 
ATOM   817  N N   . GLY A 1 105 ? -11.34015 -14.97520 -19.24701 1.000 32.57582 ? 129 GLY A N   1 
ATOM   818  C CA  . GLY A 1 105 ? -12.77874 -15.05446 -19.09612 1.000 35.86920 ? 129 GLY A CA  1 
ATOM   819  C C   . GLY A 1 105 ? -13.30838 -14.91083 -17.68583 1.000 35.17972 ? 129 GLY A C   1 
ATOM   820  O O   . GLY A 1 105 ? -14.53181 -14.93288 -17.50026 1.000 40.82495 ? 129 GLY A O   1 
ATOM   821  N N   . LYS A 1 106 ? -12.44200 -14.75953 -16.68831 1.000 33.58147 ? 130 LYS A N   1 
ATOM   822  C CA  . LYS A 1 106 ? -12.85068 -14.59049 -15.30174 1.000 38.54262 ? 130 LYS A CA  1 
ATOM   823  C C   . LYS A 1 106 ? -12.57946 -13.15894 -14.86167 1.000 34.27291 ? 130 LYS A C   1 
ATOM   824  O O   . LYS A 1 106 ? -11.53361 -12.58841 -15.19016 1.000 35.51898 ? 130 LYS A O   1 
ATOM   825  C CB  . LYS A 1 106 ? -12.10930 -15.57299 -14.38794 1.000 40.46930 ? 130 LYS A CB  1 
ATOM   826  C CG  . LYS A 1 106 ? -12.46467 -17.03677 -14.64103 1.000 44.57227 ? 130 LYS A CG  1 
ATOM   827  C CD  . LYS A 1 106 ? -13.96964 -17.25349 -14.53497 1.000 49.05464 ? 130 LYS A CD  1 
ATOM   828  C CE  . LYS A 1 106 ? -14.36771 -18.67428 -14.91386 1.000 66.82069 ? 130 LYS A CE  1 
ATOM   829  N NZ  . LYS A 1 106 ? -15.83353 -18.92163 -14.74124 1.000 60.98654 ? 130 LYS A NZ  1 
ATOM   830  N N   . THR A 1 107 ? -13.52575 -12.56542 -14.14029 1.000 31.04735 ? 131 THR A N   1 
ATOM   831  C CA  . THR A 1 107 ? -13.29328 -11.21493 -13.65771 1.000 37.73929 ? 131 THR A CA  1 
ATOM   832  C C   . THR A 1 107 ? -12.20960 -11.22937 -12.59187 1.000 37.84799 ? 131 THR A C   1 
ATOM   833  O O   . THR A 1 107 ? -12.08091 -12.17776 -11.80937 1.000 35.62328 ? 131 THR A O   1 
ATOM   834  C CB  . THR A 1 107 ? -14.56164 -10.58131 -13.09107 1.000 46.39867 ? 131 THR A CB  1 
ATOM   835  O OG1 . THR A 1 107 ? -14.85953 -11.15483 -11.80876 1.000 48.63016 ? 131 THR A OG1 1 
ATOM   836  C CG2 . THR A 1 107 ? -15.72848 -10.76290 -14.05177 1.000 45.24996 ? 131 THR A CG2 1 
ATOM   837  N N   . GLY A 1 108 ? -11.40670 -10.18234 -12.59251 1.000 28.85210 ? 132 GLY A N   1 
ATOM   838  C CA  . GLY A 1 108 ? -10.42771 -9.99661  -11.55589 1.000 22.86838 ? 132 GLY A CA  1 
ATOM   839  C C   . GLY A 1 108 ? -10.30760 -8.51846  -11.27724 1.000 16.29710 ? 132 GLY A C   1 
ATOM   840  O O   . GLY A 1 108 ? -11.20417 -7.73611  -11.61921 1.000 15.75115 ? 132 GLY A O   1 
ATOM   841  N N   . THR A 1 109 ? -9.18792  -8.13528  -10.67727 1.000 16.86071 ? 133 THR A N   1 
ATOM   842  C CA  . THR A 1 109 ? -8.93164  -6.75771  -10.29771 1.000 16.84910 ? 133 THR A CA  1 
ATOM   843  C C   . THR A 1 109 ? -7.52601  -6.39010  -10.71897 1.000 14.93905 ? 133 THR A C   1 
ATOM   844  O O   . THR A 1 109 ? -6.57892  -7.14915  -10.47279 1.000 16.98274 ? 133 THR A O   1 
ATOM   845  C CB  . THR A 1 109 ? -9.09440  -6.55013  -8.79091  1.000 16.88624 ? 133 THR A CB  1 
ATOM   846  O OG1 . THR A 1 109 ? -10.43651 -6.86461  -8.41572  1.000 14.73210 ? 133 THR A OG1 1 
ATOM   847  C CG2 . THR A 1 109 ? -8.81355  -5.09689  -8.40876  1.000 16.36251 ? 133 THR A CG2 1 
ATOM   848  N N   . LEU A 1 110 ? -7.40517  -5.23751  -11.36931 1.000 15.61961 ? 134 LEU A N   1 
ATOM   849  C CA  . LEU A 1 110 ? -6.11594  -4.61080  -11.61349 1.000 15.46474 ? 134 LEU A CA  1 
ATOM   850  C C   . LEU A 1 110 ? -5.84251  -3.58745  -10.52324 1.000 14.79212 ? 134 LEU A C   1 
ATOM   851  O O   . LEU A 1 110 ? -6.66657  -2.70015  -10.27818 1.000 16.53872 ? 134 LEU A O   1 
ATOM   852  C CB  . LEU A 1 110 ? -6.10411  -3.92076  -12.97337 1.000 16.13245 ? 134 LEU A CB  1 
ATOM   853  C CG  . LEU A 1 110 ? -4.88960  -3.02829  -13.22261 1.000 18.13406 ? 134 LEU A CG  1 
ATOM   854  C CD1 . LEU A 1 110 ? -3.68569  -3.86089  -13.64195 1.000 16.90316 ? 134 LEU A CD1 1 
ATOM   855  C CD2 . LEU A 1 110 ? -5.23808  -2.00043  -14.27132 1.000 21.25182 ? 134 LEU A CD2 1 
ATOM   856  N N   . ALA A 1 111 ? -4.67561  -3.68774  -9.89793  1.000 15.73538 ? 135 ALA A N   1 
ATOM   857  C CA  . ALA A 1 111 ? -4.20742  -2.67772  -8.96242  1.000 12.03138 ? 135 ALA A CA  1 
ATOM   858  C C   . ALA A 1 111 ? -3.10297  -1.87849  -9.63332  1.000 14.75607 ? 135 ALA A C   1 
ATOM   859  O O   . ALA A 1 111 ? -2.20851  -2.45745  -10.26554 1.000 13.83161 ? 135 ALA A O   1 
ATOM   860  C CB  . ALA A 1 111 ? -3.70058  -3.31015  -7.66527  1.000 12.25221 ? 135 ALA A CB  1 
ATOM   861  N N   . ILE A 1 112 ? -3.18305  -0.55627  -9.51448  1.000 12.41915 ? 136 ILE A N   1 
ATOM   862  C CA  . ILE A 1 112 ? -2.14870  0.35499   -9.99992  1.000 11.53259 ? 136 ILE A CA  1 
ATOM   863  C C   . ILE A 1 112 ? -1.67186  1.14861   -8.79516  1.000 13.67090 ? 136 ILE A C   1 
ATOM   864  O O   . ILE A 1 112 ? -2.47053  1.84776   -8.16580  1.000 11.91532 ? 136 ILE A O   1 
ATOM   865  C CB  . ILE A 1 112 ? -2.68649  1.30241   -11.08456 1.000 13.14880 ? 136 ILE A CB  1 
ATOM   866  C CG1 . ILE A 1 112 ? -3.22519  0.52706   -12.28970 1.000 14.67703 ? 136 ILE A CG1 1 
ATOM   867  C CG2 . ILE A 1 112 ? -1.60294  2.28343   -11.51913 1.000 13.98331 ? 136 ILE A CG2 1 
ATOM   868  C CD1 . ILE A 1 112 ? -3.93279  1.43059   -13.32836 1.000 14.88365 ? 136 ILE A CD1 1 
ATOM   869  N N   . GLU A 1 113 ? -0.38003  1.06336   -8.47603  1.000 13.54260 ? 137 GLU A N   1 
ATOM   870  C CA  . GLU A 1 113 ? 0.14523   1.75998   -7.30195  1.000 13.71085 ? 137 GLU A CA  1 
ATOM   871  C C   . GLU A 1 113 ? 1.35920   2.58288   -7.70576  1.000 12.13994 ? 137 GLU A C   1 
ATOM   872  O O   . GLU A 1 113 ? 2.33894   2.04084   -8.22966  1.000 13.60053 ? 137 GLU A O   1 
ATOM   873  C CB  . GLU A 1 113 ? 0.48901   0.77048   -6.17672  1.000 11.14368 ? 137 GLU A CB  1 
ATOM   874  C CG  . GLU A 1 113 ? 0.98467   1.45757   -4.90631  1.000 11.65038 ? 137 GLU A CG  1 
ATOM   875  C CD  . GLU A 1 113 ? 0.96105   0.54087   -3.67694  1.000 18.16345 ? 137 GLU A CD  1 
ATOM   876  O OE1 . GLU A 1 113 ? 0.52149   -0.62007  -3.79497  1.000 17.48786 ? 137 GLU A OE1 1 
ATOM   877  O OE2 . GLU A 1 113 ? 1.37900   0.99394   -2.58989  1.000 17.08562 ? 137 GLU A OE2 1 
ATOM   878  N N   . SER A 1 114 ? 1.29299   3.88691   -7.44981  1.000 13.15774 ? 138 SER A N   1 
ATOM   879  C CA  . SER A 1 114 ? 2.32901   4.83589   -7.82816  1.000 11.40341 ? 138 SER A CA  1 
ATOM   880  C C   . SER A 1 114 ? 2.85584   5.53010   -6.58117  1.000 12.94878 ? 138 SER A C   1 
ATOM   881  O O   . SER A 1 114 ? 2.10716   5.76149   -5.62806  1.000 15.45494 ? 138 SER A O   1 
ATOM   882  C CB  . SER A 1 114 ? 1.77217   5.86820   -8.79882  1.000 13.26326 ? 138 SER A CB  1 
ATOM   883  O OG  . SER A 1 114 ? 1.24962   5.22637   -9.95062  1.000 16.26465 ? 138 SER A OG  1 
ATOM   884  N N   . PHE A 1 115 ? 4.14271   5.87705   -6.58740  1.000 11.09033 ? 139 PHE A N   1 
ATOM   885  C CA  . PHE A 1 115 ? 4.69895   6.61446   -5.46193  1.000 12.88132 ? 139 PHE A CA  1 
ATOM   886  C C   . PHE A 1 115 ? 5.67448   7.67475   -5.95704  1.000 11.75347 ? 139 PHE A C   1 
ATOM   887  O O   . PHE A 1 115 ? 6.18309   7.61713   -7.08205  1.000 11.98618 ? 139 PHE A O   1 
ATOM   888  C CB  . PHE A 1 115 ? 5.42477   5.68601   -4.46876  1.000 12.76433 ? 139 PHE A CB  1 
ATOM   889  C CG  . PHE A 1 115 ? 6.65758   5.04288   -5.05178  1.000 13.89877 ? 139 PHE A CG  1 
ATOM   890  C CD1 . PHE A 1 115 ? 6.57091   3.83006   -5.70508  1.000 13.61005 ? 139 PHE A CD1 1 
ATOM   891  C CD2 . PHE A 1 115 ? 7.90102   5.67029   -4.96668  1.000 15.18454 ? 139 PHE A CD2 1 
ATOM   892  C CE1 . PHE A 1 115 ? 7.68889   3.23773   -6.25282  1.000 14.64183 ? 139 PHE A CE1 1 
ATOM   893  C CE2 . PHE A 1 115 ? 9.02802   5.09300   -5.51988  1.000 16.77473 ? 139 PHE A CE2 1 
ATOM   894  C CZ  . PHE A 1 115 ? 8.92256   3.86790   -6.17080  1.000 19.22165 ? 139 PHE A CZ  1 
ATOM   895  N N   . VAL A 1 116 ? 5.94107   8.63870   -5.07579  1.000 12.74384 ? 140 VAL A N   1 
ATOM   896  C CA  . VAL A 1 116 ? 7.03043   9.59377   -5.22683  1.000 13.06582 ? 140 VAL A CA  1 
ATOM   897  C C   . VAL A 1 116 ? 7.73911   9.66225   -3.88189  1.000 11.94832 ? 140 VAL A C   1 
ATOM   898  O O   . VAL A 1 116 ? 7.08392   9.70571   -2.83562  1.000 12.66584 ? 140 VAL A O   1 
ATOM   899  C CB  . VAL A 1 116 ? 6.52536   10.99440  -5.64969  1.000 13.62320 ? 140 VAL A CB  1 
ATOM   900  C CG1 . VAL A 1 116 ? 7.69912   11.97242  -5.78053  1.000 13.47643 ? 140 VAL A CG1 1 
ATOM   901  C CG2 . VAL A 1 116 ? 5.74045   10.91096  -6.96497  1.000 10.46972 ? 140 VAL A CG2 1 
ATOM   902  N N   . VAL A 1 117 ? 9.06972   9.67449   -3.90209  1.000 12.27586 ? 141 VAL A N   1 
ATOM   903  C CA  . VAL A 1 117 ? 9.82543   9.71284   -2.65646  1.000 12.89539 ? 141 VAL A CA  1 
ATOM   904  C C   . VAL A 1 117 ? 11.15886  10.38948  -2.93131  1.000 13.47888 ? 141 VAL A C   1 
ATOM   905  O O   . VAL A 1 117 ? 11.65524  10.39108  -4.06183  1.000 11.86303 ? 141 VAL A O   1 
ATOM   906  C CB  . VAL A 1 117 ? 9.98723   8.28516   -2.07757  1.000 10.97901 ? 141 VAL A CB  1 
ATOM   907  C CG1 . VAL A 1 117 ? 10.85835  7.43052   -2.97882  1.000 12.87916 ? 141 VAL A CG1 1 
ATOM   908  C CG2 . VAL A 1 117 ? 10.48510  8.30430   -0.60662  1.000 12.37848 ? 141 VAL A CG2 1 
ATOM   909  N N   . ASP A 1 118 ? 11.73487  10.98616  -1.89422  1.000 12.63809 ? 142 ASP A N   1 
ATOM   910  C CA  . ASP A 1 118 ? 13.05544  11.57813  -2.03658  1.000 13.92179 ? 142 ASP A CA  1 
ATOM   911  C C   . ASP A 1 118 ? 14.13301  10.50081  -2.11119  1.000 14.65860 ? 142 ASP A C   1 
ATOM   912  O O   . ASP A 1 118 ? 14.03934  9.45682   -1.46787  1.000 14.21515 ? 142 ASP A O   1 
ATOM   913  C CB  . ASP A 1 118 ? 13.37369  12.49232  -0.85361  1.000 12.14432 ? 142 ASP A CB  1 
ATOM   914  C CG  . ASP A 1 118 ? 12.58934  13.79229  -0.87880  1.000 15.76714 ? 142 ASP A CG  1 
ATOM   915  O OD1 . ASP A 1 118 ? 11.79383  14.01758  -1.81596  1.000 15.97857 ? 142 ASP A OD1 1 
ATOM   916  O OD2 . ASP A 1 118 ? 12.77393  14.58890  0.06478   1.000 20.78793 ? 142 ASP A OD2 1 
ATOM   917  N N   . VAL A 1 119 ? 15.18834  10.78813  -2.86385  1.000 14.84730 ? 143 VAL A N   1 
ATOM   918  C CA  . VAL A 1 119 ? 16.39985  9.97103   -2.86238  1.000 15.92286 ? 143 VAL A CA  1 
ATOM   919  C C   . VAL A 1 119 ? 17.28875  10.46398  -1.72357  1.000 22.16683 ? 143 VAL A C   1 
ATOM   920  O O   . VAL A 1 119 ? 17.70644  11.63452  -1.74761  1.000 19.51626 ? 143 VAL A O   1 
ATOM   921  C CB  . VAL A 1 119 ? 17.13300  10.05662  -4.20640  1.000 20.31611 ? 143 VAL A CB  1 
ATOM   922  C CG1 . VAL A 1 119 ? 18.47887  9.33264   -4.13633  1.000 16.54429 ? 143 VAL A CG1 1 
ATOM   923  C CG2 . VAL A 1 119 ? 16.26869  9.46290   -5.33304  1.000 14.71452 ? 143 VAL A CG2 1 
ATOM   924  N N   . PRO A 1 120 ? 17.56943  9.63919   -0.70564  1.000 18.25083 ? 144 PRO A N   1 
ATOM   925  C CA  . PRO A 1 120 ? 18.43219  10.09397  0.39417   1.000 20.70563 ? 144 PRO A CA  1 
ATOM   926  C C   . PRO A 1 120 ? 19.83232  10.42004  -0.09939  1.000 23.45656 ? 144 PRO A C   1 
ATOM   927  O O   . PRO A 1 120 ? 20.32027  9.84839   -1.07428  1.000 22.62574 ? 144 PRO A O   1 
ATOM   928  C CB  . PRO A 1 120 ? 18.45417  8.90287   1.36177   1.000 23.51517 ? 144 PRO A CB  1 
ATOM   929  C CG  . PRO A 1 120 ? 17.33263  8.01090   0.94299   1.000 18.62655 ? 144 PRO A CG  1 
ATOM   930  C CD  . PRO A 1 120 ? 17.11133  8.25136   -0.51883  1.000 15.50533 ? 144 PRO A CD  1 
ATOM   931  N N   . GLU A 1 121 ? 20.48314  11.35530  0.59826   1.000 26.86724 ? 145 GLU A N   1 
ATOM   932  C CA  . GLU A 1 121 ? 21.79512  11.82879  0.16132   1.000 29.76358 ? 145 GLU A CA  1 
ATOM   933  C C   . GLU A 1 121 ? 22.80482  10.69205  0.03493   1.000 28.13631 ? 145 GLU A C   1 
ATOM   934  O O   . GLU A 1 121 ? 23.67043  10.72959  -0.84983  1.000 31.35360 ? 145 GLU A O   1 
ATOM   935  C CB  . GLU A 1 121 ? 22.30852  12.90028  1.12834   1.000 37.93156 ? 145 GLU A CB  1 
ATOM   936  C CG  . GLU A 1 121 ? 23.53008  13.66157  0.63914   1.000 41.31116 ? 145 GLU A CG  1 
ATOM   937  C CD  . GLU A 1 121 ? 23.27374  14.40964  -0.65670  1.000 46.26589 ? 145 GLU A CD  1 
ATOM   938  O OE1 . GLU A 1 121 ? 23.91372  14.07527  -1.67803  1.000 53.14812 ? 145 GLU A OE1 1 
ATOM   939  O OE2 . GLU A 1 121 ? 22.42533  15.32963  -0.65854  1.000 56.30149 ? 145 GLU A OE2 1 
ATOM   940  N N   . GLY A 1 122 ? 22.70923  9.67184   0.88371   1.000 28.22838 ? 146 GLY A N   1 
ATOM   941  C CA  . GLY A 1 122 ? 23.66032  8.57819   0.82432   1.000 29.52947 ? 146 GLY A CA  1 
ATOM   942  C C   . GLY A 1 122 ? 23.33468  7.44665   -0.12919  1.000 31.52650 ? 146 GLY A C   1 
ATOM   943  O O   . GLY A 1 122 ? 24.01150  6.41313   -0.09525  1.000 26.19164 ? 146 GLY A O   1 
ATOM   944  N N   . ASN A 1 123 ? 22.32412  7.59518   -0.98320  1.000 22.69210 ? 147 ASN A N   1 
ATOM   945  C CA  . ASN A 1 123 ? 21.89321  6.51734   -1.85782  1.000 20.73406 ? 147 ASN A CA  1 
ATOM   946  C C   . ASN A 1 123 ? 21.70811  7.04299   -3.27266  1.000 19.85570 ? 147 ASN A C   1 
ATOM   947  O O   . ASN A 1 123 ? 21.49747  8.24076   -3.49536  1.000 21.57199 ? 147 ASN A O   1 
ATOM   948  C CB  . ASN A 1 123 ? 20.57185  5.88273   -1.39155  1.000 17.87971 ? 147 ASN A CB  1 
ATOM   949  C CG  . ASN A 1 123 ? 20.73736  5.01978   -0.14966  1.000 22.31530 ? 147 ASN A CG  1 
ATOM   950  O OD1 . ASN A 1 123 ? 20.54314  5.48768   0.97357   1.000 26.49373 ? 147 ASN A OD1 1 
ATOM   951  N ND2 . ASN A 1 123 ? 21.09342  3.75246   -0.34977  1.000 23.53324 ? 147 ASN A ND2 1 
ATOM   952  N N   . THR A 1 124 ? 21.78241  6.12506   -4.22874  1.000 19.09774 ? 148 THR A N   1 
ATOM   953  C CA  . THR A 1 124 ? 21.47907  6.48783   -5.60005  1.000 16.65514 ? 148 THR A CA  1 
ATOM   954  C C   . THR A 1 124 ? 19.97306  6.44549   -5.82446  1.000 18.69158 ? 148 THR A C   1 
ATOM   955  O O   . THR A 1 124 ? 19.21730  5.79335   -5.09098  1.000 14.22075 ? 148 THR A O   1 
ATOM   956  C CB  . THR A 1 124 ? 22.17581  5.55907   -6.59606  1.000 18.14789 ? 148 THR A CB  1 
ATOM   957  O OG1 . THR A 1 124 ? 21.57582  4.26200   -6.54594  1.000 17.36480 ? 148 THR A OG1 1 
ATOM   958  C CG2 . THR A 1 124 ? 23.66369  5.43084   -6.27249  1.000 20.25785 ? 148 THR A CG2 1 
ATOM   959  N N   . LYS A 1 125 ? 19.53827  7.17138   -6.84944  1.000 15.58149 ? 149 LYS A N   1 
ATOM   960  C CA  . LYS A 1 125 ? 18.13925  7.08672   -7.24525  1.000 15.44135 ? 149 LYS A CA  1 
ATOM   961  C C   . LYS A 1 125 ? 17.76295  5.65072   -7.60319  1.000 16.25737 ? 149 LYS A C   1 
ATOM   962  O O   . LYS A 1 125 ? 16.68250  5.17145   -7.23598  1.000 12.88418 ? 149 LYS A O   1 
ATOM   963  C CB  . LYS A 1 125 ? 17.87907  8.04230   -8.41282  1.000 14.98477 ? 149 LYS A CB  1 
ATOM   964  C CG  . LYS A 1 125 ? 16.47080  7.94875   -8.98151  1.000 14.91633 ? 149 LYS A CG  1 
ATOM   965  C CD  . LYS A 1 125 ? 16.34054  8.75570   -10.28165 1.000 18.27072 ? 149 LYS A CD  1 
ATOM   966  C CE  . LYS A 1 125 ? 16.58777  10.23510  -10.06131 1.000 23.26318 ? 149 LYS A CE  1 
ATOM   967  N NZ  . LYS A 1 125 ? 16.28340  11.00722  -11.30721 1.000 25.56661 ? 149 LYS A NZ  1 
ATOM   968  N N   . GLU A 1 126 ? 18.64937  4.94463   -8.31134  1.000 12.15170 ? 150 GLU A N   1 
ATOM   969  C CA  . GLU A 1 126 ? 18.39147  3.54407   -8.64967  1.000 15.36104 ? 150 GLU A CA  1 
ATOM   970  C C   . GLU A 1 126 ? 18.16942  2.69605   -7.40246  1.000 13.97925 ? 150 GLU A C   1 
ATOM   971  O O   . GLU A 1 126 ? 17.28278  1.83285   -7.38237  1.000 15.36175 ? 150 GLU A O   1 
ATOM   972  C CB  . GLU A 1 126 ? 19.54301  2.96251   -9.46842  1.000 17.03494 ? 150 GLU A CB  1 
ATOM   973  C CG  . GLU A 1 126 ? 19.22486  1.56457   -10.00882 1.000 18.04938 ? 150 GLU A CG  1 
ATOM   974  C CD  . GLU A 1 126 ? 20.38659  0.91216   -10.73763 1.000 23.40091 ? 150 GLU A CD  1 
ATOM   975  O OE1 . GLU A 1 126 ? 21.54613  1.25820   -10.44170 1.000 21.54437 ? 150 GLU A OE1 1 
ATOM   976  O OE2 . GLU A 1 126 ? 20.12478  0.04488   -11.60489 1.000 25.39742 ? 150 GLU A OE2 1 
ATOM   977  N N   . GLU A 1 127 ? 18.98451  2.90429   -6.36741  1.000 14.17710 ? 151 GLU A N   1 
ATOM   978  C CA  . GLU A 1 127 ? 18.83028  2.14135   -5.13188  1.000 15.47968 ? 151 GLU A CA  1 
ATOM   979  C C   . GLU A 1 127 ? 17.51776  2.48228   -4.43815  1.000 16.03630 ? 151 GLU A C   1 
ATOM   980  O O   . GLU A 1 127 ? 16.86756  1.60270   -3.86374  1.000 15.16744 ? 151 GLU A O   1 
ATOM   981  C CB  . GLU A 1 127 ? 20.01026  2.41124   -4.20061  1.000 17.28014 ? 151 GLU A CB  1 
ATOM   982  C CG  . GLU A 1 127 ? 21.32114  1.80628   -4.67529  1.000 22.84768 ? 151 GLU A CG  1 
ATOM   983  C CD  . GLU A 1 127 ? 22.52606  2.40944   -3.97552  1.000 21.71470 ? 151 GLU A CD  1 
ATOM   984  O OE1 . GLU A 1 127 ? 22.36973  3.42462   -3.26501  1.000 20.84389 ? 151 GLU A OE1 1 
ATOM   985  O OE2 . GLU A 1 127 ? 23.63257  1.85889   -4.13681  1.000 26.37189 ? 151 GLU A OE2 1 
ATOM   986  N N   . THR A 1 128 ? 17.11908  3.75719   -4.47792  1.000 13.55658 ? 152 THR A N   1 
ATOM   987  C CA  . THR A 1 128 ? 15.87269  4.17184   -3.84167  1.000 13.21040 ? 152 THR A CA  1 
ATOM   988  C C   . THR A 1 128 ? 14.67100  3.56473   -4.55737  1.000 12.90063 ? 152 THR A C   1 
ATOM   989  O O   . THR A 1 128 ? 13.74686  3.04840   -3.91508  1.000 13.99919 ? 152 THR A O   1 
ATOM   990  C CB  . THR A 1 128 ? 15.76815  5.69946   -3.82859  1.000 17.33920 ? 152 THR A CB  1 
ATOM   991  O OG1 . THR A 1 128 ? 16.94475  6.26706   -3.23987  1.000 16.61204 ? 152 THR A OG1 1 
ATOM   992  C CG2 . THR A 1 128 ? 14.54789  6.14924   -3.02739  1.000 15.52028 ? 152 THR A CG2 1 
ATOM   993  N N   . CYS A 1 129 ? 14.65303  3.64873   -5.89095  1.000 12.54293 ? 153 CYS A N   1 
ATOM   994  C CA  . CYS A 1 129 ? 13.59299  3.00600   -6.65836  1.000 15.66477 ? 153 CYS A CA  1 
ATOM   995  C C   . CYS A 1 129 ? 13.53340  1.51298   -6.35547  1.000 15.19688 ? 153 CYS A C   1 
ATOM   996  O O   . CYS A 1 129 ? 12.45210  0.95408   -6.14641  1.000 15.37649 ? 153 CYS A O   1 
ATOM   997  C CB  . CYS A 1 129 ? 13.80264  3.22863   -8.15676  1.000 15.96065 ? 153 CYS A CB  1 
ATOM   998  S SG  . CYS A 1 129 ? 13.63682  4.95047   -8.76083  1.000 17.36218 ? 153 CYS A SG  1 
ATOM   999  N N   . PHE A 1 130 ? 14.68831  0.84290   -6.35417  1.000 14.24134 ? 154 PHE A N   1 
ATOM   1000 C CA  . PHE A 1 130 ? 14.68301  -0.60136  -6.15978  1.000 17.08040 ? 154 PHE A CA  1 
ATOM   1001 C C   . PHE A 1 130 ? 14.14838  -0.97110  -4.78184  1.000 18.19447 ? 154 PHE A C   1 
ATOM   1002 O O   . PHE A 1 130 ? 13.33003  -1.88846  -4.65337  1.000 17.88892 ? 154 PHE A O   1 
ATOM   1003 C CB  . PHE A 1 130 ? 16.08267  -1.18060  -6.35611  1.000 18.08514 ? 154 PHE A CB  1 
ATOM   1004 C CG  . PHE A 1 130 ? 16.08782  -2.68208  -6.50481  1.000 22.01500 ? 154 PHE A CG  1 
ATOM   1005 C CD1 . PHE A 1 130 ? 16.05184  -3.26439  -7.76002  1.000 27.97992 ? 154 PHE A CD1 1 
ATOM   1006 C CD2 . PHE A 1 130 ? 16.09902  -3.50870  -5.39117  1.000 28.38910 ? 154 PHE A CD2 1 
ATOM   1007 C CE1 . PHE A 1 130 ? 16.04869  -4.64761  -7.90738  1.000 26.86078 ? 154 PHE A CE1 1 
ATOM   1008 C CE2 . PHE A 1 130 ? 16.09132  -4.89044  -5.53264  1.000 28.81741 ? 154 PHE A CE2 1 
ATOM   1009 C CZ  . PHE A 1 130 ? 16.06222  -5.45843  -6.79322  1.000 21.57715 ? 154 PHE A CZ  1 
ATOM   1010 N N   . PHE A 1 131 ? 14.58072  -0.24735  -3.74902  1.000 15.56463 ? 155 PHE A N   1 
ATOM   1011 C CA  . PHE A 1 131 ? 14.10431  -0.48353  -2.38685  1.000 17.71511 ? 155 PHE A CA  1 
ATOM   1012 C C   . PHE A 1 131 ? 12.58311  -0.36082  -2.29653  1.000 18.11407 ? 155 PHE A C   1 
ATOM   1013 O O   . PHE A 1 131 ? 11.90061  -1.28411  -1.83623  1.000 15.88725 ? 155 PHE A O   1 
ATOM   1014 C CB  . PHE A 1 131 ? 14.79985  0.50292   -1.44330  1.000 18.48353 ? 155 PHE A CB  1 
ATOM   1015 C CG  . PHE A 1 131 ? 14.37842  0.39842   0.00277   1.000 16.95268 ? 155 PHE A CG  1 
ATOM   1016 C CD1 . PHE A 1 131 ? 14.90725  -0.58163  0.82354   1.000 19.01920 ? 155 PHE A CD1 1 
ATOM   1017 C CD2 . PHE A 1 131 ? 13.47742  1.30951   0.54503   1.000 22.78110 ? 155 PHE A CD2 1 
ATOM   1018 C CE1 . PHE A 1 131 ? 14.52431  -0.67710  2.17383   1.000 23.25071 ? 155 PHE A CE1 1 
ATOM   1019 C CE2 . PHE A 1 131 ? 13.09059  1.22867   1.88422   1.000 23.39421 ? 155 PHE A CE2 1 
ATOM   1020 C CZ  . PHE A 1 131 ? 13.62104  0.22971   2.69845   1.000 20.64002 ? 155 PHE A CZ  1 
ATOM   1021 N N   . VAL A 1 132 ? 12.02971  0.76716   -2.75623  1.000 16.66527 ? 156 VAL A N   1 
ATOM   1022 C CA  . VAL A 1 132 ? 10.59387  0.98620   -2.61573  1.000 16.43961 ? 156 VAL A CA  1 
ATOM   1023 C C   . VAL A 1 132 ? 9.81162   0.02998   -3.51273  1.000 16.75222 ? 156 VAL A C   1 
ATOM   1024 O O   . VAL A 1 132 ? 8.80355   -0.54777  -3.09180  1.000 15.34073 ? 156 VAL A O   1 
ATOM   1025 C CB  . VAL A 1 132 ? 10.24094  2.45981   -2.90227  1.000 11.90396 ? 156 VAL A CB  1 
ATOM   1026 C CG1 . VAL A 1 132 ? 8.72418   2.65076   -2.88071  1.000 14.66482 ? 156 VAL A CG1 1 
ATOM   1027 C CG2 . VAL A 1 132 ? 10.88777  3.36432   -1.86500  1.000 14.59857 ? 156 VAL A CG2 1 
ATOM   1028 N N   . GLU A 1 133 ? 10.26167  -0.16130  -4.75813  1.000 15.33665 ? 157 GLU A N   1 
ATOM   1029 C CA  . GLU A 1 133 ? 9.52772   -1.03204  -5.67302  1.000 14.06133 ? 157 GLU A CA  1 
ATOM   1030 C C   . GLU A 1 133 ? 9.48456   -2.46992  -5.16402  1.000 16.12553 ? 157 GLU A C   1 
ATOM   1031 O O   . GLU A 1 133 ? 8.47028   -3.16383  -5.32140  1.000 15.81242 ? 157 GLU A O   1 
ATOM   1032 C CB  . GLU A 1 133 ? 10.14616  -0.96854  -7.07209  1.000 13.62468 ? 157 GLU A CB  1 
ATOM   1033 C CG  . GLU A 1 133 ? 9.96337   0.39660   -7.76556  1.000 14.90929 ? 157 GLU A CG  1 
ATOM   1034 C CD  . GLU A 1 133 ? 10.68633  0.46924   -9.09541  1.000 22.87194 ? 157 GLU A CD  1 
ATOM   1035 O OE1 . GLU A 1 133 ? 11.09614  -0.58641  -9.60778  1.000 26.72697 ? 157 GLU A OE1 1 
ATOM   1036 O OE2 . GLU A 1 133 ? 10.85809  1.58166   -9.62299  1.000 22.92261 ? 157 GLU A OE2 1 
ATOM   1037 N N   . ALA A 1 134 ? 10.57582  -2.94422  -4.56370  1.000 16.38516 ? 158 ALA A N   1 
ATOM   1038 C CA  . ALA A 1 134 ? 10.56986  -4.30534  -4.03503  1.000 15.90698 ? 158 ALA A CA  1 
ATOM   1039 C C   . ALA A 1 134 ? 9.55408   -4.45637  -2.90566  1.000 16.57825 ? 158 ALA A C   1 
ATOM   1040 O O   . ALA A 1 134 ? 8.87249   -5.48452  -2.80402  1.000 16.48849 ? 158 ALA A O   1 
ATOM   1041 C CB  . ALA A 1 134 ? 11.96942  -4.69185  -3.55633  1.000 16.53295 ? 158 ALA A CB  1 
ATOM   1042 N N   . LEU A 1 135 ? 9.43591   -3.44445  -2.04819  1.000 13.46651 ? 159 LEU A N   1 
ATOM   1043 C CA  . LEU A 1 135 ? 8.48574   -3.52813  -0.93909  1.000 14.31361 ? 159 LEU A CA  1 
ATOM   1044 C C   . LEU A 1 135 ? 7.04737   -3.44339  -1.42931  1.000 16.26369 ? 159 LEU A C   1 
ATOM   1045 O O   . LEU A 1 135 ? 6.18153   -4.18803  -0.95834  1.000 17.05095 ? 159 LEU A O   1 
ATOM   1046 C CB  . LEU A 1 135 ? 8.77443   -2.42982  0.07951   1.000 13.13445 ? 159 LEU A CB  1 
ATOM   1047 C CG  . LEU A 1 135 ? 10.14064  -2.57729  0.75424   1.000 17.60901 ? 159 LEU A CG  1 
ATOM   1048 C CD1 . LEU A 1 135 ? 10.43083  -1.38129  1.63857   1.000 20.15774 ? 159 LEU A CD1 1 
ATOM   1049 C CD2 . LEU A 1 135 ? 10.22107  -3.87402  1.55639   1.000 21.71917 ? 159 LEU A CD2 1 
ATOM   1050 N N   . ILE A 1 136 ? 6.77003   -2.54858  -2.37774  1.000 17.15691 ? 160 ILE A N   1 
ATOM   1051 C CA  . ILE A 1 136 ? 5.41848   -2.46843  -2.92342  1.000 15.26315 ? 160 ILE A CA  1 
ATOM   1052 C C   . ILE A 1 136 ? 5.05845   -3.74855  -3.66834  1.000 15.32894 ? 160 ILE A C   1 
ATOM   1053 O O   . ILE A 1 136 ? 3.92296   -4.23438  -3.57348  1.000 15.98744 ? 160 ILE A O   1 
ATOM   1054 C CB  . ILE A 1 136 ? 5.27825   -1.22304  -3.81463  1.000 18.96550 ? 160 ILE A CB  1 
ATOM   1055 C CG1 . ILE A 1 136 ? 5.45287   0.03350   -2.94886  1.000 15.56248 ? 160 ILE A CG1 1 
ATOM   1056 C CG2 . ILE A 1 136 ? 3.92306   -1.23101  -4.55193  1.000 12.65755 ? 160 ILE A CG2 1 
ATOM   1057 C CD1 . ILE A 1 136 ? 5.36958   1.33429   -3.74169  1.000 16.25257 ? 160 ILE A CD1 1 
ATOM   1058 N N   . GLN A 1 137 ? 6.00363   -4.31043  -4.42989  1.000 15.58796 ? 161 GLN A N   1 
ATOM   1059 C CA  . GLN A 1 137 ? 5.73357   -5.58701  -5.09136  1.000 16.12790 ? 161 GLN A CA  1 
ATOM   1060 C C   . GLN A 1 137 ? 5.38114   -6.66447  -4.07193  1.000 18.23916 ? 161 GLN A C   1 
ATOM   1061 O O   . GLN A 1 137 ? 4.44267   -7.44841  -4.27612  1.000 16.54693 ? 161 GLN A O   1 
ATOM   1062 C CB  . GLN A 1 137 ? 6.93434   -6.02732  -5.92740  1.000 18.13462 ? 161 GLN A CB  1 
ATOM   1063 C CG  . GLN A 1 137 ? 6.63641   -7.26206  -6.78038  1.000 21.14491 ? 161 GLN A CG  1 
ATOM   1064 C CD  . GLN A 1 137 ? 5.65285   -6.97444  -7.91109  1.000 31.09115 ? 161 GLN A CD  1 
ATOM   1065 O OE1 . GLN A 1 137 ? 4.60841   -7.63633  -8.04556  1.000 29.05790 ? 161 GLN A OE1 1 
ATOM   1066 N NE2 . GLN A 1 137 ? 5.99190   -5.99507  -8.74425  1.000 28.65674 ? 161 GLN A NE2 1 
ATOM   1067 N N   . CYS A 1 138 ? 6.11751   -6.70405  -2.96442  1.000 15.63482 ? 162 CYS A N   1 
ATOM   1068 C CA  . CYS A 1 138 ? 5.80832   -7.63069  -1.88313  1.000 18.21780 ? 162 CYS A CA  1 
ATOM   1069 C C   . CYS A 1 138 ? 4.38847   -7.41963  -1.36956  1.000 16.32684 ? 162 CYS A C   1 
ATOM   1070 O O   . CYS A 1 138 ? 3.63318   -8.38001  -1.17412  1.000 15.11741 ? 162 CYS A O   1 
ATOM   1071 C CB  . CYS A 1 138 ? 6.82908   -7.44489  -0.76344  1.000 22.51175 ? 162 CYS A CB  1 
ATOM   1072 S SG  . CYS A 1 138 ? 6.58624   -8.47967  0.65288   1.000 27.34694 ? 162 CYS A SG  1 
ATOM   1073 N N   . ASN A 1 139 ? 4.00655   -6.16100  -1.15511  1.000 15.50224 ? 163 ASN A N   1 
ATOM   1074 C CA  . ASN A 1 139 ? 2.66237   -5.85568  -0.67688  1.000 14.31801 ? 163 ASN A CA  1 
ATOM   1075 C C   . ASN A 1 139 ? 1.59285   -6.26909  -1.68080  1.000 17.94772 ? 163 ASN A C   1 
ATOM   1076 O O   . ASN A 1 139 ? 0.55688   -6.81967  -1.29491  1.000 14.11509 ? 163 ASN A O   1 
ATOM   1077 C CB  . ASN A 1 139 ? 2.54074   -4.36509  -0.36257  1.000 12.69281 ? 163 ASN A CB  1 
ATOM   1078 C CG  . ASN A 1 139 ? 3.26608   -3.98671  0.90772   1.000 18.19124 ? 163 ASN A CG  1 
ATOM   1079 O OD1 . ASN A 1 139 ? 3.53186   -4.83749  1.75824   1.000 15.67164 ? 163 ASN A OD1 1 
ATOM   1080 N ND2 . ASN A 1 139 ? 3.58770   -2.70871  1.04752   1.000 16.75064 ? 163 ASN A ND2 1 
ATOM   1081 N N   . LEU A 1 140 ? 1.80635   -5.97849  -2.96865  1.000 11.92501 ? 164 LEU A N   1 
ATOM   1082 C CA  . LEU A 1 140 ? 0.80021   -6.30874  -3.97708  1.000 14.24910 ? 164 LEU A CA  1 
ATOM   1083 C C   . LEU A 1 140 ? 0.68171   -7.81563  -4.16174  1.000 15.71453 ? 164 LEU A C   1 
ATOM   1084 O O   . LEU A 1 140 ? -0.42339  -8.34075  -4.35695  1.000 14.62613 ? 164 LEU A O   1 
ATOM   1085 C CB  . LEU A 1 140 ? 1.14664   -5.63695  -5.30687  1.000 12.54474 ? 164 LEU A CB  1 
ATOM   1086 C CG  . LEU A 1 140 ? 1.02807   -4.10074  -5.32911  1.000 14.68498 ? 164 LEU A CG  1 
ATOM   1087 C CD1 . LEU A 1 140 ? 1.53939   -3.51877  -6.64982  1.000 17.25076 ? 164 LEU A CD1 1 
ATOM   1088 C CD2 . LEU A 1 140 ? -0.40249  -3.67880  -5.08649  1.000 15.93469 ? 164 LEU A CD2 1 
ATOM   1089 N N   . ASN A 1 141 ? 1.81140   -8.52360  -4.11936  1.000 13.21558 ? 165 ASN A N   1 
ATOM   1090 C CA  . ASN A 1 141 ? 1.76799   -9.98259  -4.16320  1.000 14.47447 ? 165 ASN A CA  1 
ATOM   1091 C C   . ASN A 1 141 ? 0.98891   -10.53670 -2.97989  1.000 17.12336 ? 165 ASN A C   1 
ATOM   1092 O O   . ASN A 1 141 ? 0.21495   -11.49134 -3.11999  1.000 15.12307 ? 165 ASN A O   1 
ATOM   1093 C CB  . ASN A 1 141 ? 3.18670   -10.55407 -4.16329  1.000 14.23329 ? 165 ASN A CB  1 
ATOM   1094 C CG  . ASN A 1 141 ? 3.91641   -10.34665 -5.49231  1.000 21.51162 ? 165 ASN A CG  1 
ATOM   1095 O OD1 . ASN A 1 141 ? 3.31072   -10.00615 -6.51487  1.000 19.29943 ? 165 ASN A OD1 1 
ATOM   1096 N ND2 . ASN A 1 141 ? 5.22924   -10.55318 -5.47235  1.000 19.97676 ? 165 ASN A ND2 1 
ATOM   1097 N N   . SER A 1 142 ? 1.19675   -9.95998  -1.79720  1.000 14.93138 ? 166 SER A N   1 
ATOM   1098 C CA  . SER A 1 142 ? 0.45981   -10.40916 -0.62072  1.000 14.29314 ? 166 SER A CA  1 
ATOM   1099 C C   . SER A 1 142 ? -1.02097  -10.05698 -0.72771  1.000 15.56994 ? 166 SER A C   1 
ATOM   1100 O O   . SER A 1 142 ? -1.88057  -10.85718 -0.33788  1.000 15.57102 ? 166 SER A O   1 
ATOM   1101 C CB  . SER A 1 142 ? 1.07587   -9.80808  0.63618   1.000 12.99367 ? 166 SER A CB  1 
ATOM   1102 O OG  . SER A 1 142 ? 0.36218   -10.21760 1.79212   1.000 18.81418 ? 166 SER A OG  1 
ATOM   1103 N N   . LEU A 1 143 ? -1.34225  -8.86438  -1.24525  1.000 12.30608 ? 167 LEU A N   1 
ATOM   1104 C CA  . LEU A 1 143 ? -2.74570  -8.50939  -1.45186  1.000 12.04761 ? 167 LEU A CA  1 
ATOM   1105 C C   . LEU A 1 143 ? -3.43705  -9.51771  -2.36309  1.000 16.01474 ? 167 LEU A C   1 
ATOM   1106 O O   . LEU A 1 143 ? -4.57814  -9.92294  -2.10510  1.000 15.46194 ? 167 LEU A O   1 
ATOM   1107 C CB  . LEU A 1 143 ? -2.86170  -7.10303  -2.03223  1.000 12.67844 ? 167 LEU A CB  1 
ATOM   1108 C CG  . LEU A 1 143 ? -4.26906  -6.59148  -2.33679  1.000 13.88548 ? 167 LEU A CG  1 
ATOM   1109 C CD1 . LEU A 1 143 ? -5.14129  -6.46813  -1.08700  1.000 13.70601 ? 167 LEU A CD1 1 
ATOM   1110 C CD2 . LEU A 1 143 ? -4.16315  -5.23731  -3.06364  1.000 15.58024 ? 167 LEU A CD2 1 
ATOM   1111 N N   . ALA A 1 144 ? -2.76227  -9.92800  -3.43853  1.000 15.68837 ? 168 ALA A N   1 
ATOM   1112 C CA  . ALA A 1 144 ? -3.30318  -10.96877 -4.30420  1.000 12.14572 ? 168 ALA A CA  1 
ATOM   1113 C C   . ALA A 1 144 ? -3.48592  -12.27363 -3.53537  1.000 16.45018 ? 168 ALA A C   1 
ATOM   1114 O O   . ALA A 1 144 ? -4.55738  -12.88764 -3.58383  1.000 16.99616 ? 168 ALA A O   1 
ATOM   1115 C CB  . ALA A 1 144 ? -2.38465  -11.16937 -5.51890  1.000 16.75738 ? 168 ALA A CB  1 
ATOM   1116 N N   . ASP A 1 145 ? -2.45323  -12.70909 -2.80258  1.000 17.09485 ? 169 ASP A N   1 
ATOM   1117 C CA  . ASP A 1 145 ? -2.57219  -13.94845 -2.02602  1.000 18.96807 ? 169 ASP A CA  1 
ATOM   1118 C C   . ASP A 1 145 ? -3.76632  -13.89377 -1.06872  1.000 16.14483 ? 169 ASP A C   1 
ATOM   1119 O O   . ASP A 1 145 ? -4.58582  -14.82184 -1.01627  1.000 16.57039 ? 169 ASP A O   1 
ATOM   1120 C CB  . ASP A 1 145 ? -1.27767  -14.21329 -1.24966  1.000 16.61318 ? 169 ASP A CB  1 
ATOM   1121 C CG  . ASP A 1 145 ? -0.12123  -14.65221 -2.14080  1.000 22.52658 ? 169 ASP A CG  1 
ATOM   1122 O OD1 . ASP A 1 145 ? -0.33941  -14.98322 -3.32728  1.000 30.53331 ? 169 ASP A OD1 1 
ATOM   1123 O OD2 . ASP A 1 145 ? 1.02532   -14.66799 -1.64261  1.000 25.21733 ? 169 ASP A OD2 1 
ATOM   1124 N N   . VAL A 1 146 ? -3.89447  -12.79649 -0.32135  1.000 15.12408 ? 170 VAL A N   1 
ATOM   1125 C CA  . VAL A 1 146 ? -4.92876  -12.70184 0.71003   1.000 16.98562 ? 170 VAL A CA  1 
ATOM   1126 C C   . VAL A 1 146 ? -6.32024  -12.70970 0.08922   1.000 20.14232 ? 170 VAL A C   1 
ATOM   1127 O O   . VAL A 1 146 ? -7.22401  -13.41259 0.56064   1.000 16.72408 ? 170 VAL A O   1 
ATOM   1128 C CB  . VAL A 1 146 ? -4.71033  -11.44489 1.57243   1.000 17.35161 ? 170 VAL A CB  1 
ATOM   1129 C CG1 . VAL A 1 146 ? -5.96661  -11.13136 2.39145   1.000 19.04704 ? 170 VAL A CG1 1 
ATOM   1130 C CG2 . VAL A 1 146 ? -3.48475  -11.61239 2.46873   1.000 15.34340 ? 170 VAL A CG2 1 
ATOM   1131 N N   . THR A 1 147 ? -6.52453  -11.91844 -0.96438  1.000 14.28079 ? 171 THR A N   1 
ATOM   1132 C CA  . THR A 1 147 ? -7.86125  -11.80967 -1.53864  1.000 14.06392 ? 171 THR A CA  1 
ATOM   1133 C C   . THR A 1 147 ? -8.20855  -13.01292 -2.41127  1.000 17.19118 ? 171 THR A C   1 
ATOM   1134 O O   . THR A 1 147 ? -9.37333  -13.44423 -2.44121  1.000 15.90987 ? 171 THR A O   1 
ATOM   1135 C CB  . THR A 1 147 ? -7.99035  -10.50236 -2.32532  1.000 14.60760 ? 171 THR A CB  1 
ATOM   1136 O OG1 . THR A 1 147 ? -7.01068  -10.45458 -3.37870  1.000 17.75681 ? 171 THR A OG1 1 
ATOM   1137 C CG2 . THR A 1 147 ? -7.80260  -9.29803  -1.37813  1.000 14.56934 ? 171 THR A CG2 1 
ATOM   1138 N N   . GLU A 1 148 ? -7.22683  -13.57845 -3.11628  1.000 15.33078 ? 172 GLU A N   1 
ATOM   1139 C CA  . GLU A 1 148 ? -7.48865  -14.82712 -3.82158  1.000 16.38146 ? 172 GLU A CA  1 
ATOM   1140 C C   . GLU A 1 148 ? -7.80925  -15.95149 -2.83761  1.000 14.25016 ? 172 GLU A C   1 
ATOM   1141 O O   . GLU A 1 148 ? -8.62762  -16.82762 -3.13993  1.000 17.98753 ? 172 GLU A O   1 
ATOM   1142 C CB  . GLU A 1 148 ? -6.30049  -15.17898 -4.71933  1.000 14.77919 ? 172 GLU A CB  1 
ATOM   1143 C CG  . GLU A 1 148 ? -6.19583  -14.21788 -5.93626  1.000 15.26759 ? 172 GLU A CG  1 
ATOM   1144 C CD  . GLU A 1 148 ? -4.88103  -14.30772 -6.69564  1.000 16.92592 ? 172 GLU A CD  1 
ATOM   1145 O OE1 . GLU A 1 148 ? -4.67660  -13.46350 -7.59915  1.000 19.31231 ? 172 GLU A OE1 1 
ATOM   1146 O OE2 . GLU A 1 148 ? -4.05421  -15.20345 -6.41039  1.000 17.52446 ? 172 GLU A OE2 1 
ATOM   1147 N N   . ARG A 1 149 ? -7.22253  -15.91553 -1.64026  1.000 16.10772 ? 173 ARG A N   1 
ATOM   1148 C CA  . ARG A 1 149 ? -7.58210  -16.91686 -0.63980  1.000 18.59014 ? 173 ARG A CA  1 
ATOM   1149 C C   . ARG A 1 149 ? -8.99815  -16.69004 -0.12621  1.000 19.88150 ? 173 ARG A C   1 
ATOM   1150 O O   . ARG A 1 149 ? -9.77548  -17.64325 0.00175   1.000 18.17776 ? 173 ARG A O   1 
ATOM   1151 C CB  . ARG A 1 149 ? -6.58548  -16.90785 0.51865   1.000 18.30922 ? 173 ARG A CB  1 
ATOM   1152 C CG  . ARG A 1 149 ? -6.74059  -18.12045 1.44137   1.000 23.82237 ? 173 ARG A CG  1 
ATOM   1153 C CD  . ARG A 1 149 ? -6.62149  -17.74701 2.90349   1.000 27.97048 ? 173 ARG A CD  1 
ATOM   1154 N NE  . ARG A 1 149 ? -5.51020  -16.85363 3.19434   1.000 38.68416 ? 173 ARG A NE  1 
ATOM   1155 C CZ  . ARG A 1 149 ? -5.63431  -15.56511 3.51165   1.000 37.77447 ? 173 ARG A CZ  1 
ATOM   1156 N NH1 . ARG A 1 149 ? -6.83336  -14.97730 3.57155   1.000 32.32080 ? 173 ARG A NH1 1 
ATOM   1157 N NH2 . ARG A 1 149 ? -4.54568  -14.85684 3.76855   1.000 32.07957 ? 173 ARG A NH2 1 
ATOM   1158 N N   . LEU A 1 150 ? -9.36099  -15.43533 0.16307   1.000 17.92350 ? 174 LEU A N   1 
ATOM   1159 C CA  . LEU A 1 150 ? -10.73362 -15.15657 0.57890   1.000 18.56868 ? 174 LEU A CA  1 
ATOM   1160 C C   . LEU A 1 150 ? -11.71877 -15.57900 -0.49842  1.000 20.45730 ? 174 LEU A C   1 
ATOM   1161 O O   . LEU A 1 150 ? -12.77466 -16.15089 -0.19892  1.000 20.10348 ? 174 LEU A O   1 
ATOM   1162 C CB  . LEU A 1 150 ? -10.90019 -13.67146 0.91484   1.000 17.96431 ? 174 LEU A CB  1 
ATOM   1163 C CG  . LEU A 1 150 ? -10.16087 -13.23359 2.18210   1.000 21.35411 ? 174 LEU A CG  1 
ATOM   1164 C CD1 . LEU A 1 150 ? -9.96476  -11.71223 2.23155   1.000 19.21638 ? 174 LEU A CD1 1 
ATOM   1165 C CD2 . LEU A 1 150 ? -10.91713 -13.70616 3.42253   1.000 23.92320 ? 174 LEU A CD2 1 
ATOM   1166 N N   . GLN A 1 151 ? -11.37037 -15.33400 -1.75884  1.000 15.47130 ? 175 GLN A N   1 
ATOM   1167 C CA  . GLN A 1 151 ? -12.22253 -15.73093 -2.87238  1.000 16.80855 ? 175 GLN A CA  1 
ATOM   1168 C C   . GLN A 1 151 ? -12.41639 -17.23761 -2.91204  1.000 19.64739 ? 175 GLN A C   1 
ATOM   1169 O O   . GLN A 1 151 ? -13.53234 -17.72473 -3.12671  1.000 20.58550 ? 175 GLN A O   1 
ATOM   1170 C CB  . GLN A 1 151 ? -11.60600 -15.24465 -4.17499  1.000 18.17490 ? 175 GLN A CB  1 
ATOM   1171 C CG  . GLN A 1 151 ? -12.32237 -15.70057 -5.41929  1.000 20.09786 ? 175 GLN A CG  1 
ATOM   1172 C CD  . GLN A 1 151 ? -13.73643 -15.16927 -5.49323  1.000 22.74356 ? 175 GLN A CD  1 
ATOM   1173 O OE1 . GLN A 1 151 ? -14.06834 -14.13588 -4.89903  1.000 24.37476 ? 175 GLN A OE1 1 
ATOM   1174 N NE2 . GLN A 1 151 ? -14.58704 -15.88660 -6.20868  1.000 29.71040 ? 175 GLN A NE2 1 
ATOM   1175 N N   . ALA A 1 152 ? -11.33628 -17.98933 -2.72259  1.000 18.24712 ? 176 ALA A N   1 
ATOM   1176 C CA  . ALA A 1 152 ? -11.43291 -19.44499 -2.74071  1.000 21.54644 ? 176 ALA A CA  1 
ATOM   1177 C C   . ALA A 1 152 ? -12.24758 -19.95878 -1.55879  1.000 20.96213 ? 176 ALA A C   1 
ATOM   1178 O O   . ALA A 1 152 ? -13.03343 -20.90646 -1.70314  1.000 21.87423 ? 176 ALA A O   1 
ATOM   1179 C CB  . ALA A 1 152 ? -10.03391 -20.05150 -2.74071  1.000 16.31843 ? 176 ALA A CB  1 
ATOM   1180 N N   . GLU A 1 153 ? -12.07705 -19.34080 -0.38471  1.000 17.48750 ? 177 GLU A N   1 
ATOM   1181 C CA  . GLU A 1 153 ? -12.80774 -19.77881 0.80397   1.000 20.92460 ? 177 GLU A CA  1 
ATOM   1182 C C   . GLU A 1 153 ? -14.30305 -19.54251 0.65700   1.000 20.59431 ? 177 GLU A C   1 
ATOM   1183 O O   . GLU A 1 153 ? -15.10278 -20.27833 1.24611   1.000 26.03686 ? 177 GLU A O   1 
ATOM   1184 C CB  . GLU A 1 153 ? -12.26672 -19.06955 2.04859   1.000 20.05736 ? 177 GLU A CB  1 
ATOM   1185 C CG  . GLU A 1 153 ? -10.83089 -19.45678 2.36353   1.000 18.99498 ? 177 GLU A CG  1 
ATOM   1186 C CD  . GLU A 1 153 ? -10.20050 -18.67387 3.50590   1.000 20.56380 ? 177 GLU A CD  1 
ATOM   1187 O OE1 . GLU A 1 153 ? -10.71795 -17.60659 3.90655   1.000 23.31076 ? 177 GLU A OE1 1 
ATOM   1188 O OE2 . GLU A 1 153 ? -9.16076  -19.13195 4.00689   1.000 24.24052 ? 177 GLU A OE2 1 
ATOM   1189 N N   . SER A 1 154 ? -14.69500 -18.53402 -0.12222  1.000 20.79745 ? 178 SER A N   1 
ATOM   1190 C CA  . SER A 1 154 ? -16.10077 -18.26250 -0.40721  1.000 22.65421 ? 178 SER A CA  1 
ATOM   1191 C C   . SER A 1 154 ? -16.69251 -19.22338 -1.43324  1.000 27.71504 ? 178 SER A C   1 
ATOM   1192 O O   . SER A 1 154 ? -17.91779 -19.29970 -1.55392  1.000 32.87914 ? 178 SER A O   1 
ATOM   1193 C CB  . SER A 1 154 ? -16.27245 -16.82325 -0.91911  1.000 29.35913 ? 178 SER A CB  1 
ATOM   1194 O OG  . SER A 1 154 ? -15.99596 -16.72154 -2.32091  1.000 27.73705 ? 178 SER A OG  1 
ATOM   1195 N N   . MET A 1 155 ? -15.86154 -19.92794 -2.19116  1.000 24.73881 ? 179 MET A N   1 
ATOM   1196 C CA  . MET A 1 155 ? -16.35924 -20.85402 -3.20024  1.000 35.27617 ? 179 MET A CA  1 
ATOM   1197 C C   . MET A 1 155 ? -16.91482 -22.11184 -2.53542  1.000 30.62881 ? 179 MET A C   1 
ATOM   1198 O O   . MET A 1 155 ? -18.09983 -22.42087 -2.68323  1.000 52.68762 ? 179 MET A O   1 
ATOM   1199 C CB  . MET A 1 155 ? -15.25475 -21.21924 -4.19795  1.000 33.99459 ? 179 MET A CB  1 
ATOM   1200 C CG  . MET A 1 155 ? -14.75495 -20.05718 -5.03949  1.000 38.17765 ? 179 MET A CG  1 
ATOM   1201 S SD  . MET A 1 155 ? -15.99035 -19.47275 -6.21515  1.000 59.89757 ? 179 MET A SD  1 
ATOM   1202 C CE  . MET A 1 155 ? -16.08248 -20.88004 -7.31290  1.000 50.43580 ? 179 MET A CE  1 
HETATM 1203 C CAA . ZLG B 2 .   ? 16.84418  4.32199   0.08349   1.000 18.78508 ? 201 ZLG A CAA 1 
HETATM 1204 C CAB . ZLG B 2 .   ? 17.70269  3.37326   -0.45783  1.000 18.07088 ? 201 ZLG A CAB 1 
HETATM 1205 C CAC . ZLG B 2 .   ? 17.96867  2.19660   0.23982   1.000 19.62018 ? 201 ZLG A CAC 1 
HETATM 1206 C CAD . ZLG B 2 .   ? 17.38885  1.96942   1.47956   1.000 18.79728 ? 201 ZLG A CAD 1 
HETATM 1207 C CAE . ZLG B 2 .   ? 16.53431  2.92057   2.02983   1.000 19.57587 ? 201 ZLG A CAE 1 
HETATM 1208 C CAF . ZLG B 2 .   ? 16.26038  4.09329   1.32933   1.000 17.15745 ? 201 ZLG A CAF 1 
HETATM 1209 C CAG . ZLG B 2 .   ? 15.40249  5.02717   1.89361   1.000 17.77876 ? 201 ZLG A CAG 1 
HETATM 1210 C CAI . ZLG B 2 .   ? 15.13296  3.57999   3.80229   1.000 19.55883 ? 201 ZLG A CAI 1 
HETATM 1211 C CAJ . ZLG B 2 .   ? 14.83767  4.77169   3.13937   1.000 17.25623 ? 201 ZLG A CAJ 1 
HETATM 1212 C CAK . ZLG B 2 .   ? 14.58508  3.32007   5.06896   1.000 18.48985 ? 201 ZLG A CAK 1 
HETATM 1213 C CAN . ZLG B 2 .   ? 14.58327  1.83355   7.02230   1.000 16.99247 ? 201 ZLG A CAN 1 
HETATM 1214 C CAQ . ZLG B 2 .   ? 13.21130  1.12769   7.09517   1.000 17.41003 ? 201 ZLG A CAQ 1 
HETATM 1215 C CAR . ZLG B 2 .   ? 12.17155  1.23233   6.26249   1.000 16.53219 ? 201 ZLG A CAR 1 
HETATM 1216 C CAT . ZLG B 2 .   ? 9.98998   0.08638   6.43379   1.000 14.74483 ? 201 ZLG A CAT 1 
HETATM 1217 C CAU . ZLG B 2 .   ? 8.96564   1.05087   6.45467   1.000 15.32459 ? 201 ZLG A CAU 1 
HETATM 1218 C CAV . ZLG B 2 .   ? 9.68901   -1.23020  6.07229   1.000 16.35008 ? 201 ZLG A CAV 1 
HETATM 1219 C CAW . ZLG B 2 .   ? 8.37450   -1.56086  5.75193   1.000 17.26298 ? 201 ZLG A CAW 1 
HETATM 1220 C CAX . ZLG B 2 .   ? 7.35747   -0.61392  5.75334   1.000 18.40958 ? 201 ZLG A CAX 1 
HETATM 1221 C CAY . ZLG B 2 .   ? 7.64741   0.70333   6.12635   1.000 14.19493 ? 201 ZLG A CAY 1 
HETATM 1222 C CAZ . ZLG B 2 .   ? 9.28403   2.36544   6.81592   1.000 20.98278 ? 201 ZLG A CAZ 1 
HETATM 1223 C CBA . ZLG B 2 .   ? 8.34451   3.02413   7.79475   1.000 26.56674 ? 201 ZLG A CBA 1 
HETATM 1224 C CBB . ZLG B 2 .   ? 8.34871   3.46634   6.33418   1.000 21.47186 ? 201 ZLG A CBB 1 
HETATM 1225 C CBC . ZLG B 2 .   ? 10.68395  -2.23666  6.07861   1.000 21.13790 ? 201 ZLG A CBC 1 
HETATM 1226 C CBD . ZLG B 2 .   ? 11.66761  -2.29581  4.92823   1.000 22.50362 ? 201 ZLG A CBD 1 
HETATM 1227 C CBE . ZLG B 2 .   ? 10.57577  -3.36855  5.07191   1.000 22.09537 ? 201 ZLG A CBE 1 
HETATM 1228 C CBF . ZLG B 2 .   ? 6.05263   -1.03764  5.43695   1.000 16.41501 ? 201 ZLG A CBF 1 
HETATM 1229 C CBG . ZLG B 2 .   ? 5.51640   -0.71818  4.02952   1.000 19.77443 ? 201 ZLG A CBG 1 
HETATM 1230 C CBJ . ZLG B 2 .   ? 5.04274   1.08108   2.35090   1.000 18.30366 ? 201 ZLG A CBJ 1 
HETATM 1231 C CBK . ZLG B 2 .   ? 7.15117   0.73918   1.04136   1.000 15.30970 ? 201 ZLG A CBK 1 
HETATM 1232 C CBL . ZLG B 2 .   ? 5.67075   0.41542   1.13533   1.000 18.94383 ? 201 ZLG A CBL 1 
HETATM 1233 C CBM . ZLG B 2 .   ? 5.26123   2.58738   2.26479   1.000 16.33297 ? 201 ZLG A CBM 1 
HETATM 1234 C CBN . ZLG B 2 .   ? 6.74684   2.88923   2.22090   1.000 15.98243 ? 201 ZLG A CBN 1 
HETATM 1235 C CBO . ZLG B 2 .   ? 7.36465   2.24748   0.99602   1.000 15.45663 ? 201 ZLG A CBO 1 
HETATM 1236 C CBP . ZLG B 2 .   ? 3.52517   0.85930   2.34186   1.000 20.13666 ? 201 ZLG A CBP 1 
HETATM 1237 F FBS . ZLG B 2 .   ? 18.28249  3.57497   -1.68946  1.000 22.00571 ? 201 ZLG A FBS 1 
HETATM 1238 N NAH . ZLG B 2 .   ? 15.97207  2.69306   3.23338   1.000 18.54924 ? 201 ZLG A NAH 1 
HETATM 1239 N NAL . ZLG B 2 .   ? 15.01774  2.19687   5.66752   1.000 16.85971 ? 201 ZLG A NAL 1 
HETATM 1240 N NAO . ZLG B 2 .   ? 11.79175  -0.09928  7.90042   1.000 21.03345 ? 201 ZLG A NAO 1 
HETATM 1241 N NAP . ZLG B 2 .   ? 12.89734  0.28817   8.07190   1.000 19.50790 ? 201 ZLG A NAP 1 
HETATM 1242 N NAS . ZLG B 2 .   ? 11.24629  0.41583   6.78894   1.000 16.64073 ? 201 ZLG A NAS 1 
HETATM 1243 N NBH . ZLG B 2 .   ? 5.59390   0.56955   3.63241   1.000 19.98527 ? 201 ZLG A NBH 1 
HETATM 1244 O OAM . ZLG B 2 .   ? 13.81032  4.11003   5.60795   1.000 18.07812 ? 201 ZLG A OAM 1 
HETATM 1245 O OBI . ZLG B 2 .   ? 5.00008   -1.61910  3.37267   1.000 16.72637 ? 201 ZLG A OBI 1 
HETATM 1246 O OBQ . ZLG B 2 .   ? 2.97208   0.75909   1.22847   1.000 22.93507 ? 201 ZLG A OBQ 1 
HETATM 1247 O OBR . ZLG B 2 .   ? 2.94424   0.86555   3.44175   1.000 20.75590 ? 201 ZLG A OBR 1 
HETATM 1248 C C1  . CIT C 3 .   ? 17.73239  14.84252  -14.52330 1.000 37.39952 ? 202 CIT A C1  1 
HETATM 1249 O O1  . CIT C 3 .   ? 17.42338  15.93305  -15.05434 1.000 29.45710 ? 202 CIT A O1  1 
HETATM 1250 O O2  . CIT C 3 .   ? 17.65992  13.78801  -15.20571 1.000 35.29602 ? 202 CIT A O2  1 
HETATM 1251 C C2  . CIT C 3 .   ? 18.18267  14.79159  -13.07619 1.000 28.64666 ? 202 CIT A C2  1 
HETATM 1252 C C3  . CIT C 3 .   ? 17.21204  13.92596  -12.27751 1.000 38.32649 ? 202 CIT A C3  1 
HETATM 1253 O O7  . CIT C 3 .   ? 17.54102  12.54519  -12.58623 1.000 47.83073 ? 202 CIT A O7  1 
HETATM 1254 C C4  . CIT C 3 .   ? 17.30522  14.05403  -10.76197 1.000 27.08678 ? 202 CIT A C4  1 
HETATM 1255 C C5  . CIT C 3 .   ? 17.81070  15.39629  -10.30445 1.000 38.26007 ? 202 CIT A C5  1 
HETATM 1256 O O3  . CIT C 3 .   ? 17.11212  16.41652  -10.46586 1.000 43.05373 ? 202 CIT A O3  1 
HETATM 1257 O O4  . CIT C 3 .   ? 18.92158  15.49987  -9.73194  1.000 48.88749 ? 202 CIT A O4  1 
HETATM 1258 C C6  . CIT C 3 .   ? 15.77073  14.16675  -12.70837 1.000 39.19639 ? 202 CIT A C6  1 
HETATM 1259 O O5  . CIT C 3 .   ? 15.18119  15.22713  -12.37358 1.000 46.72907 ? 202 CIT A O5  1 
HETATM 1260 O O6  . CIT C 3 .   ? 15.16580  13.31810  -13.40443 1.000 40.29492 ? 202 CIT A O6  1 
HETATM 1261 O O   . HOH D 4 .   ? 10.75510  5.29762   19.19033  1.000 36.29531 ? 301 HOH A O   1 
HETATM 1262 O O   . HOH D 4 .   ? -5.42036  8.88977   14.47481  1.000 36.36135 ? 302 HOH A O   1 
HETATM 1263 O O   . HOH D 4 .   ? 1.87835   -0.35491  19.61473  1.000 37.40105 ? 303 HOH A O   1 
HETATM 1264 O O   . HOH D 4 .   ? 21.12033  15.60185  -10.71689 1.000 27.32405 ? 304 HOH A O   1 
HETATM 1265 O O   . HOH D 4 .   ? 14.68966  12.26212  -15.52874 1.000 26.47344 ? 305 HOH A O   1 
HETATM 1266 O O   . HOH D 4 .   ? -16.63981 9.06448   -9.78342  1.000 30.68280 ? 306 HOH A O   1 
HETATM 1267 O O   . HOH D 4 .   ? 3.05784   -7.02707  -10.68582 1.000 31.21354 ? 307 HOH A O   1 
HETATM 1268 O O   . HOH D 4 .   ? -3.29102  -16.28102 -8.50175  1.000 29.74592 ? 308 HOH A O   1 
HETATM 1269 O O   . HOH D 4 .   ? 5.54582   -5.46971  -11.12425 1.000 31.62108 ? 309 HOH A O   1 
HETATM 1270 O O   . HOH D 4 .   ? -2.05249  -1.43690  -1.10008  1.000 23.88104 ? 310 HOH A O   1 
HETATM 1271 O O   . HOH D 4 .   ? -4.28559  5.22396   -9.90432  1.000 27.88448 ? 311 HOH A O   1 
HETATM 1272 O O   . HOH D 4 .   ? -8.33310  -21.35075 3.19103   1.000 37.77185 ? 312 HOH A O   1 
HETATM 1273 O O   . HOH D 4 .   ? -9.66852  14.68800  8.92364   1.000 33.39257 ? 313 HOH A O   1 
HETATM 1274 O O   . HOH D 4 .   ? 21.91275  10.72444  -3.52210  1.000 34.98018 ? 314 HOH A O   1 
HETATM 1275 O O   . HOH D 4 .   ? 7.56084   -2.12270  15.73765  1.000 34.96830 ? 315 HOH A O   1 
HETATM 1276 O O   . HOH D 4 .   ? 1.75501   3.08144   3.61388   1.000 24.39628 ? 316 HOH A O   1 
HETATM 1277 O O   . HOH D 4 .   ? -1.32124  -14.63429 -5.63528  1.000 23.90551 ? 317 HOH A O   1 
HETATM 1278 O O   . HOH D 4 .   ? -14.88329 10.06668  -7.67604  1.000 26.71233 ? 318 HOH A O   1 
HETATM 1279 O O   . HOH D 4 .   ? -3.48564  7.08783   15.46015  1.000 32.82251 ? 319 HOH A O   1 
HETATM 1280 O O   . HOH D 4 .   ? -15.89394 -13.83735 -3.15217  1.000 31.05293 ? 320 HOH A O   1 
HETATM 1281 O O   . HOH D 4 .   ? 16.53338  10.21323  4.22266   1.000 28.63961 ? 321 HOH A O   1 
HETATM 1282 O O   . HOH D 4 .   ? 2.80942   2.65489   -0.90901  1.000 23.11430 ? 322 HOH A O   1 
HETATM 1283 O O   . HOH D 4 .   ? 1.73639   11.57014  15.38458  1.000 23.80409 ? 323 HOH A O   1 
HETATM 1284 O O   . HOH D 4 .   ? 2.96728   3.33544   16.17601  1.000 31.66188 ? 324 HOH A O   1 
HETATM 1285 O O   . HOH D 4 .   ? 12.38142  2.59720   -11.44565 1.000 27.84557 ? 325 HOH A O   1 
HETATM 1286 O O   . HOH D 4 .   ? 12.08450  16.11041  -3.31722  1.000 24.75201 ? 326 HOH A O   1 
HETATM 1287 O O   . HOH D 4 .   ? -9.01610  -15.99200 5.02442   1.000 21.72955 ? 327 HOH A O   1 
HETATM 1288 O O   . HOH D 4 .   ? -2.76821  -12.85151 -9.25764  1.000 22.67673 ? 328 HOH A O   1 
HETATM 1289 O O   . HOH D 4 .   ? -0.92520  15.69050  3.10731   1.000 26.72389 ? 329 HOH A O   1 
HETATM 1290 O O   . HOH D 4 .   ? 13.54961  17.09047  -0.13296  1.000 24.62184 ? 330 HOH A O   1 
HETATM 1291 O O   . HOH D 4 .   ? -6.93222  -4.34710  -17.11229 1.000 21.96608 ? 331 HOH A O   1 
HETATM 1292 O O   . HOH D 4 .   ? -15.56814 -3.18835  -1.31864  1.000 21.78798 ? 332 HOH A O   1 
HETATM 1293 O O   . HOH D 4 .   ? 0.15804   -2.46152  -1.93165  1.000 22.95969 ? 333 HOH A O   1 
HETATM 1294 O O   . HOH D 4 .   ? -5.17677  -11.23675 6.21998   1.000 31.25869 ? 334 HOH A O   1 
HETATM 1295 O O   . HOH D 4 .   ? 4.68724   -4.38091  4.10279   1.000 14.85344 ? 335 HOH A O   1 
HETATM 1296 O O   . HOH D 4 .   ? -18.27512 3.10667   -8.83599  1.000 35.77622 ? 336 HOH A O   1 
HETATM 1297 O O   . HOH D 4 .   ? -4.44852  -0.26431  2.24555   1.000 18.01856 ? 337 HOH A O   1 
HETATM 1298 O O   . HOH D 4 .   ? 11.02640  -3.12828  13.87379  1.000 18.51657 ? 338 HOH A O   1 
HETATM 1299 O O   . HOH D 4 .   ? 4.69038   6.91318   -11.69222 1.000 17.25484 ? 339 HOH A O   1 
HETATM 1300 O O   . HOH D 4 .   ? 5.73610   12.46392  -2.60471  1.000 12.05833 ? 340 HOH A O   1 
HETATM 1301 O O   . HOH D 4 .   ? -18.11795 5.50431   -11.06042 1.000 37.28012 ? 341 HOH A O   1 
HETATM 1302 O O   . HOH D 4 .   ? -11.61676 11.31812  -5.79387  1.000 25.06622 ? 342 HOH A O   1 
HETATM 1303 O O   . HOH D 4 .   ? 2.18851   -0.87415  -0.86287  1.000 20.14065 ? 343 HOH A O   1 
HETATM 1304 O O   . HOH D 4 .   ? 11.99599  9.90722   7.85789   1.000 27.99983 ? 344 HOH A O   1 
HETATM 1305 O O   . HOH D 4 .   ? 22.71624  2.30041   -7.95973  1.000 23.35301 ? 345 HOH A O   1 
HETATM 1306 O O   . HOH D 4 .   ? 21.50085  9.40232   3.26336   1.000 30.75573 ? 346 HOH A O   1 
HETATM 1307 O O   . HOH D 4 .   ? -8.64188  -16.75417 -7.72581  1.000 21.29426 ? 347 HOH A O   1 
HETATM 1308 O O   . HOH D 4 .   ? 0.27406   1.29277   15.93860  1.000 25.38383 ? 348 HOH A O   1 
HETATM 1309 O O   . HOH D 4 .   ? 3.86870   5.90988   15.18724  1.000 26.70414 ? 349 HOH A O   1 
HETATM 1310 O O   . HOH D 4 .   ? -3.43320  -17.27822 -4.81125  1.000 29.43534 ? 350 HOH A O   1 
HETATM 1311 O O   . HOH D 4 .   ? 14.17557  8.95699   11.24275  1.000 32.64701 ? 351 HOH A O   1 
HETATM 1312 O O   . HOH D 4 .   ? 9.09559   -10.01914 13.60880  1.000 25.89774 ? 352 HOH A O   1 
HETATM 1313 O O   . HOH D 4 .   ? 5.76739   7.26794   13.89396  1.000 23.30338 ? 353 HOH A O   1 
HETATM 1314 O O   . HOH D 4 .   ? -0.56650  0.80362   -0.71397  1.000 21.37000 ? 354 HOH A O   1 
HETATM 1315 O O   . HOH D 4 .   ? -4.10714  -17.25392 -2.12388  1.000 18.94383 ? 355 HOH A O   1 
HETATM 1316 O O   . HOH D 4 .   ? -12.09091 3.66070   -10.87070 1.000 21.27168 ? 356 HOH A O   1 
HETATM 1317 O O   . HOH D 4 .   ? 13.56666  11.06837  -11.25078 1.000 25.05121 ? 357 HOH A O   1 
HETATM 1318 O O   . HOH D 4 .   ? -11.86663 -5.34667  5.32102   1.000 35.22472 ? 358 HOH A O   1 
HETATM 1319 O O   . HOH D 4 .   ? -12.69093 1.06073   -10.06421 1.000 18.01545 ? 359 HOH A O   1 
HETATM 1320 O O   . HOH D 4 .   ? -9.05987  -5.25203  6.71512   1.000 24.12614 ? 360 HOH A O   1 
HETATM 1321 O O   . HOH D 4 .   ? 1.07405   10.99843  -4.16870  1.000 14.09869 ? 361 HOH A O   1 
HETATM 1322 O O   . HOH D 4 .   ? -13.29388 -16.87496 4.43295   1.000 14.07510 ? 362 HOH A O   1 
HETATM 1323 O O   . HOH D 4 .   ? 4.31498   11.18848  14.45728  1.000 29.58778 ? 363 HOH A O   1 
HETATM 1324 O O   . HOH D 4 .   ? 4.41455   1.96005   5.92501   1.000 20.47230 ? 364 HOH A O   1 
HETATM 1325 O O   . HOH D 4 .   ? -14.35933 -15.84440 2.00520   1.000 23.28409 ? 365 HOH A O   1 
HETATM 1326 O O   . HOH D 4 .   ? 24.77854  4.25237   -2.27681  1.000 28.83898 ? 366 HOH A O   1 
HETATM 1327 O O   . HOH D 4 .   ? -14.46799 8.44048   1.45944   1.000 32.95193 ? 367 HOH A O   1 
HETATM 1328 O O   . HOH D 4 .   ? 17.04727  14.07317  -0.68591  1.000 26.63979 ? 368 HOH A O   1 
HETATM 1329 O O   . HOH D 4 .   ? -16.06117 -9.15784  -18.96277 1.000 30.44911 ? 369 HOH A O   1 
HETATM 1330 O O   . HOH D 4 .   ? 14.61812  2.11007   14.92714  1.000 28.40176 ? 370 HOH A O   1 
HETATM 1331 O O   . HOH D 4 .   ? -7.50372  -19.04388 6.19926   1.000 34.14971 ? 371 HOH A O   1 
HETATM 1332 O O   . HOH D 4 .   ? 15.06813  14.15422  1.51842   1.000 19.05572 ? 372 HOH A O   1 
HETATM 1333 O O   . HOH D 4 .   ? 19.38655  12.82332  2.65117   1.000 30.14608 ? 373 HOH A O   1 
HETATM 1334 O O   . HOH D 4 .   ? 11.87611  14.43684  8.42769   1.000 39.15429 ? 374 HOH A O   1 
HETATM 1335 O O   . HOH D 4 .   ? -3.00535  12.82875  -2.66645  1.000 22.68873 ? 375 HOH A O   1 
HETATM 1336 O O   . HOH D 4 .   ? 13.83964  9.51988   1.37850   1.000 19.49469 ? 376 HOH A O   1 
HETATM 1337 O O   . HOH D 4 .   ? -6.85471  -10.05531 -12.68370 1.000 23.66690 ? 377 HOH A O   1 
HETATM 1338 O O   . HOH D 4 .   ? -15.81742 8.15103   -1.53936  1.000 20.46245 ? 378 HOH A O   1 
HETATM 1339 O O   . HOH D 4 .   ? 6.58791   -1.22629  -12.88531 1.000 28.30859 ? 379 HOH A O   1 
HETATM 1340 O O   . HOH D 4 .   ? -9.09948  -17.89020 -5.66652  1.000 21.22765 ? 380 HOH A O   1 
HETATM 1341 O O   . HOH D 4 .   ? -1.91631  10.35280  15.74612  1.000 27.90272 ? 381 HOH A O   1 
HETATM 1342 O O   . HOH D 4 .   ? -3.77165  15.28791  9.44129   1.000 22.29170 ? 382 HOH A O   1 
HETATM 1343 O O   . HOH D 4 .   ? 8.62208   -5.13715  -9.14959  1.000 27.72812 ? 383 HOH A O   1 
HETATM 1344 O O   . HOH D 4 .   ? 1.02105   -8.19639  8.21792   1.000 22.11457 ? 384 HOH A O   1 
HETATM 1345 O O   . HOH D 4 .   ? -12.35575 -22.98953 -3.44703  1.000 34.39394 ? 385 HOH A O   1 
HETATM 1346 O O   . HOH D 4 .   ? 5.74653   13.69723  3.45717   1.000 20.04551 ? 386 HOH A O   1 
HETATM 1347 O O   . HOH D 4 .   ? -17.45572 -0.20914  -4.59437  1.000 27.91697 ? 387 HOH A O   1 
HETATM 1348 O O   . HOH D 4 .   ? 11.35016  4.87948   -11.82448 1.000 25.51165 ? 388 HOH A O   1 
HETATM 1349 O O   . HOH D 4 .   ? -13.55409 -0.96392  -12.12971 1.000 27.83076 ? 389 HOH A O   1 
HETATM 1350 O O   . HOH D 4 .   ? 0.31568   -9.30864  -11.95000 1.000 18.38692 ? 390 HOH A O   1 
HETATM 1351 O O   . HOH D 4 .   ? -15.97918 -2.39010  -10.67031 1.000 29.25306 ? 391 HOH A O   1 
HETATM 1352 O O   . HOH D 4 .   ? -13.83535 -7.02540  -10.47023 1.000 17.99868 ? 392 HOH A O   1 
HETATM 1353 O O   . HOH D 4 .   ? -19.28598 5.41304   -2.02267  1.000 36.36733 ? 393 HOH A O   1 
HETATM 1354 O O   . HOH D 4 .   ? 18.53525  13.48289  -3.70849  1.000 27.60778 ? 394 HOH A O   1 
HETATM 1355 O O   . HOH D 4 .   ? 16.44746  -7.03974  9.63255   1.000 20.97064 ? 395 HOH A O   1 
HETATM 1356 O O   . HOH D 4 .   ? -4.27038  0.10391   4.93237   1.000 16.51989 ? 396 HOH A O   1 
HETATM 1357 O O   . HOH D 4 .   ? -5.49834  -2.12591  13.12042  1.000 30.66189 ? 397 HOH A O   1 
HETATM 1358 O O   . HOH D 4 .   ? 8.89338   13.72127  4.90348   1.000 28.09995 ? 398 HOH A O   1 
HETATM 1359 O O   . HOH D 4 .   ? -0.83009  10.54880  -2.29727  1.000 19.43593 ? 399 HOH A O   1 
HETATM 1360 O O   . HOH D 4 .   ? 9.31189   13.06383  -2.80782  1.000 14.80288 ? 400 HOH A O   1 
HETATM 1361 O O   . HOH D 4 .   ? -10.36975 -6.60560  -18.98277 1.000 24.15657 ? 401 HOH A O   1 
HETATM 1362 O O   . HOH D 4 .   ? 6.81074   -10.67632 -7.83180  1.000 38.31399 ? 402 HOH A O   1 
HETATM 1363 O O   . HOH D 4 .   ? -2.06369  4.73242   -8.64896  1.000 29.37705 ? 403 HOH A O   1 
HETATM 1364 O O   . HOH D 4 .   ? 19.37919  1.34221   4.26185   1.000 31.37245 ? 404 HOH A O   1 
HETATM 1365 O O   . HOH D 4 .   ? 16.06019  0.65901   -9.66922  1.000 21.12716 ? 405 HOH A O   1 
HETATM 1366 O O   . HOH D 4 .   ? -12.03012 1.31964   -13.49070 1.000 29.86308 ? 406 HOH A O   1 
HETATM 1367 O O   . HOH D 4 .   ? -1.84695  4.90741   -1.12993  1.000 15.76143 ? 407 HOH A O   1 
HETATM 1368 O O   . HOH D 4 .   ? 19.35634  10.33952  -12.64573 1.000 27.12408 ? 408 HOH A O   1 
HETATM 1369 O O   . HOH D 4 .   ? 4.51828   8.25085   -9.32157  1.000 13.62749 ? 409 HOH A O   1 
HETATM 1370 O O   . HOH D 4 .   ? 17.68863  1.91323   12.01739  1.000 38.75309 ? 410 HOH A O   1 
HETATM 1371 O O   . HOH D 4 .   ? 16.05525  9.19163   -13.50986 1.000 31.90340 ? 411 HOH A O   1 
HETATM 1372 O O   . HOH D 4 .   ? 18.03992  2.84557   6.98764   1.000 29.18003 ? 412 HOH A O   1 
HETATM 1373 O O   . HOH D 4 .   ? -5.66178  15.50439  0.44134   1.000 29.48790 ? 413 HOH A O   1 
HETATM 1374 O O   . HOH D 4 .   ? -7.19085  -4.43919  5.29078   1.000 19.69719 ? 414 HOH A O   1 
HETATM 1375 O O   . HOH D 4 .   ? -7.63454  2.19883   14.82920  1.000 26.55252 ? 415 HOH A O   1 
HETATM 1376 O O   . HOH D 4 .   ? 0.08977   -13.34540 -8.19813  1.000 31.29362 ? 416 HOH A O   1 
HETATM 1377 O O   . HOH D 4 .   ? 21.39692  8.83182   -8.27943  1.000 18.90751 ? 417 HOH A O   1 
HETATM 1378 O O   . HOH D 4 .   ? -2.20588  1.42273   2.72837   1.000 17.01495 ? 418 HOH A O   1 
HETATM 1379 O O   . HOH D 4 .   ? 14.46982  16.47305  -5.76904  1.000 28.41623 ? 419 HOH A O   1 
HETATM 1380 O O   . HOH D 4 .   ? 21.87783  2.32062   2.02762   1.000 28.63622 ? 420 HOH A O   1 
HETATM 1381 O O   . HOH D 4 .   ? 4.33772   -11.10388 -0.53230  1.000 24.97809 ? 421 HOH A O   1 
HETATM 1382 O O   . HOH D 4 .   ? 8.12521   10.21079  4.02965   1.000 23.74925 ? 422 HOH A O   1 
HETATM 1383 O O   . HOH D 4 .   ? 6.75346   14.02677  12.26116  1.000 29.23390 ? 423 HOH A O   1 
HETATM 1384 O O   . HOH D 4 .   ? -9.30311  13.64667  -1.01103  1.000 22.51096 ? 424 HOH A O   1 
HETATM 1385 O O   . HOH D 4 .   ? 15.42234  2.94717   10.58443  1.000 30.39715 ? 425 HOH A O   1 
HETATM 1386 O O   . HOH D 4 .   ? 14.37070  13.64831  -9.57371  1.000 24.92792 ? 426 HOH A O   1 
HETATM 1387 O O   . HOH D 4 .   ? 6.50949   -8.34469  15.08208  1.000 32.84896 ? 427 HOH A O   1 
HETATM 1388 O O   . HOH D 4 .   ? 4.30378   1.41774   -14.81778 1.000 26.60785 ? 428 HOH A O   1 
HETATM 1389 O O   . HOH D 4 .   ? -3.35508  6.94016   17.64601  1.000 36.05693 ? 429 HOH A O   1 
HETATM 1390 O O   . HOH D 4 .   ? 2.31746   -13.66951 0.78369   1.000 37.51313 ? 430 HOH A O   1 
HETATM 1391 O O   . HOH D 4 .   ? -16.73210 -6.15653  -7.86588  1.000 17.65149 ? 431 HOH A O   1 
HETATM 1392 O O   . HOH D 4 .   ? 11.78702  8.92898   -11.19245 1.000 22.13931 ? 432 HOH A O   1 
HETATM 1393 O O   . HOH D 4 .   ? 9.12096   -2.61070  -10.41582 1.000 36.53195 ? 433 HOH A O   1 
HETATM 1394 O O   . HOH D 4 .   ? 19.93073  11.07704  -8.29675  1.000 27.16819 ? 434 HOH A O   1 
HETATM 1395 O O   . HOH D 4 .   ? -20.42366 9.62752   -3.23358  1.000 36.05681 ? 435 HOH A O   1 
HETATM 1396 O O   . HOH D 4 .   ? 4.63434   -3.32533  -12.48885 1.000 20.07091 ? 436 HOH A O   1 
HETATM 1397 O O   . HOH D 4 .   ? 1.06893   -12.95233 -5.55532  1.000 35.62493 ? 437 HOH A O   1 
HETATM 1398 O O   . HOH D 4 .   ? 6.78495   15.43833  7.87062   1.000 32.90926 ? 438 HOH A O   1 
HETATM 1399 O O   . HOH D 4 .   ? 17.45334  0.49394   5.71671   1.000 28.00552 ? 439 HOH A O   1 
HETATM 1400 O O   . HOH D 4 .   ? 0.98859   3.27583   0.92185   1.000 35.77240 ? 440 HOH A O   1 
HETATM 1401 O O   . HOH D 4 .   ? 15.51867  15.00727  -2.60134  1.000 33.74133 ? 441 HOH A O   1 
HETATM 1402 O O   . HOH D 4 .   ? 17.36679  -1.06423  -11.37209 1.000 23.81224 ? 442 HOH A O   1 
HETATM 1403 O O   . HOH D 4 .   ? 19.91422  12.18653  -10.76755 1.000 29.07696 ? 443 HOH A O   1 
HETATM 1404 O O   . HOH D 4 .   ? -3.65442  -3.03072  15.06700  1.000 22.59785 ? 444 HOH A O   1 
HETATM 1405 O O   . HOH D 4 .   ? 9.02803   5.44860   -13.65854 1.000 25.96008 ? 445 HOH A O   1 
HETATM 1406 O O   . HOH D 4 .   ? 7.65957   3.03463   -13.12781 1.000 25.71732 ? 446 HOH A O   1 
HETATM 1407 O O   . HOH D 4 .   ? 12.72715  -3.74283  -7.01550  1.000 28.92611 ? 447 HOH A O   1 
HETATM 1408 O O   . HOH D 4 .   ? 18.24374  10.69074  -14.92251 1.000 27.10856 ? 448 HOH A O   1 
HETATM 1409 O O   . HOH D 4 .   ? 24.47851  0.46387   -10.85498 1.000 33.43268 ? 449 HOH A O   1 
HETATM 1410 O O   . HOH D 4 .   ? 1.34347   8.76744   -5.81481  1.000 16.36662 ? 450 HOH A O   1 
HETATM 1411 O O   . HOH D 4 .   ? -10.99493 11.70634  -0.90616  1.000 20.78890 ? 451 HOH A O   1 
HETATM 1412 O O   . HOH D 4 .   ? 11.64090  18.26644  2.69678   1.000 36.89863 ? 452 HOH A O   1 
HETATM 1413 O O   . HOH D 4 .   ? -16.51752 10.30189  -5.58297  1.000 33.87699 ? 453 HOH A O   1 
HETATM 1414 O O   . HOH D 4 .   ? -6.45669  11.49798  13.11689  1.000 33.13451 ? 454 HOH A O   1 
HETATM 1415 O O   . HOH D 4 .   ? 19.11743  9.20623   4.83343   1.000 27.44349 ? 455 HOH A O   1 
HETATM 1416 O O   . HOH D 4 .   ? 22.64984  0.37626   -1.51421  1.000 37.31231 ? 456 HOH A O   1 
HETATM 1417 O O   . HOH D 4 .   ? 3.22846   -9.78577  -10.54959 1.000 35.66895 ? 457 HOH A O   1 
HETATM 1418 O O   . HOH D 4 .   ? -8.61194  -20.94653 6.57627   1.000 42.16175 ? 458 HOH A O   1 
HETATM 1419 O O   . HOH D 4 .   ? -7.45827  -12.57040 5.65208   1.000 34.41734 ? 459 HOH A O   1 
HETATM 1420 O O   . HOH D 4 .   ? 19.18985  15.52399  -0.37926  1.000 41.85997 ? 460 HOH A O   1 
HETATM 1421 O O   . HOH D 4 .   ? 24.39798  9.19298   -4.76533  1.000 36.52944 ? 461 HOH A O   1 
HETATM 1422 O O   . HOH D 4 .   ? -16.60220 -12.36362 -16.82010 1.000 34.75831 ? 462 HOH A O   1 
HETATM 1423 O O   . HOH D 4 .   ? -12.01994 -0.63667  -15.65575 0.50  30.82590 ? 463 HOH A O   1 
HETATM 1424 O O   . HOH D 4 .   ? -18.22661 -17.04909 -4.91940  1.000 37.44169 ? 464 HOH A O   1 
HETATM 1425 O O   . HOH D 4 .   ? 16.26849  4.21143   8.83120   1.000 27.08146 ? 465 HOH A O   1 
HETATM 1426 O O   . HOH D 4 .   ? -0.62725  0.10963   18.08081  1.000 37.14880 ? 466 HOH A O   1 
HETATM 1427 O O   . HOH D 4 .   ? -9.50651  -11.49269 6.31653   1.000 34.92677 ? 467 HOH A O   1 
HETATM 1428 O O   . HOH D 4 .   ? 15.76545  11.32876  1.92628   1.000 23.34993 ? 468 HOH A O   1 
HETATM 1429 O O   . HOH D 4 .   ? -1.33407  3.00871   0.56923   1.000 21.24596 ? 469 HOH A O   1 
HETATM 1430 O O   . HOH D 4 .   ? -11.33689 -19.30297 -6.15529  1.000 28.99579 ? 470 HOH A O   1 
HETATM 1431 O O   . HOH D 4 .   ? -13.17546 11.96464  0.93699   1.000 31.83591 ? 471 HOH A O   1 
HETATM 1432 O O   . HOH D 4 .   ? -5.92276  -19.36250 -2.28301  1.000 33.06737 ? 472 HOH A O   1 
HETATM 1433 O O   A HOH D 4 .   ? -6.69647  -19.34948 -5.12095  0.480 21.87540 ? 473 HOH A O   1 
HETATM 1434 O O   B HOH D 4 .   ? -5.32806  -19.36632 -6.29977  0.520 20.01596 ? 473 HOH A O   1 
HETATM 1435 O O   . HOH D 4 .   ? -14.76274 -13.34888 -20.92986 1.000 33.45261 ? 474 HOH A O   1 
HETATM 1436 O O   . HOH D 4 .   ? -15.22239 10.34400  -2.84360  1.000 24.30198 ? 475 HOH A O   1 
HETATM 1437 O O   . HOH D 4 .   ? 25.64178  6.84471   -3.54170  1.000 31.08939 ? 476 HOH A O   1 
HETATM 1438 O O   . HOH D 4 .   ? 20.45048  -0.00772  -0.81896  1.000 31.83734 ? 477 HOH A O   1 
HETATM 1439 O O   . HOH D 4 .   ? 16.03254  5.40027   -11.21264 1.000 23.75766 ? 478 HOH A O   1 
HETATM 1440 O O   . HOH D 4 .   ? 7.04703   1.59859   -15.37134 1.000 25.47284 ? 479 HOH A O   1 
HETATM 1441 O O   . HOH D 4 .   ? -12.60678 11.49875  -3.21860  1.000 19.38367 ? 480 HOH A O   1 
HETATM 1442 O O   . HOH D 4 .   ? -18.58895 -12.94687 -3.63248  1.000 33.70766 ? 481 HOH A O   1 
HETATM 1443 O O   . HOH D 4 .   ? -11.16103 10.73278  19.37553  1.000 32.76618 ? 482 HOH A O   1 
HETATM 1444 O O   . HOH D 4 .   ? -16.66207 -7.69770  -10.06544 1.000 25.01375 ? 483 HOH A O   1 
HETATM 1445 O O   . HOH D 4 .   ? 13.24551  6.83677   -11.90082 1.000 30.52356 ? 484 HOH A O   1 
HETATM 1446 O O   . HOH D 4 .   ? -18.29636 7.72053   -0.73955  1.000 33.16071 ? 485 HOH A O   1 
HETATM 1447 O O   . HOH D 4 .   ? -3.12877  -2.31428  17.74230  1.000 40.77548 ? 486 HOH A O   1 
HETATM 1448 O O   . HOH D 4 .   ? -18.96644 -20.76785 2.89788   1.000 26.45019 ? 487 HOH A O   1 
HETATM 1449 O O   . HOH D 4 .   ? 20.62515  0.07102   1.79726   1.000 30.97479 ? 488 HOH A O   1 
HETATM 1450 O O   . HOH D 4 .   ? 11.46597  15.60495  5.27695   1.000 42.38479 ? 489 HOH A O   1 
HETATM 1451 O O   . HOH D 4 .   ? -2.38480  17.74164  2.71606   1.000 33.78269 ? 490 HOH A O   1 
HETATM 1452 O O   . HOH D 4 .   ? -8.40264  -4.44103  -19.02201 1.000 28.71938 ? 491 HOH A O   1 
HETATM 1453 O O   . HOH D 4 .   ? -16.21532 -2.81803  1.65878   1.000 30.45412 ? 492 HOH A O   1 
HETATM 1454 O O   . HOH D 4 .   ? 17.59024  6.03007   9.96766   1.000 35.22988 ? 493 HOH A O   1 
HETATM 1455 O O   . HOH D 4 .   ? 9.12596   -10.02758 -2.32651  1.000 44.36695 ? 494 HOH A O   1 
HETATM 1456 O O   . HOH D 4 .   ? -10.51076 -14.17245 6.86055   1.000 21.60109 ? 495 HOH A O   1 
HETATM 1457 O O   . HOH D 4 .   ? 7.68809   -0.95886  -15.25516 1.000 32.60974 ? 496 HOH A O   1 
HETATM 1458 O O   . HOH D 4 .   ? -9.98949  16.14841  -0.52855  1.000 34.96295 ? 497 HOH A O   1 
HETATM 1459 O O   . HOH D 4 .   ? -12.97742 13.63022  -7.20858  1.000 33.57344 ? 498 HOH A O   1 
HETATM 1460 O O   . HOH D 4 .   ? 15.14616  -5.24552  -0.62414  1.000 42.70908 ? 499 HOH A O   1 
HETATM 1461 O O   . HOH D 4 .   ? 12.83367  -7.27260  0.98478   0.50  41.40450 ? 500 HOH A O   1 
HETATM 1462 O O   . HOH D 4 .   ? 14.57736  -4.98914  5.18768   1.000 42.82349 ? 501 HOH A O   1 
# 
